data_6AEE
#
_entry.id   6AEE
#
_cell.length_a   69.683
_cell.length_b   154.681
_cell.length_c   98.198
_cell.angle_alpha   90.00
_cell.angle_beta   102.24
_cell.angle_gamma   90.00
#
_symmetry.space_group_name_H-M   'P 1 21 1'
#
loop_
_entity.id
_entity.type
_entity.pdbx_description
1 polymer 'HLA class I histocompatibility antigen, alpha chain G'
2 polymer Beta-2-microglobulin
3 polymer '9 Mer Peptide (RL9) From Histone H2A.x'
4 polymer 'Leukocyte immunoglobulin-like receptor subfamily B member 1'
#
loop_
_entity_poly.entity_id
_entity_poly.type
_entity_poly.pdbx_seq_one_letter_code
_entity_poly.pdbx_strand_id
1 'polypeptide(L)'
;MGSHSMRYFSAAVSRPGRGEPRFIAMGYVDDTQFVRFDSDSASPRMEPRAPWVEQEGPEYWEEETRNTKAHAQTDRMNLQ
TLRGYYNQSEASSHTLQWMIGCDLGSDGRLIRGYERYAYDGKDYLALNEDLRSWTAADTAAQISKRKCEAANVAEQRRAY
LEGTCVEWLHRYLENGKEMLQRADPPKTHVTHHPVFDYEATLRCWALGFYPAEIILTWQRDGEDQTQDVELVETRPAGDG
TFQKWAAVVVPSGEEQRYTCHVQHEGLPEPLMLRWKQ
;
A,D
2 'polypeptide(L)'
;MIQRTPKIQVYSRHPAENGKSNFLNCYVSGFHPSDIEVDLLKNGERIEKVEHSDLSFSKDWSFYLLYYTEFTPTEKDEYA
CRVNHVTLSQPKIVKWDRDM
;
B,E
3 'polypeptide(L)' RIIPRHLQL C,F
4 'polypeptide(L)'
;HLPKPTLWAEPGSVITQGSPVTLRCQGGQETQEYRLYREKKTAPWITRIPQELVKKGQFPIPSITWEHAGRYRCYYGSDT
AGRSESSDPLELVVTGAYIKPTLSAQPSPVVNSGGNVTLQCDSQVAFDGFILCKEGEDEHPQCLNSQPHARGSSRAIFSV
GPVSPSRRWWYRCYAYDSNSPYEWSLPSDLLELLVLGVSKKPSLSVQPGPIVAPEETLTLQCGSDAGYNRFVLYKDGERD
FLQLAGAQPQAGLSQANFTLGPVSRSYGGQYRCYGAHNLSSEWSAPSDPLDILIAGQFYDRVSLSVQPGPTVASGENVTL
LCQSQGWMQTFLLTKEGAADDPWRLRSTYQSQKYQAEFPMGPVTSAHAGTYRCYGSQSSKPYLLTHPSDPLELHHHHHH
;
G,H
#
# COMPACT_ATOMS: atom_id res chain seq x y z
N SER A 3 -33.68 36.66 -4.15
CA SER A 3 -32.34 36.79 -4.72
C SER A 3 -31.93 35.51 -5.44
N HIS A 4 -31.54 35.65 -6.71
CA HIS A 4 -31.16 34.51 -7.51
C HIS A 4 -29.81 34.73 -8.19
N SER A 5 -29.42 33.81 -9.06
CA SER A 5 -28.14 33.88 -9.76
C SER A 5 -28.13 32.79 -10.84
N MET A 6 -27.16 32.88 -11.74
CA MET A 6 -26.91 31.84 -12.73
C MET A 6 -25.41 31.72 -12.94
N ARG A 7 -24.90 30.50 -12.93
CA ARG A 7 -23.47 30.26 -13.02
C ARG A 7 -23.17 29.19 -14.05
N TYR A 8 -21.95 29.25 -14.59
CA TYR A 8 -21.43 28.22 -15.49
C TYR A 8 -20.02 27.87 -15.04
N PHE A 9 -19.76 26.58 -14.88
CA PHE A 9 -18.48 26.08 -14.41
C PHE A 9 -17.84 25.23 -15.50
N SER A 10 -16.51 25.11 -15.43
CA SER A 10 -15.79 24.23 -16.34
C SER A 10 -14.53 23.73 -15.66
N ALA A 11 -14.06 22.57 -16.10
CA ALA A 11 -12.85 21.98 -15.57
C ALA A 11 -12.15 21.19 -16.66
N ALA A 12 -10.87 21.48 -16.88
CA ALA A 12 -10.06 20.79 -17.86
C ALA A 12 -8.92 20.07 -17.15
N VAL A 13 -8.91 18.73 -17.23
CA VAL A 13 -7.93 17.91 -16.55
C VAL A 13 -7.11 17.17 -17.61
N SER A 14 -5.79 17.35 -17.58
CA SER A 14 -4.89 16.69 -18.49
C SER A 14 -4.49 15.32 -17.95
N ARG A 15 -4.39 14.34 -18.85
CA ARG A 15 -3.97 12.99 -18.50
C ARG A 15 -2.93 12.55 -19.51
N PRO A 16 -1.65 12.75 -19.20
CA PRO A 16 -0.58 12.40 -20.16
C PRO A 16 -0.47 10.90 -20.35
N GLY A 17 -0.26 10.49 -21.59
CA GLY A 17 -0.24 9.07 -21.92
C GLY A 17 -1.59 8.39 -21.90
N ARG A 18 -2.66 9.10 -21.54
CA ARG A 18 -4.00 8.52 -21.44
C ARG A 18 -4.99 9.23 -22.37
N GLY A 19 -4.51 10.10 -23.24
CA GLY A 19 -5.34 10.71 -24.27
C GLY A 19 -5.43 12.21 -24.10
N GLU A 20 -6.40 12.78 -24.81
CA GLU A 20 -6.60 14.23 -24.80
C GLU A 20 -7.19 14.67 -23.46
N PRO A 21 -6.84 15.86 -22.99
CA PRO A 21 -7.41 16.36 -21.72
C PRO A 21 -8.93 16.39 -21.74
N ARG A 22 -9.51 16.09 -20.58
CA ARG A 22 -10.96 16.04 -20.42
C ARG A 22 -11.51 17.41 -20.06
N PHE A 23 -12.62 17.78 -20.70
CA PHE A 23 -13.31 19.04 -20.44
C PHE A 23 -14.75 18.77 -20.03
N ILE A 24 -15.16 19.32 -18.90
CA ILE A 24 -16.53 19.22 -18.41
C ILE A 24 -17.06 20.63 -18.16
N ALA A 25 -18.33 20.86 -18.50
CA ALA A 25 -18.97 22.15 -18.32
C ALA A 25 -20.38 21.97 -17.80
N MET A 26 -20.80 22.84 -16.88
CA MET A 26 -22.11 22.72 -16.26
C MET A 26 -22.73 24.08 -16.02
N GLY A 27 -24.05 24.08 -15.89
CA GLY A 27 -24.79 25.29 -15.57
C GLY A 27 -25.79 25.06 -14.45
N TYR A 28 -25.96 26.07 -13.59
CA TYR A 28 -26.84 25.97 -12.43
C TYR A 28 -27.71 27.21 -12.35
N VAL A 29 -28.95 27.07 -11.85
CA VAL A 29 -29.65 28.21 -11.24
C VAL A 29 -29.88 27.86 -9.77
N ASP A 30 -28.94 28.29 -8.95
CA ASP A 30 -28.77 28.70 -7.55
C ASP A 30 -28.79 27.57 -6.53
N ASP A 31 -29.08 26.32 -6.90
CA ASP A 31 -28.31 25.10 -6.76
C ASP A 31 -28.29 24.25 -8.02
N THR A 32 -29.16 24.54 -8.99
CA THR A 32 -29.83 23.52 -9.80
C THR A 32 -29.14 23.32 -11.14
N GLN A 33 -28.42 22.21 -11.27
CA GLN A 33 -27.81 21.87 -12.55
C GLN A 33 -28.89 21.63 -13.60
N PHE A 34 -28.82 22.38 -14.70
CA PHE A 34 -29.74 22.23 -15.81
C PHE A 34 -29.06 21.91 -17.13
N VAL A 35 -27.73 21.89 -17.17
CA VAL A 35 -26.97 21.70 -18.40
C VAL A 35 -25.65 21.04 -18.04
N ARG A 36 -25.25 20.05 -18.85
CA ARG A 36 -24.05 19.28 -18.59
C ARG A 36 -23.35 18.95 -19.90
N PHE A 37 -22.02 19.10 -19.91
CA PHE A 37 -21.21 18.73 -21.06
C PHE A 37 -20.02 17.92 -20.56
N ASP A 38 -19.78 16.77 -21.18
CA ASP A 38 -18.66 15.91 -20.84
C ASP A 38 -17.92 15.54 -22.12
N SER A 39 -16.59 15.69 -22.11
CA SER A 39 -15.79 15.35 -23.27
C SER A 39 -15.59 13.85 -23.42
N ASP A 40 -15.70 13.09 -22.33
CA ASP A 40 -15.55 11.63 -22.37
C ASP A 40 -16.85 10.91 -22.70
N SER A 41 -17.94 11.64 -22.94
CA SER A 41 -19.17 11.00 -23.36
C SER A 41 -19.04 10.45 -24.77
N ALA A 42 -20.04 9.65 -25.17
CA ALA A 42 -20.02 9.07 -26.51
C ALA A 42 -20.08 10.14 -27.57
N SER A 43 -21.13 10.96 -27.55
CA SER A 43 -21.25 12.11 -28.44
C SER A 43 -21.34 13.37 -27.57
N PRO A 44 -20.24 14.12 -27.42
CA PRO A 44 -20.26 15.30 -26.55
C PRO A 44 -21.27 16.33 -27.01
N ARG A 45 -22.27 16.58 -26.17
CA ARG A 45 -23.30 17.58 -26.45
C ARG A 45 -23.71 18.25 -25.15
N MET A 46 -24.33 19.42 -25.29
CA MET A 46 -24.86 20.17 -24.16
C MET A 46 -26.18 19.54 -23.76
N GLU A 47 -26.12 18.57 -22.83
CA GLU A 47 -27.31 17.79 -22.52
C GLU A 47 -28.07 18.40 -21.34
N PRO A 48 -29.39 18.32 -21.37
CA PRO A 48 -30.20 18.94 -20.32
C PRO A 48 -30.12 18.17 -19.01
N ARG A 49 -30.37 18.90 -17.91
CA ARG A 49 -30.38 18.33 -16.58
C ARG A 49 -31.54 18.83 -15.74
N ALA A 50 -32.51 19.52 -16.33
CA ALA A 50 -33.68 20.03 -15.62
C ALA A 50 -34.85 20.05 -16.58
N PRO A 51 -36.08 19.89 -16.07
CA PRO A 51 -37.23 19.85 -16.98
C PRO A 51 -37.52 21.17 -17.66
N TRP A 52 -37.35 22.29 -16.96
CA TRP A 52 -37.70 23.60 -17.51
C TRP A 52 -36.74 24.09 -18.57
N VAL A 53 -35.76 23.29 -18.98
CA VAL A 53 -34.86 23.69 -20.06
C VAL A 53 -35.02 22.83 -21.32
N GLU A 54 -35.65 21.65 -21.21
CA GLU A 54 -35.85 20.81 -22.39
C GLU A 54 -36.81 21.44 -23.39
N GLN A 55 -37.63 22.40 -22.96
CA GLN A 55 -38.56 23.07 -23.86
C GLN A 55 -37.89 24.01 -24.86
N GLU A 56 -36.56 24.13 -24.81
CA GLU A 56 -35.86 24.96 -25.78
C GLU A 56 -35.67 24.20 -27.09
N GLY A 57 -35.69 24.93 -28.19
CA GLY A 57 -35.63 24.34 -29.50
C GLY A 57 -34.28 23.71 -29.80
N PRO A 58 -34.18 23.05 -30.95
CA PRO A 58 -32.90 22.40 -31.29
C PRO A 58 -31.80 23.38 -31.65
N GLU A 59 -32.15 24.59 -32.12
CA GLU A 59 -31.12 25.59 -32.39
C GLU A 59 -30.40 25.98 -31.11
N TYR A 60 -31.11 26.02 -29.99
CA TYR A 60 -30.50 26.29 -28.70
C TYR A 60 -29.39 25.29 -28.40
N TRP A 61 -29.73 24.00 -28.39
CA TRP A 61 -28.74 22.97 -28.10
C TRP A 61 -27.62 22.93 -29.14
N GLU A 62 -27.93 23.29 -30.39
CA GLU A 62 -26.92 23.28 -31.43
C GLU A 62 -25.86 24.34 -31.17
N GLU A 63 -26.28 25.56 -30.84
CA GLU A 63 -25.31 26.63 -30.55
C GLU A 63 -24.62 26.38 -29.21
N GLU A 64 -25.35 25.83 -28.24
CA GLU A 64 -24.73 25.51 -26.96
C GLU A 64 -23.60 24.49 -27.12
N THR A 65 -23.86 23.42 -27.88
CA THR A 65 -22.83 22.41 -28.09
C THR A 65 -21.65 22.99 -28.88
N ARG A 66 -21.94 23.82 -29.89
CA ARG A 66 -20.87 24.44 -30.67
C ARG A 66 -19.95 25.27 -29.79
N ASN A 67 -20.52 26.19 -29.01
CA ASN A 67 -19.70 27.05 -28.16
C ASN A 67 -18.96 26.25 -27.10
N THR A 68 -19.60 25.21 -26.55
CA THR A 68 -18.96 24.40 -25.52
C THR A 68 -17.76 23.65 -26.07
N LYS A 69 -17.87 23.15 -27.31
CA LYS A 69 -16.73 22.50 -27.95
C LYS A 69 -15.59 23.49 -28.15
N ALA A 70 -15.91 24.73 -28.54
CA ALA A 70 -14.90 25.77 -28.66
C ALA A 70 -14.22 26.04 -27.31
N HIS A 71 -15.02 26.02 -26.23
CA HIS A 71 -14.45 26.18 -24.91
C HIS A 71 -13.50 25.04 -24.57
N ALA A 72 -13.85 23.82 -24.97
CA ALA A 72 -13.01 22.66 -24.67
C ALA A 72 -11.65 22.78 -25.35
N GLN A 73 -11.63 23.03 -26.66
CA GLN A 73 -10.37 23.16 -27.37
C GLN A 73 -9.57 24.35 -26.87
N THR A 74 -10.24 25.46 -26.56
CA THR A 74 -9.54 26.64 -26.06
C THR A 74 -8.91 26.37 -24.70
N ASP A 75 -9.60 25.63 -23.83
CA ASP A 75 -9.05 25.33 -22.52
C ASP A 75 -7.92 24.30 -22.61
N ARG A 76 -7.96 23.41 -23.61
CA ARG A 76 -6.85 22.49 -23.82
C ARG A 76 -5.60 23.24 -24.25
N MET A 77 -5.76 24.20 -25.18
CA MET A 77 -4.63 25.06 -25.52
C MET A 77 -4.18 25.90 -24.33
N ASN A 78 -5.11 26.22 -23.42
CA ASN A 78 -4.73 26.94 -22.21
C ASN A 78 -3.90 26.05 -21.28
N LEU A 79 -4.25 24.77 -21.16
CA LEU A 79 -3.44 23.84 -20.39
C LEU A 79 -2.00 23.80 -20.91
N GLN A 80 -1.86 23.71 -22.23
CA GLN A 80 -0.53 23.72 -22.83
C GLN A 80 0.18 25.05 -22.60
N THR A 81 -0.56 26.16 -22.69
CA THR A 81 0.05 27.47 -22.52
C THR A 81 0.53 27.68 -21.08
N LEU A 82 -0.35 27.43 -20.11
CA LEU A 82 0.04 27.61 -18.71
C LEU A 82 1.17 26.65 -18.33
N ARG A 83 1.19 25.45 -18.91
CA ARG A 83 2.34 24.57 -18.73
C ARG A 83 3.62 25.22 -19.23
N GLY A 84 3.52 26.04 -20.27
CA GLY A 84 4.68 26.79 -20.73
C GLY A 84 5.05 27.93 -19.80
N TYR A 85 4.05 28.58 -19.19
CA TYR A 85 4.32 29.65 -18.25
C TYR A 85 5.10 29.14 -17.04
N TYR A 86 4.71 27.98 -16.51
CA TYR A 86 5.25 27.47 -15.26
C TYR A 86 6.41 26.50 -15.44
N ASN A 87 6.84 26.27 -16.68
CA ASN A 87 8.02 25.43 -16.96
C ASN A 87 7.84 24.03 -16.38
N GLN A 88 6.68 23.45 -16.62
CA GLN A 88 6.31 22.17 -16.04
C GLN A 88 6.53 21.03 -17.03
N SER A 89 6.69 19.83 -16.48
CA SER A 89 6.92 18.63 -17.29
C SER A 89 5.69 18.30 -18.12
N GLU A 90 5.92 17.56 -19.20
CA GLU A 90 4.85 17.10 -20.07
C GLU A 90 4.18 15.84 -19.57
N ALA A 91 4.66 15.26 -18.47
CA ALA A 91 4.10 14.04 -17.91
C ALA A 91 3.26 14.27 -16.66
N SER A 92 3.08 15.53 -16.26
CA SER A 92 2.33 15.86 -15.04
C SER A 92 0.89 16.21 -15.39
N SER A 93 -0.04 15.73 -14.57
CA SER A 93 -1.46 16.03 -14.76
C SER A 93 -1.80 17.33 -14.06
N HIS A 94 -2.56 18.19 -14.75
CA HIS A 94 -2.92 19.49 -14.22
C HIS A 94 -4.40 19.76 -14.45
N THR A 95 -4.95 20.64 -13.64
CA THR A 95 -6.38 20.95 -13.64
C THR A 95 -6.58 22.45 -13.83
N LEU A 96 -7.48 22.81 -14.74
CA LEU A 96 -7.81 24.20 -15.02
C LEU A 96 -9.31 24.39 -14.85
N GLN A 97 -9.69 25.23 -13.90
CA GLN A 97 -11.07 25.44 -13.53
C GLN A 97 -11.52 26.85 -13.90
N TRP A 98 -12.81 27.00 -14.19
CA TRP A 98 -13.38 28.25 -14.67
C TRP A 98 -14.74 28.46 -14.04
N MET A 99 -15.06 29.71 -13.73
CA MET A 99 -16.32 30.04 -13.05
C MET A 99 -16.79 31.40 -13.53
N ILE A 100 -17.95 31.42 -14.19
CA ILE A 100 -18.61 32.65 -14.60
C ILE A 100 -20.02 32.64 -14.02
N GLY A 101 -20.57 33.83 -13.80
CA GLY A 101 -21.91 33.90 -13.24
C GLY A 101 -22.30 35.34 -12.96
N CYS A 102 -23.61 35.51 -12.75
CA CYS A 102 -24.20 36.81 -12.44
C CYS A 102 -25.22 36.62 -11.33
N ASP A 103 -25.23 37.56 -10.37
CA ASP A 103 -26.14 37.51 -9.24
C ASP A 103 -27.23 38.57 -9.41
N LEU A 104 -28.47 38.15 -9.22
CA LEU A 104 -29.63 39.04 -9.30
C LEU A 104 -30.17 39.28 -7.89
N GLY A 105 -30.32 40.56 -7.53
CA GLY A 105 -30.81 40.93 -6.22
C GLY A 105 -32.29 40.67 -6.05
N SER A 106 -32.88 41.27 -5.00
CA SER A 106 -34.31 41.07 -4.74
C SER A 106 -35.17 41.70 -5.82
N ASP A 107 -34.74 42.85 -6.35
CA ASP A 107 -35.54 43.53 -7.37
C ASP A 107 -35.50 42.77 -8.70
N GLY A 108 -34.33 42.29 -9.10
CA GLY A 108 -34.21 41.56 -10.34
C GLY A 108 -33.17 42.15 -11.27
N ARG A 109 -32.41 43.12 -10.79
CA ARG A 109 -31.36 43.77 -11.56
C ARG A 109 -30.00 43.32 -11.05
N LEU A 110 -29.02 43.32 -11.95
CA LEU A 110 -27.69 42.80 -11.63
C LEU A 110 -27.06 43.61 -10.50
N ILE A 111 -26.48 42.88 -9.54
CA ILE A 111 -25.74 43.53 -8.46
C ILE A 111 -24.28 43.09 -8.48
N ARG A 112 -24.02 41.91 -9.05
CA ARG A 112 -22.67 41.37 -9.08
C ARG A 112 -22.51 40.42 -10.27
N GLY A 113 -21.34 40.45 -10.88
CA GLY A 113 -20.99 39.50 -11.92
C GLY A 113 -19.50 39.26 -11.89
N TYR A 114 -19.09 38.09 -12.38
CA TYR A 114 -17.70 37.70 -12.21
C TYR A 114 -17.33 36.61 -13.20
N GLU A 115 -16.03 36.54 -13.50
CA GLU A 115 -15.43 35.42 -14.19
C GLU A 115 -14.09 35.13 -13.53
N ARG A 116 -13.83 33.85 -13.23
CA ARG A 116 -12.63 33.47 -12.50
C ARG A 116 -12.00 32.25 -13.13
N TYR A 117 -10.68 32.17 -13.01
CA TYR A 117 -9.88 31.05 -13.51
C TYR A 117 -8.94 30.57 -12.43
N ALA A 118 -8.86 29.26 -12.26
CA ALA A 118 -7.96 28.64 -11.30
C ALA A 118 -7.11 27.59 -12.00
N TYR A 119 -5.89 27.42 -11.50
CA TYR A 119 -4.95 26.44 -12.03
C TYR A 119 -4.40 25.62 -10.88
N ASP A 120 -4.68 24.32 -10.90
CA ASP A 120 -4.23 23.39 -9.86
C ASP A 120 -4.76 23.80 -8.49
N GLY A 121 -6.07 24.04 -8.41
CA GLY A 121 -6.70 24.36 -7.15
C GLY A 121 -6.30 25.69 -6.54
N LYS A 122 -5.73 26.60 -7.34
CA LYS A 122 -5.25 27.88 -6.85
C LYS A 122 -5.74 28.98 -7.78
N ASP A 123 -6.20 30.09 -7.19
CA ASP A 123 -6.68 31.21 -7.98
C ASP A 123 -5.61 31.66 -8.97
N TYR A 124 -5.99 31.81 -10.23
CA TYR A 124 -5.06 32.24 -11.27
C TYR A 124 -5.37 33.62 -11.84
N LEU A 125 -6.61 33.83 -12.29
CA LEU A 125 -6.98 35.08 -12.94
C LEU A 125 -8.44 35.39 -12.63
N ALA A 126 -8.70 36.57 -12.09
CA ALA A 126 -10.04 36.97 -11.72
C ALA A 126 -10.44 38.27 -12.42
N LEU A 127 -11.73 38.41 -12.67
CA LEU A 127 -12.31 39.64 -13.22
C LEU A 127 -12.90 40.44 -12.07
N ASN A 128 -12.43 41.68 -11.91
CA ASN A 128 -12.84 42.51 -10.79
C ASN A 128 -14.32 42.86 -10.87
N GLU A 129 -14.84 43.42 -9.78
CA GLU A 129 -16.26 43.72 -9.69
C GLU A 129 -16.67 44.85 -10.63
N ASP A 130 -15.73 45.73 -10.98
CA ASP A 130 -16.05 46.80 -11.93
C ASP A 130 -16.21 46.31 -13.35
N LEU A 131 -15.91 45.03 -13.61
CA LEU A 131 -16.04 44.42 -14.94
C LEU A 131 -15.20 45.11 -16.00
N ARG A 132 -14.20 45.89 -15.59
CA ARG A 132 -13.32 46.59 -16.50
C ARG A 132 -11.84 46.36 -16.20
N SER A 133 -11.52 45.59 -15.17
CA SER A 133 -10.13 45.38 -14.76
C SER A 133 -9.96 43.93 -14.32
N TRP A 134 -8.72 43.46 -14.39
CA TRP A 134 -8.36 42.10 -14.06
C TRP A 134 -7.46 42.06 -12.83
N THR A 135 -7.36 40.88 -12.24
CA THR A 135 -6.50 40.65 -11.07
C THR A 135 -5.73 39.36 -11.29
N ALA A 136 -4.40 39.47 -11.36
CA ALA A 136 -3.53 38.32 -11.55
C ALA A 136 -2.95 37.87 -10.22
N ALA A 137 -2.77 36.57 -10.06
CA ALA A 137 -2.28 36.00 -8.82
C ALA A 137 -0.75 35.92 -8.76
N ASP A 138 -0.11 35.65 -9.89
CA ASP A 138 1.34 35.49 -9.93
C ASP A 138 1.89 36.13 -11.20
N THR A 139 3.21 36.07 -11.36
CA THR A 139 3.84 36.67 -12.53
C THR A 139 3.45 35.96 -13.81
N ALA A 140 3.13 34.67 -13.74
CA ALA A 140 2.66 33.96 -14.93
C ALA A 140 1.25 34.39 -15.31
N ALA A 141 0.41 34.71 -14.32
CA ALA A 141 -0.94 35.18 -14.62
C ALA A 141 -0.94 36.61 -15.15
N GLN A 142 0.11 37.39 -14.87
CA GLN A 142 0.22 38.72 -15.45
C GLN A 142 0.23 38.68 -16.97
N ILE A 143 0.76 37.60 -17.54
CA ILE A 143 0.82 37.48 -19.00
C ILE A 143 -0.58 37.34 -19.57
N SER A 144 -1.38 36.44 -19.00
CA SER A 144 -2.77 36.32 -19.43
C SER A 144 -3.54 37.62 -19.18
N LYS A 145 -3.21 38.33 -18.10
CA LYS A 145 -3.84 39.63 -17.84
C LYS A 145 -3.49 40.62 -18.95
N ARG A 146 -2.22 40.68 -19.36
CA ARG A 146 -1.84 41.59 -20.44
C ARG A 146 -2.52 41.22 -21.74
N LYS A 147 -2.77 39.93 -21.98
CA LYS A 147 -3.53 39.53 -23.16
C LYS A 147 -4.96 40.06 -23.10
N CYS A 148 -5.62 39.87 -21.95
CA CYS A 148 -6.99 40.36 -21.81
C CYS A 148 -7.07 41.87 -21.92
N GLU A 149 -6.03 42.59 -21.46
CA GLU A 149 -6.01 44.03 -21.62
C GLU A 149 -5.74 44.43 -23.07
N ALA A 150 -4.93 43.63 -23.79
CA ALA A 150 -4.62 43.96 -25.17
C ALA A 150 -5.83 43.75 -26.08
N ALA A 151 -6.59 42.69 -25.84
CA ALA A 151 -7.78 42.41 -26.64
C ALA A 151 -9.02 43.15 -26.14
N ASN A 152 -8.97 43.68 -24.92
CA ASN A 152 -10.11 44.36 -24.30
C ASN A 152 -11.34 43.45 -24.26
N VAL A 153 -11.13 42.23 -23.73
CA VAL A 153 -12.23 41.28 -23.62
C VAL A 153 -13.13 41.56 -22.42
N ALA A 154 -12.71 42.46 -21.52
CA ALA A 154 -13.58 42.84 -20.41
C ALA A 154 -14.87 43.48 -20.91
N GLU A 155 -14.85 44.07 -22.11
CA GLU A 155 -16.06 44.66 -22.66
C GLU A 155 -17.06 43.58 -23.07
N GLN A 156 -16.57 42.53 -23.75
CA GLN A 156 -17.44 41.41 -24.10
C GLN A 156 -17.90 40.66 -22.85
N ARG A 157 -17.03 40.56 -21.84
CA ARG A 157 -17.39 39.87 -20.61
C ARG A 157 -18.47 40.65 -19.85
N ARG A 158 -18.30 41.97 -19.71
CA ARG A 158 -19.31 42.79 -19.08
C ARG A 158 -20.61 42.78 -19.87
N ALA A 159 -20.52 42.71 -21.20
CA ALA A 159 -21.72 42.65 -22.03
C ALA A 159 -22.51 41.37 -21.78
N TYR A 160 -21.83 40.27 -21.51
CA TYR A 160 -22.53 39.02 -21.21
C TYR A 160 -23.12 39.04 -19.80
N LEU A 161 -22.36 39.54 -18.82
CA LEU A 161 -22.82 39.52 -17.43
C LEU A 161 -23.99 40.47 -17.21
N GLU A 162 -24.01 41.60 -17.90
CA GLU A 162 -25.08 42.59 -17.76
C GLU A 162 -26.24 42.32 -18.71
N GLY A 163 -25.98 41.64 -19.83
CA GLY A 163 -26.94 41.36 -20.87
C GLY A 163 -27.44 39.94 -20.78
N THR A 164 -26.92 39.08 -21.65
CA THR A 164 -27.34 37.69 -21.82
C THR A 164 -27.54 36.95 -20.51
N CYS A 165 -26.63 37.13 -19.55
CA CYS A 165 -26.73 36.40 -18.28
C CYS A 165 -28.00 36.77 -17.54
N VAL A 166 -28.29 38.07 -17.39
CA VAL A 166 -29.48 38.48 -16.66
C VAL A 166 -30.75 38.13 -17.44
N GLU A 167 -30.73 38.31 -18.75
CA GLU A 167 -31.93 38.06 -19.55
C GLU A 167 -32.31 36.59 -19.53
N TRP A 168 -31.34 35.70 -19.78
CA TRP A 168 -31.62 34.27 -19.76
C TRP A 168 -31.86 33.75 -18.36
N LEU A 169 -31.37 34.44 -17.33
CA LEU A 169 -31.71 34.08 -15.96
C LEU A 169 -33.20 34.31 -15.72
N HIS A 170 -33.71 35.47 -16.13
CA HIS A 170 -35.15 35.73 -16.05
C HIS A 170 -35.93 34.67 -16.81
N ARG A 171 -35.48 34.33 -18.02
CA ARG A 171 -36.19 33.34 -18.83
C ARG A 171 -36.20 31.97 -18.15
N TYR A 172 -35.06 31.55 -17.62
CA TYR A 172 -35.01 30.28 -16.91
C TYR A 172 -35.89 30.30 -15.65
N LEU A 173 -35.97 31.45 -14.99
CA LEU A 173 -36.79 31.55 -13.78
C LEU A 173 -38.28 31.45 -14.09
N GLU A 174 -38.70 31.96 -15.25
CA GLU A 174 -40.12 31.94 -15.60
C GLU A 174 -40.54 30.59 -16.14
N ASN A 175 -39.66 29.93 -16.91
CA ASN A 175 -39.96 28.59 -17.39
C ASN A 175 -39.94 27.57 -16.26
N GLY A 176 -39.25 27.86 -15.15
CA GLY A 176 -39.14 26.96 -14.04
C GLY A 176 -39.62 27.55 -12.73
N LYS A 177 -40.69 28.35 -12.78
CA LYS A 177 -41.15 29.07 -11.60
C LYS A 177 -41.60 28.13 -10.50
N GLU A 178 -42.22 27.00 -10.86
CA GLU A 178 -42.77 26.08 -9.85
C GLU A 178 -41.66 25.37 -9.09
N MET A 179 -40.51 25.15 -9.71
CA MET A 179 -39.42 24.38 -9.13
C MET A 179 -38.31 25.25 -8.55
N LEU A 180 -38.05 26.42 -9.14
CA LEU A 180 -36.93 27.24 -8.73
C LEU A 180 -37.33 28.32 -7.72
N GLN A 181 -38.50 28.93 -7.89
CA GLN A 181 -38.97 29.96 -6.97
C GLN A 181 -39.77 29.39 -5.81
N ARG A 182 -39.60 28.10 -5.50
CA ARG A 182 -40.27 27.48 -4.37
C ARG A 182 -39.45 27.66 -3.10
N ALA A 183 -40.10 27.46 -1.95
CA ALA A 183 -39.44 27.56 -0.65
C ALA A 183 -40.04 26.48 0.24
N ASP A 184 -39.34 25.34 0.33
CA ASP A 184 -39.77 24.23 1.17
C ASP A 184 -39.21 24.39 2.57
N PRO A 185 -40.05 24.50 3.60
CA PRO A 185 -39.51 24.67 4.95
C PRO A 185 -38.96 23.35 5.47
N PRO A 186 -37.92 23.39 6.32
CA PRO A 186 -37.34 22.14 6.83
C PRO A 186 -38.24 21.47 7.85
N LYS A 187 -38.35 20.14 7.73
CA LYS A 187 -39.03 19.34 8.73
C LYS A 187 -38.05 19.05 9.86
N THR A 188 -38.39 19.47 11.07
CA THR A 188 -37.45 19.55 12.18
C THR A 188 -37.85 18.62 13.31
N HIS A 189 -36.83 18.06 13.97
CA HIS A 189 -37.02 17.27 15.18
C HIS A 189 -35.68 17.15 15.90
N VAL A 190 -35.75 16.97 17.21
CA VAL A 190 -34.58 16.96 18.08
C VAL A 190 -34.41 15.55 18.64
N THR A 191 -33.18 15.04 18.58
CA THR A 191 -32.85 13.71 19.07
C THR A 191 -31.92 13.80 20.28
N HIS A 192 -31.84 12.70 21.02
CA HIS A 192 -31.10 12.63 22.28
C HIS A 192 -30.20 11.41 22.26
N HIS A 193 -28.93 11.61 22.60
CA HIS A 193 -27.97 10.51 22.57
C HIS A 193 -27.02 10.59 23.77
N PRO A 194 -27.10 9.63 24.70
CA PRO A 194 -26.17 9.63 25.82
C PRO A 194 -24.78 9.19 25.38
N VAL A 195 -23.76 9.87 25.92
CA VAL A 195 -22.38 9.45 25.73
C VAL A 195 -21.92 8.59 26.90
N PHE A 196 -22.22 9.01 28.13
CA PHE A 196 -22.12 8.20 29.33
C PHE A 196 -23.08 8.82 30.34
N ASP A 197 -23.08 8.30 31.56
CA ASP A 197 -23.85 8.94 32.61
C ASP A 197 -23.34 10.36 32.83
N TYR A 198 -24.26 11.26 33.19
CA TYR A 198 -24.01 12.66 33.54
C TYR A 198 -23.70 13.55 32.34
N GLU A 199 -23.83 13.04 31.10
CA GLU A 199 -23.66 13.86 29.93
C GLU A 199 -24.47 13.28 28.78
N ALA A 200 -24.92 14.15 27.87
CA ALA A 200 -25.75 13.73 26.76
C ALA A 200 -25.49 14.62 25.55
N THR A 201 -26.07 14.22 24.41
CA THR A 201 -25.90 14.92 23.15
C THR A 201 -27.28 15.26 22.58
N LEU A 202 -27.60 16.56 22.53
CA LEU A 202 -28.83 17.03 21.92
C LEU A 202 -28.54 17.43 20.47
N ARG A 203 -29.28 16.85 19.54
CA ARG A 203 -29.08 17.07 18.11
C ARG A 203 -30.34 17.64 17.49
N CYS A 204 -30.19 18.75 16.79
CA CYS A 204 -31.31 19.45 16.14
C CYS A 204 -31.25 19.20 14.64
N TRP A 205 -32.32 18.61 14.10
CA TRP A 205 -32.36 18.18 12.71
C TRP A 205 -33.25 19.10 11.88
N ALA A 206 -32.80 19.37 10.65
CA ALA A 206 -33.59 20.09 9.66
C ALA A 206 -33.46 19.32 8.34
N LEU A 207 -34.55 18.73 7.87
CA LEU A 207 -34.51 17.83 6.72
C LEU A 207 -35.45 18.30 5.63
N GLY A 208 -35.06 18.02 4.38
CA GLY A 208 -35.91 18.24 3.23
C GLY A 208 -36.35 19.66 3.01
N PHE A 209 -35.42 20.60 2.92
CA PHE A 209 -35.73 22.00 2.70
C PHE A 209 -34.98 22.52 1.49
N TYR A 210 -35.46 23.67 0.98
CA TYR A 210 -34.91 24.31 -0.20
C TYR A 210 -35.23 25.79 -0.09
N PRO A 211 -34.27 26.68 -0.42
CA PRO A 211 -32.91 26.40 -0.87
C PRO A 211 -31.96 25.93 0.23
N ALA A 212 -30.66 25.95 -0.06
CA ALA A 212 -29.69 25.31 0.81
C ALA A 212 -29.35 26.12 2.04
N GLU A 213 -29.52 27.45 2.00
CA GLU A 213 -29.08 28.27 3.12
C GLU A 213 -30.03 28.10 4.31
N ILE A 214 -29.46 27.93 5.49
CA ILE A 214 -30.22 27.75 6.72
C ILE A 214 -29.32 28.11 7.88
N ILE A 215 -29.93 28.48 9.01
CA ILE A 215 -29.19 28.84 10.22
C ILE A 215 -29.72 28.00 11.38
N LEU A 216 -28.85 27.18 11.94
CA LEU A 216 -29.18 26.39 13.13
C LEU A 216 -28.33 26.90 14.28
N THR A 217 -28.99 27.26 15.38
CA THR A 217 -28.34 27.82 16.55
C THR A 217 -28.86 27.13 17.81
N TRP A 218 -27.95 26.79 18.71
CA TRP A 218 -28.31 26.23 20.01
C TRP A 218 -28.18 27.31 21.08
N GLN A 219 -29.13 27.34 22.00
CA GLN A 219 -29.22 28.38 23.01
C GLN A 219 -29.44 27.76 24.38
N ARG A 220 -28.58 28.12 25.33
CA ARG A 220 -28.70 27.68 26.72
C ARG A 220 -29.41 28.77 27.51
N ASP A 221 -30.67 28.52 27.86
CA ASP A 221 -31.52 29.50 28.56
C ASP A 221 -31.64 30.79 27.74
N GLY A 222 -31.86 30.64 26.44
CA GLY A 222 -31.98 31.78 25.56
C GLY A 222 -30.68 32.53 25.36
N GLU A 223 -29.58 31.82 25.16
CA GLU A 223 -28.27 32.44 24.98
C GLU A 223 -27.45 31.56 24.07
N ASP A 224 -27.00 32.12 22.94
CA ASP A 224 -26.32 31.32 21.91
C ASP A 224 -25.13 30.57 22.50
N GLN A 225 -24.90 29.37 21.98
CA GLN A 225 -23.90 28.45 22.48
C GLN A 225 -22.88 28.11 21.40
N THR A 226 -22.53 29.07 20.55
CA THR A 226 -21.70 28.74 19.40
C THR A 226 -20.23 28.69 19.79
N GLN A 227 -19.91 27.88 20.80
CA GLN A 227 -18.53 27.51 21.10
C GLN A 227 -18.32 26.00 21.15
N ASP A 228 -19.32 25.25 21.64
CA ASP A 228 -19.20 23.81 21.86
C ASP A 228 -20.24 23.03 21.06
N VAL A 229 -20.44 23.41 19.81
CA VAL A 229 -21.49 22.85 18.97
C VAL A 229 -20.86 22.22 17.73
N GLU A 230 -21.22 20.96 17.47
CA GLU A 230 -20.89 20.35 16.19
C GLU A 230 -21.91 20.81 15.15
N LEU A 231 -21.41 21.19 13.97
CA LEU A 231 -22.26 21.75 12.92
C LEU A 231 -21.77 21.19 11.59
N VAL A 232 -22.47 20.16 11.10
CA VAL A 232 -22.11 19.57 9.81
C VAL A 232 -22.51 20.51 8.69
N GLU A 233 -21.74 20.46 7.60
CA GLU A 233 -22.05 21.29 6.44
C GLU A 233 -23.28 20.74 5.71
N THR A 234 -24.06 21.65 5.14
CA THR A 234 -25.32 21.29 4.51
C THR A 234 -25.10 20.28 3.40
N ARG A 235 -25.65 19.06 3.60
CA ARG A 235 -25.48 17.99 2.63
C ARG A 235 -26.78 17.75 1.87
N PRO A 236 -26.69 17.36 0.59
CA PRO A 236 -27.91 17.13 -0.20
C PRO A 236 -28.53 15.78 0.12
N ALA A 237 -29.86 15.73 0.09
CA ALA A 237 -30.58 14.49 0.33
C ALA A 237 -30.54 13.56 -0.88
N GLY A 238 -30.44 14.12 -2.09
CA GLY A 238 -30.44 13.34 -3.31
C GLY A 238 -31.68 13.50 -4.16
N ASP A 239 -32.69 14.21 -3.68
CA ASP A 239 -33.93 14.42 -4.42
C ASP A 239 -34.19 15.91 -4.63
N GLY A 240 -33.14 16.72 -4.66
CA GLY A 240 -33.25 18.15 -4.81
C GLY A 240 -33.40 18.91 -3.51
N THR A 241 -33.54 18.22 -2.38
CA THR A 241 -33.63 18.85 -1.07
C THR A 241 -32.29 18.81 -0.37
N PHE A 242 -32.21 19.53 0.75
CA PHE A 242 -31.01 19.62 1.55
C PHE A 242 -31.34 19.31 3.01
N GLN A 243 -30.31 18.97 3.78
CA GLN A 243 -30.49 18.63 5.18
C GLN A 243 -29.26 19.04 5.96
N LYS A 244 -29.44 19.20 7.27
CA LYS A 244 -28.40 19.71 8.15
C LYS A 244 -28.82 19.45 9.59
N TRP A 245 -27.83 19.21 10.45
CA TRP A 245 -28.08 19.07 11.88
C TRP A 245 -26.99 19.77 12.66
N ALA A 246 -27.28 20.03 13.94
CA ALA A 246 -26.35 20.70 14.84
C ALA A 246 -26.53 20.10 16.23
N ALA A 247 -25.44 19.62 16.82
CA ALA A 247 -25.48 18.94 18.10
C ALA A 247 -24.63 19.67 19.12
N VAL A 248 -25.05 19.59 20.39
CA VAL A 248 -24.32 20.13 21.51
C VAL A 248 -24.34 19.12 22.64
N VAL A 249 -23.29 19.14 23.46
CA VAL A 249 -23.16 18.22 24.59
C VAL A 249 -23.60 18.96 25.85
N VAL A 250 -24.56 18.38 26.57
CA VAL A 250 -25.12 19.02 27.77
C VAL A 250 -25.00 18.07 28.95
N PRO A 251 -24.94 18.58 30.17
CA PRO A 251 -24.99 17.70 31.34
C PRO A 251 -26.38 17.12 31.53
N SER A 252 -26.42 15.92 32.11
CA SER A 252 -27.69 15.25 32.36
C SER A 252 -28.52 16.04 33.37
N GLY A 253 -29.72 16.46 32.95
CA GLY A 253 -30.62 17.17 33.83
C GLY A 253 -30.87 18.61 33.38
N GLU A 254 -29.82 19.26 32.90
CA GLU A 254 -29.92 20.62 32.36
C GLU A 254 -30.30 20.63 30.89
N GLU A 255 -30.85 19.54 30.38
CA GLU A 255 -31.12 19.41 28.95
C GLU A 255 -32.40 20.10 28.52
N GLN A 256 -33.26 20.50 29.46
CA GLN A 256 -34.43 21.28 29.12
C GLN A 256 -34.13 22.78 28.98
N ARG A 257 -32.97 23.23 29.43
CA ARG A 257 -32.57 24.62 29.30
C ARG A 257 -32.05 24.96 27.91
N TYR A 258 -31.95 23.99 27.01
CA TYR A 258 -31.39 24.18 25.68
C TYR A 258 -32.50 24.21 24.63
N THR A 259 -32.40 25.16 23.70
CA THR A 259 -33.36 25.32 22.62
C THR A 259 -32.62 25.44 21.30
N CYS A 260 -33.27 24.96 20.23
CA CYS A 260 -32.73 25.04 18.87
C CYS A 260 -33.51 26.10 18.11
N HIS A 261 -32.89 27.25 17.87
CA HIS A 261 -33.45 28.30 17.04
C HIS A 261 -33.02 28.05 15.60
N VAL A 262 -33.99 27.71 14.73
CA VAL A 262 -33.74 27.42 13.33
C VAL A 262 -34.42 28.48 12.47
N GLN A 263 -33.64 29.08 11.58
CA GLN A 263 -34.12 30.13 10.69
C GLN A 263 -33.95 29.66 9.25
N HIS A 264 -35.03 29.77 8.46
CA HIS A 264 -35.00 29.37 7.07
C HIS A 264 -35.91 30.30 6.28
N GLU A 265 -35.59 30.46 4.98
CA GLU A 265 -36.37 31.32 4.11
C GLU A 265 -37.82 30.82 4.01
N GLY A 266 -38.00 29.52 3.79
CA GLY A 266 -39.32 28.95 3.62
C GLY A 266 -40.17 28.94 4.87
N LEU A 267 -39.61 29.32 6.01
CA LEU A 267 -40.39 29.40 7.24
C LEU A 267 -41.25 30.65 7.25
N PRO A 268 -42.52 30.55 7.64
CA PRO A 268 -43.32 31.78 7.83
C PRO A 268 -42.76 32.67 8.93
N GLU A 269 -42.08 32.09 9.90
CA GLU A 269 -41.40 32.81 10.95
C GLU A 269 -40.40 31.87 11.60
N PRO A 270 -39.36 32.42 12.25
CA PRO A 270 -38.32 31.54 12.83
C PRO A 270 -38.90 30.57 13.85
N LEU A 271 -38.29 29.38 13.90
CA LEU A 271 -38.78 28.28 14.71
C LEU A 271 -37.88 28.07 15.92
N MET A 272 -38.48 27.60 17.01
CA MET A 272 -37.78 27.31 18.26
C MET A 272 -38.17 25.92 18.73
N LEU A 273 -37.18 25.07 18.96
CA LEU A 273 -37.41 23.66 19.28
C LEU A 273 -36.84 23.33 20.66
N ARG A 274 -37.44 22.32 21.29
CA ARG A 274 -37.02 21.85 22.59
C ARG A 274 -37.27 20.35 22.65
N TRP A 275 -36.36 19.63 23.31
CA TRP A 275 -36.43 18.16 23.32
C TRP A 275 -37.69 17.69 24.06
N LYS A 276 -38.35 16.69 23.47
CA LYS A 276 -39.60 16.16 24.00
C LYS A 276 -39.49 14.73 24.52
N GLN A 277 -38.43 14.01 24.18
CA GLN A 277 -38.31 12.57 24.44
C GLN A 277 -39.44 11.78 23.77
N MET B 1 0.64 23.67 -7.04
CA MET B 1 -0.13 22.44 -6.92
C MET B 1 -0.68 22.28 -5.51
N ILE B 2 -1.97 22.54 -5.33
CA ILE B 2 -2.65 22.40 -4.06
C ILE B 2 -3.45 21.11 -4.06
N GLN B 3 -3.30 20.31 -3.01
CA GLN B 3 -4.06 19.09 -2.83
C GLN B 3 -4.92 19.20 -1.57
N ARG B 4 -6.12 18.64 -1.63
CA ARG B 4 -7.05 18.68 -0.52
C ARG B 4 -7.66 17.31 -0.32
N THR B 5 -7.62 16.81 0.92
CA THR B 5 -8.18 15.51 1.23
C THR B 5 -9.71 15.59 1.26
N PRO B 6 -10.39 14.56 0.78
CA PRO B 6 -11.86 14.59 0.77
C PRO B 6 -12.45 14.48 2.16
N LYS B 7 -13.62 15.08 2.33
CA LYS B 7 -14.38 15.01 3.57
C LYS B 7 -15.67 14.25 3.29
N ILE B 8 -15.95 13.24 4.11
CA ILE B 8 -16.97 12.25 3.83
C ILE B 8 -18.14 12.42 4.79
N GLN B 9 -19.35 12.24 4.28
CA GLN B 9 -20.56 12.16 5.10
C GLN B 9 -21.37 10.97 4.62
N VAL B 10 -21.62 10.02 5.52
CA VAL B 10 -22.46 8.86 5.22
C VAL B 10 -23.78 9.06 5.94
N TYR B 11 -24.86 9.21 5.18
CA TYR B 11 -26.17 9.48 5.74
C TYR B 11 -27.24 8.87 4.84
N SER B 12 -28.43 8.74 5.39
CA SER B 12 -29.59 8.27 4.64
C SER B 12 -30.42 9.45 4.16
N ARG B 13 -31.17 9.22 3.08
CA ARG B 13 -32.00 10.27 2.53
C ARG B 13 -33.14 10.62 3.49
N HIS B 14 -33.91 9.64 3.90
CA HIS B 14 -35.00 9.81 4.84
C HIS B 14 -34.62 9.22 6.19
N PRO B 15 -35.30 9.60 7.27
CA PRO B 15 -35.01 9.00 8.58
C PRO B 15 -35.08 7.48 8.52
N ALA B 16 -34.09 6.84 9.12
CA ALA B 16 -33.93 5.40 9.00
C ALA B 16 -34.93 4.67 9.88
N GLU B 17 -35.68 3.74 9.27
CA GLU B 17 -36.54 2.81 9.99
C GLU B 17 -36.45 1.46 9.31
N ASN B 18 -36.19 0.42 10.09
CA ASN B 18 -35.94 -0.91 9.53
C ASN B 18 -37.15 -1.41 8.75
N GLY B 19 -36.88 -2.00 7.59
CA GLY B 19 -37.93 -2.56 6.75
C GLY B 19 -38.36 -1.65 5.62
N LYS B 20 -38.44 -0.35 5.89
CA LYS B 20 -38.86 0.62 4.89
C LYS B 20 -37.70 1.01 3.99
N SER B 21 -37.98 1.12 2.69
CA SER B 21 -36.95 1.46 1.72
C SER B 21 -36.41 2.86 1.97
N ASN B 22 -35.17 3.08 1.57
CA ASN B 22 -34.51 4.36 1.74
C ASN B 22 -33.31 4.43 0.79
N PHE B 23 -32.56 5.52 0.87
CA PHE B 23 -31.41 5.76 0.01
C PHE B 23 -30.18 5.98 0.88
N LEU B 24 -29.15 5.15 0.67
CA LEU B 24 -27.87 5.33 1.35
C LEU B 24 -27.02 6.32 0.55
N ASN B 25 -26.56 7.38 1.23
CA ASN B 25 -25.86 8.47 0.57
C ASN B 25 -24.47 8.62 1.16
N CYS B 26 -23.46 8.74 0.29
CA CYS B 26 -22.09 9.07 0.68
C CYS B 26 -21.72 10.35 -0.04
N TYR B 27 -21.80 11.48 0.67
CA TYR B 27 -21.49 12.78 0.10
C TYR B 27 -20.01 13.08 0.36
N VAL B 28 -19.21 13.10 -0.71
CA VAL B 28 -17.79 13.35 -0.62
C VAL B 28 -17.53 14.75 -1.18
N SER B 29 -17.04 15.64 -0.33
CA SER B 29 -16.86 17.04 -0.69
C SER B 29 -15.43 17.49 -0.40
N GLY B 30 -15.07 18.63 -0.97
CA GLY B 30 -13.83 19.30 -0.66
C GLY B 30 -12.55 18.53 -0.91
N PHE B 31 -12.37 18.02 -2.13
CA PHE B 31 -11.15 17.32 -2.49
C PHE B 31 -10.60 17.87 -3.80
N HIS B 32 -9.29 17.71 -3.98
CA HIS B 32 -8.56 18.18 -5.15
C HIS B 32 -7.23 17.43 -5.22
N PRO B 33 -6.88 16.83 -6.38
CA PRO B 33 -7.58 16.82 -7.67
C PRO B 33 -8.86 15.99 -7.71
N SER B 34 -9.43 15.85 -8.90
CA SER B 34 -10.74 15.23 -9.07
C SER B 34 -10.69 13.71 -9.15
N ASP B 35 -9.52 13.13 -9.42
CA ASP B 35 -9.42 11.67 -9.50
C ASP B 35 -9.66 11.06 -8.12
N ILE B 36 -10.70 10.24 -8.00
CA ILE B 36 -11.10 9.69 -6.72
C ILE B 36 -11.97 8.46 -6.97
N GLU B 37 -11.87 7.49 -6.06
CA GLU B 37 -12.69 6.29 -6.10
C GLU B 37 -13.55 6.23 -4.84
N VAL B 38 -14.85 6.03 -5.03
CA VAL B 38 -15.81 5.96 -3.94
C VAL B 38 -16.64 4.69 -4.11
N ASP B 39 -16.75 3.91 -3.03
CA ASP B 39 -17.50 2.67 -3.04
C ASP B 39 -18.41 2.62 -1.82
N LEU B 40 -19.61 2.06 -2.00
CA LEU B 40 -20.53 1.82 -0.90
C LEU B 40 -20.40 0.37 -0.44
N LEU B 41 -20.26 0.18 0.87
CA LEU B 41 -20.00 -1.13 1.44
C LEU B 41 -21.18 -1.56 2.31
N LYS B 42 -21.62 -2.80 2.12
CA LYS B 42 -22.62 -3.43 2.98
C LYS B 42 -21.96 -4.63 3.65
N ASN B 43 -21.84 -4.57 4.98
CA ASN B 43 -21.16 -5.61 5.75
C ASN B 43 -19.74 -5.86 5.24
N GLY B 44 -19.09 -4.82 4.72
CA GLY B 44 -17.76 -4.93 4.17
C GLY B 44 -17.69 -5.33 2.70
N GLU B 45 -18.79 -5.79 2.12
CA GLU B 45 -18.80 -6.17 0.71
C GLU B 45 -19.23 -5.00 -0.15
N ARG B 46 -18.65 -4.91 -1.34
CA ARG B 46 -18.90 -3.78 -2.22
C ARG B 46 -20.29 -3.86 -2.83
N ILE B 47 -21.10 -2.83 -2.62
CA ILE B 47 -22.36 -2.71 -3.34
C ILE B 47 -22.06 -2.38 -4.80
N GLU B 48 -22.69 -3.11 -5.71
CA GLU B 48 -22.38 -2.97 -7.13
C GLU B 48 -23.30 -1.98 -7.84
N LYS B 49 -24.56 -1.87 -7.43
CA LYS B 49 -25.51 -0.97 -8.07
C LYS B 49 -25.44 0.40 -7.38
N VAL B 50 -24.30 1.05 -7.55
CA VAL B 50 -24.01 2.35 -6.96
C VAL B 50 -24.05 3.40 -8.05
N GLU B 51 -24.90 4.41 -7.86
CA GLU B 51 -24.97 5.55 -8.76
C GLU B 51 -24.36 6.77 -8.06
N HIS B 52 -24.14 7.82 -8.84
CA HIS B 52 -23.54 9.04 -8.32
C HIS B 52 -24.04 10.24 -9.11
N SER B 53 -24.01 11.40 -8.47
CA SER B 53 -24.41 12.64 -9.12
C SER B 53 -23.34 13.08 -10.11
N ASP B 54 -23.58 14.22 -10.76
CA ASP B 54 -22.63 14.77 -11.71
C ASP B 54 -21.50 15.48 -10.98
N LEU B 55 -20.27 15.22 -11.43
CA LEU B 55 -19.09 15.79 -10.78
C LEU B 55 -19.07 17.30 -10.96
N SER B 56 -18.99 18.03 -9.85
CA SER B 56 -18.89 19.49 -9.87
C SER B 56 -17.83 19.89 -8.84
N PHE B 57 -17.68 21.19 -8.63
CA PHE B 57 -16.77 21.70 -7.63
C PHE B 57 -17.38 22.90 -6.92
N SER B 58 -16.89 23.15 -5.71
CA SER B 58 -17.41 24.19 -4.84
C SER B 58 -16.84 25.55 -5.24
N LYS B 59 -17.09 26.56 -4.40
CA LYS B 59 -16.62 27.91 -4.68
C LYS B 59 -15.11 28.02 -4.59
N ASP B 60 -14.49 27.25 -3.68
CA ASP B 60 -13.06 27.27 -3.47
C ASP B 60 -12.31 26.31 -4.40
N TRP B 61 -12.95 25.92 -5.51
CA TRP B 61 -12.44 25.04 -6.55
C TRP B 61 -12.31 23.59 -6.12
N SER B 62 -12.65 23.25 -4.87
CA SER B 62 -12.62 21.86 -4.44
C SER B 62 -13.87 21.14 -4.94
N PHE B 63 -13.67 19.92 -5.42
CA PHE B 63 -14.75 19.15 -6.02
C PHE B 63 -15.64 18.52 -4.95
N TYR B 64 -16.88 18.22 -5.35
CA TYR B 64 -17.81 17.52 -4.48
C TYR B 64 -18.61 16.53 -5.32
N LEU B 65 -19.14 15.51 -4.65
CA LEU B 65 -19.85 14.43 -5.32
C LEU B 65 -20.78 13.76 -4.31
N LEU B 66 -21.84 13.15 -4.84
CA LEU B 66 -22.79 12.40 -4.01
C LEU B 66 -23.02 11.04 -4.64
N TYR B 67 -22.77 9.98 -3.88
CA TYR B 67 -23.05 8.61 -4.27
C TYR B 67 -24.28 8.11 -3.54
N TYR B 68 -25.06 7.26 -4.19
CA TYR B 68 -26.29 6.78 -3.57
C TYR B 68 -26.70 5.44 -4.18
N THR B 69 -27.52 4.72 -3.43
CA THR B 69 -28.13 3.47 -3.89
C THR B 69 -29.29 3.14 -2.97
N GLU B 70 -30.29 2.45 -3.51
CA GLU B 70 -31.43 2.04 -2.72
C GLU B 70 -31.03 0.93 -1.75
N PHE B 71 -31.65 0.95 -0.57
CA PHE B 71 -31.39 -0.06 0.44
C PHE B 71 -32.51 -0.09 1.45
N THR B 72 -32.58 -1.19 2.20
CA THR B 72 -33.56 -1.36 3.27
C THR B 72 -32.82 -1.58 4.58
N PRO B 73 -32.87 -0.66 5.54
CA PRO B 73 -32.08 -0.81 6.75
C PRO B 73 -32.54 -2.00 7.60
N THR B 74 -31.62 -2.49 8.42
CA THR B 74 -31.86 -3.60 9.33
C THR B 74 -31.11 -3.34 10.63
N GLU B 75 -31.53 -4.04 11.69
CA GLU B 75 -30.85 -3.93 12.96
C GLU B 75 -29.39 -4.37 12.86
N LYS B 76 -29.12 -5.37 12.03
CA LYS B 76 -27.78 -5.97 11.94
C LYS B 76 -27.00 -5.51 10.72
N ASP B 77 -27.67 -5.17 9.63
CA ASP B 77 -26.98 -4.75 8.41
C ASP B 77 -26.21 -3.46 8.65
N GLU B 78 -24.90 -3.49 8.40
CA GLU B 78 -24.03 -2.34 8.56
C GLU B 78 -23.59 -1.83 7.20
N TYR B 79 -23.52 -0.50 7.06
CA TYR B 79 -23.12 0.14 5.82
C TYR B 79 -22.00 1.12 6.09
N ALA B 80 -21.19 1.34 5.06
CA ALA B 80 -20.04 2.25 5.16
C ALA B 80 -19.72 2.78 3.77
N CYS B 81 -18.75 3.69 3.71
CA CYS B 81 -18.30 4.28 2.45
C CYS B 81 -16.78 4.27 2.43
N ARG B 82 -16.21 3.68 1.39
CA ARG B 82 -14.77 3.56 1.22
C ARG B 82 -14.32 4.52 0.13
N VAL B 83 -13.51 5.50 0.51
CA VAL B 83 -13.04 6.54 -0.40
C VAL B 83 -11.53 6.48 -0.46
N ASN B 84 -11.00 6.36 -1.68
CA ASN B 84 -9.57 6.33 -1.92
C ASN B 84 -9.19 7.54 -2.77
N HIS B 85 -8.13 8.24 -2.36
CA HIS B 85 -7.72 9.46 -3.03
C HIS B 85 -6.21 9.57 -2.95
N VAL B 86 -5.65 10.43 -3.81
CA VAL B 86 -4.20 10.63 -3.83
C VAL B 86 -3.70 11.16 -2.49
N THR B 87 -4.52 11.97 -1.81
CA THR B 87 -4.10 12.53 -0.53
C THR B 87 -4.06 11.49 0.57
N LEU B 88 -4.83 10.41 0.43
CA LEU B 88 -4.92 9.38 1.45
C LEU B 88 -3.89 8.30 1.16
N SER B 89 -2.94 8.12 2.08
CA SER B 89 -2.00 7.01 2.01
C SER B 89 -2.64 5.68 2.37
N GLN B 90 -3.91 5.68 2.74
CA GLN B 90 -4.67 4.50 3.15
C GLN B 90 -6.15 4.79 2.96
N PRO B 91 -6.91 3.88 2.34
CA PRO B 91 -8.31 4.17 2.03
C PRO B 91 -9.11 4.44 3.30
N LYS B 92 -10.01 5.42 3.21
CA LYS B 92 -10.81 5.88 4.33
C LYS B 92 -12.18 5.21 4.31
N ILE B 93 -12.53 4.55 5.42
CA ILE B 93 -13.78 3.83 5.55
C ILE B 93 -14.59 4.50 6.67
N VAL B 94 -15.71 5.12 6.30
CA VAL B 94 -16.56 5.83 7.24
C VAL B 94 -17.86 5.06 7.37
N LYS B 95 -18.16 4.60 8.59
CA LYS B 95 -19.35 3.79 8.83
C LYS B 95 -20.60 4.67 8.82
N TRP B 96 -21.74 4.02 8.59
CA TRP B 96 -23.03 4.69 8.61
C TRP B 96 -23.60 4.68 10.02
N ASP B 97 -23.97 5.87 10.51
CA ASP B 97 -24.57 6.03 11.83
C ASP B 97 -25.95 6.62 11.64
N ARG B 98 -26.98 5.90 12.11
CA ARG B 98 -28.36 6.35 11.95
C ARG B 98 -28.61 7.69 12.63
N ASP B 99 -27.83 8.03 13.65
CA ASP B 99 -27.99 9.28 14.37
C ASP B 99 -27.24 10.43 13.73
N MET B 100 -26.51 10.19 12.63
CA MET B 100 -25.77 11.24 11.96
C MET B 100 -26.05 11.24 10.46
N ARG C 1 -27.83 29.73 -21.04
CA ARG C 1 -27.08 30.22 -22.18
C ARG C 1 -25.63 30.52 -21.80
N ILE C 2 -24.72 29.71 -22.31
CA ILE C 2 -23.30 29.86 -22.01
C ILE C 2 -22.72 31.00 -22.83
N ILE C 3 -21.65 31.61 -22.31
CA ILE C 3 -20.98 32.68 -23.04
C ILE C 3 -20.30 32.10 -24.28
N PRO C 4 -20.36 32.77 -25.43
CA PRO C 4 -19.80 32.15 -26.65
C PRO C 4 -18.31 31.83 -26.60
N ARG C 5 -17.47 32.81 -26.27
CA ARG C 5 -16.02 32.65 -26.35
C ARG C 5 -15.42 32.34 -24.98
N HIS C 6 -14.45 31.43 -24.98
CA HIS C 6 -13.60 31.21 -23.83
C HIS C 6 -12.38 32.13 -23.91
N LEU C 7 -11.77 32.40 -22.76
CA LEU C 7 -10.58 33.21 -22.73
C LEU C 7 -9.37 32.41 -23.21
N GLN C 8 -8.39 33.14 -23.76
CA GLN C 8 -7.12 32.56 -24.19
C GLN C 8 -6.04 33.02 -23.22
N LEU C 9 -5.58 32.11 -22.37
CA LEU C 9 -4.57 32.45 -21.38
C LEU C 9 -3.17 32.29 -21.97
N SER D 3 -23.23 -36.59 -24.37
CA SER D 3 -22.95 -36.78 -22.96
C SER D 3 -23.50 -35.62 -22.13
N HIS D 4 -24.32 -35.95 -21.13
CA HIS D 4 -24.98 -34.95 -20.30
C HIS D 4 -24.83 -35.30 -18.84
N SER D 5 -24.99 -34.27 -17.99
CA SER D 5 -24.88 -34.40 -16.55
C SER D 5 -25.61 -33.24 -15.91
N MET D 6 -25.82 -33.34 -14.60
CA MET D 6 -26.41 -32.26 -13.82
C MET D 6 -25.64 -32.14 -12.52
N ARG D 7 -25.50 -30.91 -12.03
CA ARG D 7 -24.73 -30.65 -10.82
C ARG D 7 -25.48 -29.66 -9.94
N TYR D 8 -25.15 -29.71 -8.64
CA TYR D 8 -25.61 -28.72 -7.67
C TYR D 8 -24.44 -28.38 -6.76
N PHE D 9 -24.15 -27.08 -6.63
CA PHE D 9 -23.03 -26.61 -5.83
C PHE D 9 -23.54 -25.76 -4.68
N SER D 10 -22.76 -25.75 -3.60
CA SER D 10 -23.06 -24.94 -2.42
C SER D 10 -21.77 -24.39 -1.85
N ALA D 11 -21.88 -23.27 -1.13
CA ALA D 11 -20.72 -22.66 -0.50
C ALA D 11 -21.18 -21.79 0.66
N ALA D 12 -20.67 -22.07 1.85
CA ALA D 12 -20.96 -21.28 3.04
C ALA D 12 -19.66 -20.63 3.51
N VAL D 13 -19.63 -19.30 3.49
CA VAL D 13 -18.45 -18.53 3.88
C VAL D 13 -18.81 -17.74 5.12
N SER D 14 -18.22 -18.10 6.26
CA SER D 14 -18.50 -17.41 7.51
C SER D 14 -17.73 -16.10 7.57
N ARG D 15 -18.36 -15.09 8.15
CA ARG D 15 -17.75 -13.77 8.31
C ARG D 15 -17.76 -13.39 9.78
N PRO D 16 -16.61 -13.28 10.43
CA PRO D 16 -16.57 -12.97 11.87
C PRO D 16 -17.02 -11.56 12.15
N GLY D 17 -18.13 -11.43 12.87
CA GLY D 17 -18.67 -10.13 13.24
C GLY D 17 -19.50 -9.46 12.18
N ARG D 18 -19.31 -9.79 10.91
CA ARG D 18 -20.06 -9.17 9.82
C ARG D 18 -21.47 -9.75 9.67
N GLY D 19 -21.93 -10.54 10.63
CA GLY D 19 -23.26 -11.14 10.59
C GLY D 19 -23.18 -12.66 10.59
N GLU D 20 -24.06 -13.27 9.81
CA GLU D 20 -24.15 -14.71 9.69
C GLU D 20 -23.39 -15.20 8.47
N PRO D 21 -22.97 -16.47 8.45
CA PRO D 21 -22.29 -17.00 7.27
C PRO D 21 -23.16 -16.90 6.03
N ARG D 22 -22.54 -16.56 4.91
CA ARG D 22 -23.24 -16.40 3.64
C ARG D 22 -23.33 -17.75 2.93
N PHE D 23 -24.54 -18.12 2.53
CA PHE D 23 -24.81 -19.40 1.88
C PHE D 23 -25.25 -19.14 0.44
N ILE D 24 -24.53 -19.73 -0.52
CA ILE D 24 -24.89 -19.65 -1.92
C ILE D 24 -25.05 -21.06 -2.46
N ALA D 25 -26.02 -21.24 -3.36
CA ALA D 25 -26.30 -22.55 -3.94
C ALA D 25 -26.78 -22.36 -5.37
N MET D 26 -26.31 -23.22 -6.28
CA MET D 26 -26.66 -23.13 -7.69
C MET D 26 -26.73 -24.52 -8.30
N GLY D 27 -27.26 -24.57 -9.51
CA GLY D 27 -27.41 -25.79 -10.28
C GLY D 27 -27.09 -25.61 -11.75
N TYR D 28 -26.43 -26.58 -12.36
CA TYR D 28 -25.99 -26.48 -13.74
C TYR D 28 -26.50 -27.67 -14.55
N VAL D 29 -26.80 -27.46 -15.83
CA VAL D 29 -26.87 -28.57 -16.79
C VAL D 29 -25.85 -28.30 -17.90
N ASP D 30 -24.65 -28.84 -17.70
CA ASP D 30 -23.54 -29.33 -18.50
C ASP D 30 -22.66 -28.29 -19.18
N ASP D 31 -22.99 -27.00 -19.12
CA ASP D 31 -22.29 -25.87 -18.58
C ASP D 31 -23.19 -24.96 -17.76
N THR D 32 -24.52 -25.15 -17.87
CA THR D 32 -25.50 -24.06 -17.84
C THR D 32 -26.13 -23.90 -16.47
N GLN D 33 -25.81 -22.81 -15.79
CA GLN D 33 -26.51 -22.48 -14.55
C GLN D 33 -27.97 -22.18 -14.86
N PHE D 34 -28.88 -22.97 -14.28
CA PHE D 34 -30.30 -22.78 -14.46
C PHE D 34 -31.01 -22.39 -13.18
N VAL D 35 -30.29 -22.29 -12.06
CA VAL D 35 -30.90 -22.05 -10.77
C VAL D 35 -29.83 -21.49 -9.85
N ARG D 36 -30.26 -20.70 -8.86
CA ARG D 36 -29.31 -20.08 -7.94
C ARG D 36 -30.03 -19.65 -6.66
N PHE D 37 -29.32 -19.76 -5.54
CA PHE D 37 -29.79 -19.30 -4.24
C PHE D 37 -28.68 -18.48 -3.60
N ASP D 38 -29.03 -17.29 -3.10
CA ASP D 38 -28.09 -16.44 -2.39
C ASP D 38 -28.76 -15.90 -1.14
N SER D 39 -28.10 -16.08 0.00
CA SER D 39 -28.66 -15.61 1.26
C SER D 39 -28.62 -14.09 1.36
N ASP D 40 -27.65 -13.46 0.70
CA ASP D 40 -27.54 -12.00 0.71
C ASP D 40 -28.55 -11.30 -0.18
N SER D 41 -29.42 -12.04 -0.86
CA SER D 41 -30.45 -11.38 -1.65
C SER D 41 -31.51 -10.78 -0.73
N ALA D 42 -32.41 -9.98 -1.31
CA ALA D 42 -33.43 -9.30 -0.52
C ALA D 42 -34.30 -10.29 0.25
N SER D 43 -35.00 -11.16 -0.48
CA SER D 43 -35.78 -12.24 0.11
C SER D 43 -35.23 -13.55 -0.42
N PRO D 44 -34.41 -14.28 0.35
CA PRO D 44 -33.73 -15.45 -0.21
C PRO D 44 -34.72 -16.48 -0.73
N ARG D 45 -34.50 -16.91 -1.97
CA ARG D 45 -35.34 -17.91 -2.62
C ARG D 45 -34.57 -18.45 -3.82
N MET D 46 -35.05 -19.58 -4.33
CA MET D 46 -34.38 -20.25 -5.46
C MET D 46 -34.77 -19.52 -6.74
N GLU D 47 -33.79 -18.87 -7.37
CA GLU D 47 -33.99 -18.05 -8.56
C GLU D 47 -33.58 -18.79 -9.83
N PRO D 48 -34.32 -18.58 -10.92
CA PRO D 48 -33.93 -19.18 -12.20
C PRO D 48 -32.82 -18.40 -12.89
N ARG D 49 -32.11 -19.11 -13.77
CA ARG D 49 -31.07 -18.50 -14.60
C ARG D 49 -31.13 -18.97 -16.05
N ALA D 50 -32.15 -19.72 -16.44
CA ALA D 50 -32.29 -20.24 -17.79
C ALA D 50 -33.75 -20.11 -18.22
N PRO D 51 -34.01 -20.02 -19.53
CA PRO D 51 -35.39 -19.87 -19.99
C PRO D 51 -36.25 -21.11 -19.75
N TRP D 52 -35.71 -22.30 -20.00
CA TRP D 52 -36.51 -23.51 -19.98
C TRP D 52 -36.93 -23.96 -18.58
N VAL D 53 -36.42 -23.31 -17.53
CA VAL D 53 -36.81 -23.67 -16.17
C VAL D 53 -37.91 -22.74 -15.62
N GLU D 54 -38.15 -21.60 -16.27
CA GLU D 54 -39.18 -20.67 -15.80
C GLU D 54 -40.58 -21.23 -15.96
N GLN D 55 -40.77 -22.23 -16.82
CA GLN D 55 -42.09 -22.81 -17.07
C GLN D 55 -42.53 -23.78 -15.98
N GLU D 56 -41.74 -23.96 -14.93
CA GLU D 56 -42.14 -24.85 -13.84
C GLU D 56 -43.18 -24.16 -12.94
N GLY D 57 -44.03 -24.97 -12.34
CA GLY D 57 -45.10 -24.46 -11.50
C GLY D 57 -44.59 -23.78 -10.23
N PRO D 58 -45.50 -23.13 -9.51
CA PRO D 58 -45.09 -22.47 -8.26
C PRO D 58 -44.72 -23.44 -7.17
N GLU D 59 -45.28 -24.66 -7.18
CA GLU D 59 -44.92 -25.67 -6.20
C GLU D 59 -43.44 -26.05 -6.32
N TYR D 60 -42.92 -26.07 -7.55
CA TYR D 60 -41.51 -26.39 -7.76
C TYR D 60 -40.62 -25.38 -7.05
N TRP D 61 -40.78 -24.10 -7.37
CA TRP D 61 -39.92 -23.07 -6.78
C TRP D 61 -40.14 -22.96 -5.27
N GLU D 62 -41.37 -23.17 -4.81
CA GLU D 62 -41.63 -23.14 -3.37
C GLU D 62 -40.88 -24.27 -2.66
N GLU D 63 -40.88 -25.47 -3.24
CA GLU D 63 -40.19 -26.59 -2.62
C GLU D 63 -38.68 -26.43 -2.68
N GLU D 64 -38.16 -26.00 -3.84
CA GLU D 64 -36.72 -25.78 -3.97
C GLU D 64 -36.23 -24.73 -2.98
N THR D 65 -37.02 -23.67 -2.77
CA THR D 65 -36.65 -22.64 -1.80
C THR D 65 -36.64 -23.21 -0.39
N ARG D 66 -37.67 -23.99 -0.03
CA ARG D 66 -37.75 -24.56 1.31
C ARG D 66 -36.56 -25.48 1.59
N ASN D 67 -36.28 -26.40 0.66
CA ASN D 67 -35.16 -27.32 0.85
C ASN D 67 -33.82 -26.58 0.92
N THR D 68 -33.60 -25.65 -0.02
CA THR D 68 -32.34 -24.91 -0.05
C THR D 68 -32.11 -24.11 1.22
N LYS D 69 -33.19 -23.61 1.83
CA LYS D 69 -33.07 -22.94 3.12
C LYS D 69 -32.60 -23.89 4.19
N ALA D 70 -33.15 -25.12 4.21
CA ALA D 70 -32.68 -26.13 5.16
C ALA D 70 -31.23 -26.49 4.90
N HIS D 71 -30.82 -26.52 3.63
CA HIS D 71 -29.41 -26.70 3.30
C HIS D 71 -28.56 -25.60 3.91
N ALA D 72 -29.07 -24.36 3.90
CA ALA D 72 -28.29 -23.24 4.42
C ALA D 72 -28.04 -23.37 5.92
N GLN D 73 -29.11 -23.61 6.68
CA GLN D 73 -28.96 -23.74 8.13
C GLN D 73 -28.09 -24.93 8.50
N THR D 74 -28.30 -26.07 7.84
CA THR D 74 -27.47 -27.24 8.12
C THR D 74 -26.00 -26.97 7.81
N ASP D 75 -25.72 -26.27 6.70
CA ASP D 75 -24.33 -26.02 6.32
C ASP D 75 -23.66 -25.02 7.25
N ARG D 76 -24.42 -24.05 7.77
CA ARG D 76 -23.86 -23.12 8.75
C ARG D 76 -23.46 -23.83 10.03
N MET D 77 -24.33 -24.72 10.53
CA MET D 77 -23.99 -25.51 11.70
C MET D 77 -22.84 -26.46 11.40
N ASN D 78 -22.70 -26.89 10.14
CA ASN D 78 -21.56 -27.71 9.76
C ASN D 78 -20.26 -26.91 9.85
N LEU D 79 -20.27 -25.65 9.42
CA LEU D 79 -19.13 -24.77 9.62
C LEU D 79 -18.76 -24.68 11.09
N GLN D 80 -19.75 -24.54 11.97
CA GLN D 80 -19.50 -24.53 13.40
C GLN D 80 -18.91 -25.85 13.87
N THR D 81 -19.43 -26.97 13.34
CA THR D 81 -18.93 -28.28 13.74
C THR D 81 -17.48 -28.48 13.31
N LEU D 82 -17.14 -28.10 12.08
CA LEU D 82 -15.77 -28.27 11.60
C LEU D 82 -14.82 -27.36 12.35
N ARG D 83 -15.28 -26.17 12.76
CA ARG D 83 -14.48 -25.32 13.64
C ARG D 83 -14.18 -26.05 14.94
N GLY D 84 -15.13 -26.84 15.45
CA GLY D 84 -14.88 -27.63 16.65
C GLY D 84 -13.92 -28.76 16.40
N TYR D 85 -14.00 -29.40 15.23
CA TYR D 85 -13.09 -30.51 14.91
C TYR D 85 -11.65 -30.04 14.88
N TYR D 86 -11.37 -28.99 14.10
CA TYR D 86 -10.01 -28.48 13.95
C TYR D 86 -9.60 -27.54 15.07
N ASN D 87 -10.49 -27.27 16.03
CA ASN D 87 -10.21 -26.39 17.16
C ASN D 87 -9.67 -25.03 16.69
N GLN D 88 -10.52 -24.34 15.93
CA GLN D 88 -10.16 -23.07 15.33
C GLN D 88 -10.84 -21.92 16.07
N SER D 89 -10.16 -20.77 16.08
CA SER D 89 -10.68 -19.59 16.74
C SER D 89 -11.98 -19.13 16.09
N GLU D 90 -12.87 -18.58 16.91
CA GLU D 90 -14.18 -18.08 16.49
C GLU D 90 -14.11 -16.78 15.72
N ALA D 91 -12.92 -16.28 15.38
CA ALA D 91 -12.76 -14.99 14.73
C ALA D 91 -12.11 -15.08 13.35
N SER D 92 -12.01 -16.28 12.79
CA SER D 92 -11.44 -16.47 11.46
C SER D 92 -12.51 -16.94 10.49
N SER D 93 -12.38 -16.52 9.24
CA SER D 93 -13.31 -16.89 8.19
C SER D 93 -12.94 -18.24 7.58
N HIS D 94 -13.95 -19.03 7.24
CA HIS D 94 -13.75 -20.35 6.68
C HIS D 94 -14.84 -20.63 5.65
N THR D 95 -14.50 -21.46 4.67
CA THR D 95 -15.34 -21.72 3.51
C THR D 95 -15.59 -23.21 3.36
N LEU D 96 -16.87 -23.60 3.31
CA LEU D 96 -17.27 -24.98 3.12
C LEU D 96 -18.04 -25.09 1.81
N GLN D 97 -17.61 -26.01 0.94
CA GLN D 97 -18.20 -26.17 -0.38
C GLN D 97 -18.78 -27.56 -0.52
N TRP D 98 -19.84 -27.65 -1.33
CA TRP D 98 -20.57 -28.89 -1.54
C TRP D 98 -20.85 -29.07 -3.02
N MET D 99 -20.74 -30.31 -3.49
CA MET D 99 -21.01 -30.65 -4.88
C MET D 99 -21.73 -31.97 -4.96
N ILE D 100 -22.85 -32.01 -5.68
CA ILE D 100 -23.58 -33.24 -5.96
C ILE D 100 -23.92 -33.25 -7.44
N GLY D 101 -24.15 -34.44 -7.98
CA GLY D 101 -24.51 -34.54 -9.38
C GLY D 101 -24.52 -35.97 -9.87
N CYS D 102 -24.99 -36.12 -11.11
CA CYS D 102 -25.11 -37.40 -11.78
C CYS D 102 -24.72 -37.23 -13.24
N ASP D 103 -23.98 -38.21 -13.77
CA ASP D 103 -23.57 -38.21 -15.17
C ASP D 103 -24.35 -39.29 -15.92
N LEU D 104 -24.95 -38.91 -17.04
CA LEU D 104 -25.79 -39.80 -17.82
C LEU D 104 -24.96 -40.59 -18.82
N GLY D 105 -25.26 -41.89 -18.92
CA GLY D 105 -24.64 -42.75 -19.89
C GLY D 105 -25.43 -42.81 -21.20
N SER D 106 -24.84 -43.50 -22.18
CA SER D 106 -25.50 -43.64 -23.48
C SER D 106 -26.80 -44.42 -23.39
N ASP D 107 -26.98 -45.21 -22.34
CA ASP D 107 -28.20 -45.98 -22.13
C ASP D 107 -29.33 -45.16 -21.52
N GLY D 108 -29.07 -43.90 -21.16
CA GLY D 108 -30.05 -43.06 -20.50
C GLY D 108 -30.00 -43.12 -18.99
N ARG D 109 -29.48 -44.19 -18.43
CA ARG D 109 -29.26 -44.28 -16.99
C ARG D 109 -28.02 -43.47 -16.63
N LEU D 110 -27.61 -43.52 -15.37
CA LEU D 110 -26.43 -42.80 -14.94
C LEU D 110 -25.22 -43.74 -14.89
N ILE D 111 -24.04 -43.19 -15.14
CA ILE D 111 -22.81 -43.94 -15.06
C ILE D 111 -22.00 -43.60 -13.81
N ARG D 112 -22.02 -42.34 -13.37
CA ARG D 112 -21.20 -41.87 -12.27
C ARG D 112 -21.99 -40.88 -11.44
N GLY D 113 -21.95 -41.05 -10.12
CA GLY D 113 -22.61 -40.16 -9.20
C GLY D 113 -21.59 -39.48 -8.31
N TYR D 114 -21.88 -38.24 -7.93
CA TYR D 114 -20.93 -37.43 -7.17
C TYR D 114 -21.61 -36.81 -5.96
N GLU D 115 -20.90 -36.81 -4.84
CA GLU D 115 -21.22 -35.95 -3.71
C GLU D 115 -19.96 -35.82 -2.86
N ARG D 116 -19.51 -34.58 -2.64
CA ARG D 116 -18.28 -34.37 -1.90
C ARG D 116 -18.29 -32.99 -1.27
N TYR D 117 -17.63 -32.89 -0.12
CA TYR D 117 -17.52 -31.65 0.64
C TYR D 117 -16.06 -31.24 0.75
N ALA D 118 -15.81 -29.94 0.69
CA ALA D 118 -14.47 -29.40 0.86
C ALA D 118 -14.49 -28.29 1.90
N TYR D 119 -13.42 -28.24 2.70
CA TYR D 119 -13.28 -27.25 3.76
C TYR D 119 -12.02 -26.43 3.50
N ASP D 120 -12.21 -25.14 3.20
CA ASP D 120 -11.12 -24.21 2.92
C ASP D 120 -10.27 -24.68 1.74
N GLY D 121 -10.94 -24.84 0.60
CA GLY D 121 -10.26 -25.16 -0.65
C GLY D 121 -9.55 -26.50 -0.67
N LYS D 122 -9.85 -27.39 0.27
CA LYS D 122 -9.22 -28.70 0.33
C LYS D 122 -10.29 -29.76 0.54
N ASP D 123 -10.09 -30.92 -0.11
CA ASP D 123 -11.03 -32.03 0.03
C ASP D 123 -11.28 -32.36 1.50
N TYR D 124 -12.54 -32.51 1.87
CA TYR D 124 -12.87 -32.95 3.22
C TYR D 124 -13.51 -34.33 3.27
N LEU D 125 -14.59 -34.54 2.52
CA LEU D 125 -15.33 -35.80 2.58
C LEU D 125 -15.95 -36.08 1.22
N ALA D 126 -15.59 -37.21 0.63
CA ALA D 126 -16.10 -37.59 -0.69
C ALA D 126 -16.92 -38.87 -0.59
N LEU D 127 -17.94 -38.96 -1.44
CA LEU D 127 -18.73 -40.18 -1.58
C LEU D 127 -18.12 -41.03 -2.69
N ASN D 128 -17.79 -42.28 -2.36
CA ASN D 128 -17.09 -43.13 -3.30
C ASN D 128 -17.97 -43.46 -4.50
N GLU D 129 -17.32 -43.97 -5.56
CA GLU D 129 -18.03 -44.25 -6.80
C GLU D 129 -19.10 -45.33 -6.62
N ASP D 130 -18.86 -46.30 -5.73
CA ASP D 130 -19.87 -47.33 -5.48
C ASP D 130 -21.12 -46.79 -4.82
N LEU D 131 -21.08 -45.55 -4.33
CA LEU D 131 -22.23 -44.89 -3.71
C LEU D 131 -22.71 -45.65 -2.47
N ARG D 132 -21.80 -46.38 -1.83
CA ARG D 132 -22.10 -47.06 -0.57
C ARG D 132 -21.04 -46.86 0.51
N SER D 133 -19.87 -46.33 0.15
CA SER D 133 -18.80 -46.09 1.12
C SER D 133 -18.35 -44.64 0.99
N TRP D 134 -17.68 -44.17 2.04
CA TRP D 134 -17.21 -42.80 2.11
C TRP D 134 -15.69 -42.75 2.13
N THR D 135 -15.14 -41.59 1.75
CA THR D 135 -13.70 -41.37 1.75
C THR D 135 -13.41 -40.11 2.55
N ALA D 136 -12.71 -40.27 3.67
CA ALA D 136 -12.37 -39.17 4.56
C ALA D 136 -10.95 -38.68 4.25
N ALA D 137 -10.76 -37.36 4.35
CA ALA D 137 -9.49 -36.75 3.99
C ALA D 137 -8.52 -36.70 5.16
N ASP D 138 -8.99 -36.33 6.35
CA ASP D 138 -8.12 -36.23 7.52
C ASP D 138 -8.84 -36.84 8.71
N THR D 139 -8.20 -36.77 9.88
CA THR D 139 -8.77 -37.35 11.09
C THR D 139 -10.06 -36.64 11.50
N ALA D 140 -10.23 -35.38 11.12
CA ALA D 140 -11.48 -34.70 11.39
C ALA D 140 -12.59 -35.15 10.46
N ALA D 141 -12.25 -35.58 9.25
CA ALA D 141 -13.25 -36.04 8.30
C ALA D 141 -13.78 -37.43 8.65
N GLN D 142 -12.99 -38.24 9.36
CA GLN D 142 -13.44 -39.57 9.75
C GLN D 142 -14.56 -39.52 10.78
N ILE D 143 -14.72 -38.40 11.47
CA ILE D 143 -15.85 -38.23 12.38
C ILE D 143 -17.14 -38.03 11.60
N SER D 144 -17.11 -37.12 10.62
CA SER D 144 -18.26 -36.93 9.73
C SER D 144 -18.53 -38.19 8.93
N LYS D 145 -17.47 -38.90 8.53
CA LYS D 145 -17.64 -40.16 7.80
C LYS D 145 -18.34 -41.19 8.67
N ARG D 146 -17.88 -41.37 9.90
CA ARG D 146 -18.52 -42.32 10.81
C ARG D 146 -19.93 -41.88 11.20
N LYS D 147 -20.24 -40.59 11.08
CA LYS D 147 -21.63 -40.15 11.20
C LYS D 147 -22.47 -40.64 10.02
N CYS D 148 -21.95 -40.47 8.80
CA CYS D 148 -22.67 -40.91 7.62
C CYS D 148 -22.85 -42.42 7.59
N GLU D 149 -21.84 -43.17 8.06
CA GLU D 149 -21.99 -44.61 8.16
C GLU D 149 -22.95 -44.99 9.29
N ALA D 150 -22.99 -44.20 10.35
CA ALA D 150 -23.91 -44.49 11.46
C ALA D 150 -25.36 -44.36 11.01
N ALA D 151 -25.68 -43.27 10.32
CA ALA D 151 -27.05 -43.03 9.87
C ALA D 151 -27.37 -43.72 8.55
N ASN D 152 -26.35 -44.22 7.84
CA ASN D 152 -26.53 -44.88 6.54
C ASN D 152 -27.25 -43.95 5.55
N VAL D 153 -26.72 -42.73 5.43
CA VAL D 153 -27.32 -41.76 4.51
C VAL D 153 -26.94 -42.05 3.07
N ALA D 154 -25.91 -42.87 2.83
CA ALA D 154 -25.50 -43.17 1.46
C ALA D 154 -26.62 -43.82 0.67
N GLU D 155 -27.47 -44.61 1.32
CA GLU D 155 -28.64 -45.15 0.64
C GLU D 155 -29.56 -44.04 0.14
N GLN D 156 -29.73 -42.98 0.93
CA GLN D 156 -30.55 -41.86 0.50
C GLN D 156 -29.90 -41.09 -0.64
N ARG D 157 -28.61 -40.81 -0.51
CA ARG D 157 -27.92 -40.01 -1.53
C ARG D 157 -27.92 -40.71 -2.88
N ARG D 158 -27.56 -42.00 -2.89
CA ARG D 158 -27.58 -42.75 -4.15
C ARG D 158 -28.99 -42.98 -4.67
N ALA D 159 -30.00 -42.95 -3.79
CA ALA D 159 -31.38 -42.98 -4.27
C ALA D 159 -31.73 -41.71 -5.03
N TYR D 160 -31.20 -40.57 -4.58
CA TYR D 160 -31.37 -39.33 -5.32
C TYR D 160 -30.64 -39.37 -6.65
N LEU D 161 -29.43 -39.96 -6.67
CA LEU D 161 -28.62 -39.95 -7.88
C LEU D 161 -29.18 -40.90 -8.92
N GLU D 162 -29.49 -42.14 -8.53
CA GLU D 162 -30.03 -43.14 -9.45
C GLU D 162 -31.44 -42.78 -9.89
N GLY D 163 -32.16 -41.98 -9.10
CA GLY D 163 -33.55 -41.67 -9.30
C GLY D 163 -33.75 -40.24 -9.71
N THR D 164 -34.16 -39.40 -8.77
CA THR D 164 -34.51 -37.99 -8.96
C THR D 164 -33.54 -37.26 -9.87
N CYS D 165 -32.24 -37.45 -9.68
CA CYS D 165 -31.25 -36.71 -10.46
C CYS D 165 -31.37 -37.03 -11.95
N VAL D 166 -31.42 -38.31 -12.30
CA VAL D 166 -31.52 -38.70 -13.70
C VAL D 166 -32.89 -38.32 -14.27
N GLU D 167 -33.95 -38.53 -13.49
CA GLU D 167 -35.30 -38.25 -13.95
C GLU D 167 -35.47 -36.77 -14.30
N TRP D 168 -35.06 -35.88 -13.40
CA TRP D 168 -35.22 -34.45 -13.63
C TRP D 168 -34.23 -33.91 -14.64
N LEU D 169 -33.06 -34.56 -14.77
CA LEU D 169 -32.12 -34.15 -15.81
C LEU D 169 -32.70 -34.43 -17.19
N HIS D 170 -33.36 -35.56 -17.37
CA HIS D 170 -34.05 -35.84 -18.63
C HIS D 170 -35.16 -34.82 -18.87
N ARG D 171 -35.89 -34.44 -17.81
CA ARG D 171 -36.93 -33.42 -17.95
C ARG D 171 -36.34 -32.10 -18.41
N TYR D 172 -35.18 -31.72 -17.87
CA TYR D 172 -34.54 -30.46 -18.27
C TYR D 172 -34.04 -30.54 -19.71
N LEU D 173 -33.49 -31.68 -20.11
CA LEU D 173 -33.03 -31.84 -21.49
C LEU D 173 -34.19 -31.73 -22.48
N GLU D 174 -35.37 -32.22 -22.10
CA GLU D 174 -36.52 -32.15 -22.99
C GLU D 174 -37.08 -30.72 -23.05
N ASN D 175 -37.26 -30.09 -21.88
CA ASN D 175 -37.72 -28.71 -21.84
C ASN D 175 -36.71 -27.74 -22.42
N GLY D 176 -35.43 -28.11 -22.44
CA GLY D 176 -34.35 -27.26 -22.90
C GLY D 176 -33.74 -27.73 -24.20
N LYS D 177 -34.60 -28.22 -25.11
CA LYS D 177 -34.12 -28.86 -26.33
C LYS D 177 -33.21 -27.93 -27.14
N GLU D 178 -33.64 -26.69 -27.37
CA GLU D 178 -32.91 -25.80 -28.27
C GLU D 178 -31.57 -25.33 -27.69
N MET D 179 -31.42 -25.35 -26.37
CA MET D 179 -30.21 -24.83 -25.73
C MET D 179 -29.23 -25.91 -25.31
N LEU D 180 -29.72 -27.03 -24.76
CA LEU D 180 -28.84 -28.03 -24.16
C LEU D 180 -28.34 -29.05 -25.18
N GLN D 181 -29.22 -29.57 -26.02
CA GLN D 181 -28.87 -30.61 -26.98
C GLN D 181 -28.36 -30.03 -28.30
N ARG D 182 -27.97 -28.76 -28.32
CA ARG D 182 -27.46 -28.15 -29.54
C ARG D 182 -25.94 -28.30 -29.62
N ALA D 183 -25.38 -27.95 -30.78
CA ALA D 183 -23.94 -27.95 -30.97
C ALA D 183 -23.61 -26.85 -31.98
N ASP D 184 -23.17 -25.70 -31.47
CA ASP D 184 -22.76 -24.59 -32.32
C ASP D 184 -21.30 -24.73 -32.70
N PRO D 185 -20.96 -24.95 -33.97
CA PRO D 185 -19.56 -25.15 -34.34
C PRO D 185 -18.78 -23.85 -34.20
N PRO D 186 -17.47 -23.93 -33.95
CA PRO D 186 -16.69 -22.70 -33.77
C PRO D 186 -16.46 -21.96 -35.07
N LYS D 187 -16.28 -20.65 -34.95
CA LYS D 187 -15.87 -19.80 -36.06
C LYS D 187 -14.37 -19.52 -35.90
N THR D 188 -13.59 -19.90 -36.92
CA THR D 188 -12.15 -19.96 -36.80
C THR D 188 -11.48 -19.01 -37.80
N HIS D 189 -10.28 -18.57 -37.42
CA HIS D 189 -9.41 -17.76 -38.26
C HIS D 189 -8.03 -17.74 -37.63
N VAL D 190 -7.02 -17.47 -38.46
CA VAL D 190 -5.62 -17.50 -38.04
C VAL D 190 -5.06 -16.09 -38.15
N THR D 191 -4.33 -15.67 -37.12
CA THR D 191 -3.68 -14.37 -37.08
C THR D 191 -2.17 -14.54 -37.02
N HIS D 192 -1.46 -13.48 -37.38
CA HIS D 192 -0.01 -13.49 -37.49
C HIS D 192 0.55 -12.27 -36.79
N HIS D 193 1.30 -12.48 -35.72
CA HIS D 193 1.88 -11.39 -34.93
C HIS D 193 3.39 -11.56 -34.86
N PRO D 194 4.17 -10.66 -35.47
CA PRO D 194 5.62 -10.81 -35.43
C PRO D 194 6.17 -10.46 -34.04
N VAL D 195 7.14 -11.26 -33.59
CA VAL D 195 7.87 -10.97 -32.37
C VAL D 195 9.01 -10.04 -32.74
N PHE D 196 9.83 -10.48 -33.68
CA PHE D 196 10.90 -9.69 -34.27
C PHE D 196 11.28 -10.36 -35.57
N ASP D 197 11.98 -9.63 -36.42
CA ASP D 197 12.44 -10.18 -37.70
C ASP D 197 13.19 -11.48 -37.47
N TYR D 198 12.97 -12.46 -38.35
CA TYR D 198 13.37 -13.86 -38.27
C TYR D 198 12.52 -14.73 -37.33
N GLU D 199 11.51 -14.19 -36.66
CA GLU D 199 10.58 -15.03 -35.89
C GLU D 199 9.20 -14.42 -35.92
N ALA D 200 8.20 -15.26 -35.62
CA ALA D 200 6.81 -14.86 -35.76
C ALA D 200 5.94 -15.76 -34.89
N THR D 201 4.68 -15.36 -34.73
CA THR D 201 3.71 -16.09 -33.92
C THR D 201 2.44 -16.30 -34.71
N LEU D 202 1.99 -17.55 -34.81
CA LEU D 202 0.73 -17.90 -35.47
C LEU D 202 -0.29 -18.25 -34.41
N ARG D 203 -1.44 -17.58 -34.43
CA ARG D 203 -2.49 -17.79 -33.44
C ARG D 203 -3.74 -18.32 -34.14
N CYS D 204 -4.23 -19.46 -33.66
CA CYS D 204 -5.38 -20.13 -34.25
C CYS D 204 -6.57 -19.98 -33.31
N TRP D 205 -7.67 -19.46 -33.84
CA TRP D 205 -8.81 -19.07 -33.02
C TRP D 205 -9.98 -20.03 -33.18
N ALA D 206 -10.78 -20.13 -32.12
CA ALA D 206 -12.07 -20.81 -32.16
C ALA D 206 -13.01 -19.99 -31.30
N LEU D 207 -13.99 -19.34 -31.93
CA LEU D 207 -14.84 -18.37 -31.26
C LEU D 207 -16.30 -18.82 -31.30
N GLY D 208 -17.00 -18.58 -30.20
CA GLY D 208 -18.44 -18.79 -30.15
C GLY D 208 -18.90 -20.21 -30.42
N PHE D 209 -18.26 -21.19 -29.82
CA PHE D 209 -18.66 -22.58 -29.96
C PHE D 209 -19.36 -23.07 -28.70
N TYR D 210 -20.04 -24.21 -28.82
CA TYR D 210 -20.75 -24.85 -27.73
C TYR D 210 -20.96 -26.33 -28.05
N PRO D 211 -20.68 -27.24 -27.11
CA PRO D 211 -20.20 -26.97 -25.76
C PRO D 211 -18.71 -26.61 -25.67
N ALA D 212 -18.16 -26.65 -24.46
CA ALA D 212 -16.81 -26.17 -24.23
C ALA D 212 -15.74 -27.11 -24.76
N GLU D 213 -16.01 -28.42 -24.80
CA GLU D 213 -14.98 -29.37 -25.17
C GLU D 213 -14.56 -29.16 -26.62
N ILE D 214 -13.25 -29.01 -26.83
CA ILE D 214 -12.70 -28.71 -28.15
C ILE D 214 -11.22 -29.07 -28.12
N ILE D 215 -10.65 -29.38 -29.29
CA ILE D 215 -9.25 -29.75 -29.42
C ILE D 215 -8.61 -28.82 -30.44
N LEU D 216 -7.55 -28.12 -30.02
CA LEU D 216 -6.76 -27.27 -30.91
C LEU D 216 -5.33 -27.78 -30.90
N THR D 217 -4.85 -28.27 -32.03
CA THR D 217 -3.49 -28.77 -32.18
C THR D 217 -2.81 -28.09 -33.36
N TRP D 218 -1.57 -27.67 -33.15
CA TRP D 218 -0.76 -27.13 -34.23
C TRP D 218 0.12 -28.23 -34.81
N GLN D 219 0.33 -28.17 -36.12
CA GLN D 219 1.09 -29.20 -36.84
C GLN D 219 2.11 -28.56 -37.75
N ARG D 220 3.37 -29.01 -37.65
CA ARG D 220 4.42 -28.60 -38.57
C ARG D 220 4.70 -29.75 -39.53
N ASP D 221 4.49 -29.51 -40.82
CA ASP D 221 4.70 -30.52 -41.85
C ASP D 221 3.89 -31.78 -41.56
N GLY D 222 2.65 -31.59 -41.10
CA GLY D 222 1.80 -32.72 -40.76
C GLY D 222 2.24 -33.49 -39.54
N GLU D 223 2.87 -32.83 -38.58
CA GLU D 223 3.37 -33.49 -37.37
C GLU D 223 3.05 -32.62 -36.16
N ASP D 224 2.56 -33.24 -35.10
CA ASP D 224 2.15 -32.52 -33.90
C ASP D 224 3.32 -31.72 -33.32
N GLN D 225 2.97 -30.68 -32.58
CA GLN D 225 3.86 -29.57 -32.26
C GLN D 225 3.80 -29.22 -30.78
N THR D 226 3.83 -30.24 -29.92
CA THR D 226 3.72 -30.06 -28.48
C THR D 226 4.61 -28.92 -27.97
N GLN D 227 5.80 -28.78 -28.54
CA GLN D 227 6.78 -27.80 -28.08
C GLN D 227 6.53 -26.44 -28.73
N ASP D 228 6.84 -25.39 -27.96
CA ASP D 228 6.68 -23.99 -28.41
C ASP D 228 5.23 -23.68 -28.78
N VAL D 229 4.31 -24.00 -27.89
CA VAL D 229 2.88 -23.77 -28.11
C VAL D 229 2.23 -23.35 -26.80
N GLU D 230 1.52 -22.22 -26.83
CA GLU D 230 0.67 -21.81 -25.72
C GLU D 230 -0.77 -22.22 -26.00
N LEU D 231 -1.48 -22.62 -24.94
CA LEU D 231 -2.85 -23.11 -25.07
C LEU D 231 -3.64 -22.57 -23.87
N VAL D 232 -4.42 -21.52 -24.10
CA VAL D 232 -5.15 -20.84 -23.04
C VAL D 232 -6.32 -21.69 -22.57
N GLU D 233 -6.87 -21.34 -21.41
CA GLU D 233 -8.07 -21.98 -20.90
C GLU D 233 -9.27 -21.62 -21.76
N THR D 234 -10.19 -22.57 -21.92
CA THR D 234 -11.43 -22.30 -22.63
C THR D 234 -12.25 -21.31 -21.82
N ARG D 235 -12.34 -20.08 -22.32
CA ARG D 235 -12.93 -18.98 -21.58
C ARG D 235 -14.34 -18.68 -22.08
N PRO D 236 -15.23 -18.25 -21.19
CA PRO D 236 -16.60 -17.91 -21.62
C PRO D 236 -16.62 -16.60 -22.40
N ALA D 237 -17.46 -16.58 -23.44
CA ALA D 237 -17.63 -15.38 -24.25
C ALA D 237 -18.61 -14.40 -23.64
N GLY D 238 -19.52 -14.87 -22.78
CA GLY D 238 -20.51 -14.03 -22.13
C GLY D 238 -21.91 -14.20 -22.66
N ASP D 239 -22.10 -14.83 -23.81
CA ASP D 239 -23.41 -15.05 -24.40
C ASP D 239 -23.79 -16.52 -24.43
N GLY D 240 -23.24 -17.31 -23.50
CA GLY D 240 -23.47 -18.74 -23.47
C GLY D 240 -22.55 -19.55 -24.36
N THR D 241 -21.69 -18.89 -25.14
CA THR D 241 -20.74 -19.56 -26.01
C THR D 241 -19.35 -19.50 -25.39
N PHE D 242 -18.38 -20.13 -26.06
CA PHE D 242 -17.04 -20.26 -25.53
C PHE D 242 -16.02 -19.95 -26.62
N GLN D 243 -14.79 -19.69 -26.19
CA GLN D 243 -13.72 -19.36 -27.12
C GLN D 243 -12.38 -19.81 -26.53
N LYS D 244 -11.41 -19.97 -27.42
CA LYS D 244 -10.10 -20.53 -27.07
C LYS D 244 -9.17 -20.35 -28.27
N TRP D 245 -7.88 -20.17 -27.99
CA TRP D 245 -6.89 -20.08 -29.06
C TRP D 245 -5.62 -20.82 -28.67
N ALA D 246 -4.78 -21.07 -29.67
CA ALA D 246 -3.50 -21.74 -29.49
C ALA D 246 -2.47 -21.07 -30.39
N ALA D 247 -1.36 -20.63 -29.80
CA ALA D 247 -0.32 -19.93 -30.52
C ALA D 247 0.96 -20.75 -30.58
N VAL D 248 1.69 -20.61 -31.68
CA VAL D 248 2.97 -21.27 -31.88
C VAL D 248 3.96 -20.26 -32.44
N VAL D 249 5.18 -20.28 -31.91
CA VAL D 249 6.23 -19.35 -32.32
C VAL D 249 7.07 -20.05 -33.39
N VAL D 250 7.03 -19.51 -34.60
CA VAL D 250 7.73 -20.11 -35.74
C VAL D 250 8.82 -19.14 -36.19
N PRO D 251 9.84 -19.64 -36.86
CA PRO D 251 10.79 -18.75 -37.52
C PRO D 251 10.15 -18.12 -38.75
N SER D 252 10.54 -16.88 -39.04
CA SER D 252 9.99 -16.18 -40.20
C SER D 252 10.36 -16.91 -41.47
N GLY D 253 9.41 -16.97 -42.40
CA GLY D 253 9.60 -17.64 -43.66
C GLY D 253 9.09 -19.08 -43.70
N GLU D 254 8.71 -19.63 -42.54
CA GLU D 254 8.22 -21.00 -42.45
C GLU D 254 6.79 -21.05 -41.92
N GLU D 255 6.05 -19.94 -42.02
CA GLU D 255 4.70 -19.89 -41.49
C GLU D 255 3.73 -20.79 -42.26
N GLN D 256 4.03 -21.11 -43.51
CA GLN D 256 3.14 -21.93 -44.32
C GLN D 256 3.29 -23.42 -44.04
N ARG D 257 4.32 -23.83 -43.30
CA ARG D 257 4.47 -25.21 -42.91
C ARG D 257 3.51 -25.62 -41.80
N TYR D 258 2.83 -24.67 -41.17
CA TYR D 258 2.07 -24.91 -39.96
C TYR D 258 0.58 -24.90 -40.26
N THR D 259 -0.12 -25.90 -39.74
CA THR D 259 -1.57 -26.02 -39.90
C THR D 259 -2.21 -26.18 -38.53
N CYS D 260 -3.46 -25.72 -38.41
CA CYS D 260 -4.20 -25.79 -37.16
C CYS D 260 -5.31 -26.83 -37.30
N HIS D 261 -5.19 -27.93 -36.56
CA HIS D 261 -6.19 -28.99 -36.54
C HIS D 261 -7.15 -28.71 -35.39
N VAL D 262 -8.35 -28.25 -35.70
CA VAL D 262 -9.37 -27.99 -34.69
C VAL D 262 -10.43 -29.07 -34.79
N GLN D 263 -10.99 -29.44 -33.64
CA GLN D 263 -11.98 -30.52 -33.57
C GLN D 263 -13.08 -30.13 -32.59
N HIS D 264 -14.32 -30.20 -33.06
CA HIS D 264 -15.47 -29.87 -32.24
C HIS D 264 -16.66 -30.68 -32.72
N GLU D 265 -17.52 -31.09 -31.78
CA GLU D 265 -18.64 -31.96 -32.12
C GLU D 265 -19.64 -31.27 -33.04
N GLY D 266 -19.65 -29.94 -33.08
CA GLY D 266 -20.48 -29.20 -34.00
C GLY D 266 -19.98 -29.16 -35.43
N LEU D 267 -18.79 -29.71 -35.68
CA LEU D 267 -18.18 -29.72 -37.01
C LEU D 267 -18.45 -31.05 -37.70
N PRO D 268 -18.87 -31.04 -38.97
CA PRO D 268 -19.06 -32.30 -39.69
C PRO D 268 -17.75 -33.03 -39.94
N GLU D 269 -16.62 -32.32 -39.90
CA GLU D 269 -15.31 -32.92 -40.05
C GLU D 269 -14.29 -31.96 -39.49
N PRO D 270 -13.14 -32.43 -39.01
CA PRO D 270 -12.16 -31.52 -38.42
C PRO D 270 -11.66 -30.49 -39.42
N LEU D 271 -11.32 -29.32 -38.91
CA LEU D 271 -10.83 -28.21 -39.72
C LEU D 271 -9.31 -28.19 -39.69
N MET D 272 -8.70 -28.09 -40.87
CA MET D 272 -7.26 -27.92 -40.99
C MET D 272 -7.02 -26.55 -41.62
N LEU D 273 -6.59 -25.60 -40.79
CA LEU D 273 -6.39 -24.22 -41.20
C LEU D 273 -4.94 -23.97 -41.57
N ARG D 274 -4.72 -22.89 -42.31
CA ARG D 274 -3.39 -22.43 -42.66
C ARG D 274 -3.44 -20.93 -42.83
N TRP D 275 -2.43 -20.23 -42.34
CA TRP D 275 -2.47 -18.77 -42.33
C TRP D 275 -2.43 -18.22 -43.75
N LYS D 276 -3.42 -17.40 -44.08
CA LYS D 276 -3.42 -16.61 -45.30
C LYS D 276 -3.52 -15.14 -44.90
N GLN D 277 -3.04 -14.27 -45.78
CA GLN D 277 -2.86 -12.84 -45.47
C GLN D 277 -4.10 -12.18 -44.89
N MET E 1 -4.27 -22.84 5.70
CA MET E 1 -5.24 -23.38 4.75
C MET E 1 -4.75 -23.21 3.31
N ILE E 2 -5.59 -23.60 2.35
CA ILE E 2 -5.24 -23.55 0.95
C ILE E 2 -5.65 -22.20 0.37
N GLN E 3 -4.68 -21.46 -0.17
CA GLN E 3 -4.92 -20.23 -0.89
C GLN E 3 -4.25 -20.30 -2.25
N ARG E 4 -4.89 -19.70 -3.25
CA ARG E 4 -4.34 -19.70 -4.61
C ARG E 4 -4.73 -18.40 -5.29
N THR E 5 -3.74 -17.74 -5.91
CA THR E 5 -3.97 -16.43 -6.51
C THR E 5 -4.77 -16.57 -7.80
N PRO E 6 -5.62 -15.58 -8.11
CA PRO E 6 -6.44 -15.66 -9.32
C PRO E 6 -5.63 -15.56 -10.60
N LYS E 7 -6.10 -16.26 -11.62
CA LYS E 7 -5.61 -16.13 -12.98
C LYS E 7 -6.54 -15.23 -13.76
N ILE E 8 -5.98 -14.29 -14.52
CA ILE E 8 -6.74 -13.22 -15.16
C ILE E 8 -6.62 -13.36 -16.67
N GLN E 9 -7.75 -13.24 -17.36
CA GLN E 9 -7.79 -13.19 -18.82
C GLN E 9 -8.65 -12.01 -19.24
N VAL E 10 -8.06 -11.08 -19.99
CA VAL E 10 -8.77 -9.92 -20.52
C VAL E 10 -8.93 -10.11 -22.02
N TYR E 11 -10.17 -10.08 -22.49
CA TYR E 11 -10.46 -10.37 -23.89
C TYR E 11 -11.80 -9.71 -24.25
N SER E 12 -12.17 -9.88 -25.52
CA SER E 12 -13.41 -9.32 -26.05
C SER E 12 -14.31 -10.44 -26.55
N ARG E 13 -15.61 -10.14 -26.61
CA ARG E 13 -16.59 -11.15 -27.03
C ARG E 13 -16.43 -11.48 -28.51
N HIS E 14 -16.31 -10.47 -29.35
CA HIS E 14 -16.14 -10.62 -30.79
C HIS E 14 -14.77 -10.09 -31.21
N PRO E 15 -14.30 -10.45 -32.41
CA PRO E 15 -13.07 -9.83 -32.91
C PRO E 15 -13.22 -8.32 -32.98
N ALA E 16 -12.15 -7.62 -32.59
CA ALA E 16 -12.23 -6.17 -32.43
C ALA E 16 -12.13 -5.47 -33.78
N GLU E 17 -13.08 -4.57 -34.03
CA GLU E 17 -12.98 -3.61 -35.12
C GLU E 17 -13.45 -2.26 -34.59
N ASN E 18 -12.62 -1.24 -34.77
CA ASN E 18 -12.88 0.06 -34.16
C ASN E 18 -14.13 0.70 -34.76
N GLY E 19 -14.99 1.24 -33.90
CA GLY E 19 -16.23 1.86 -34.31
C GLY E 19 -17.46 1.01 -34.08
N LYS E 20 -17.31 -0.31 -33.98
CA LYS E 20 -18.42 -1.23 -33.76
C LYS E 20 -18.49 -1.61 -32.29
N SER E 21 -19.71 -1.71 -31.78
CA SER E 21 -19.93 -2.06 -30.38
C SER E 21 -19.49 -3.50 -30.11
N ASN E 22 -19.11 -3.75 -28.86
CA ASN E 22 -18.57 -5.04 -28.45
C ASN E 22 -18.68 -5.16 -26.94
N PHE E 23 -18.10 -6.22 -26.38
CA PHE E 23 -18.12 -6.47 -24.95
C PHE E 23 -16.71 -6.78 -24.48
N LEU E 24 -16.26 -6.09 -23.44
CA LEU E 24 -14.95 -6.34 -22.83
C LEU E 24 -15.13 -7.28 -21.65
N ASN E 25 -14.41 -8.39 -21.66
CA ASN E 25 -14.54 -9.42 -20.64
C ASN E 25 -13.25 -9.58 -19.86
N CYS E 26 -13.37 -9.74 -18.54
CA CYS E 26 -12.25 -10.07 -17.66
C CYS E 26 -12.63 -11.34 -16.89
N TYR E 27 -12.06 -12.47 -17.31
CA TYR E 27 -12.36 -13.76 -16.71
C TYR E 27 -11.34 -14.04 -15.61
N VAL E 28 -11.81 -14.01 -14.36
CA VAL E 28 -10.95 -14.21 -13.19
C VAL E 28 -11.31 -15.57 -12.61
N SER E 29 -10.40 -16.54 -12.74
CA SER E 29 -10.64 -17.91 -12.33
C SER E 29 -9.53 -18.39 -11.41
N GLY E 30 -9.77 -19.54 -10.80
CA GLY E 30 -8.77 -20.22 -9.99
C GLY E 30 -8.25 -19.47 -8.79
N PHE E 31 -9.13 -18.86 -8.02
CA PHE E 31 -8.74 -18.16 -6.80
C PHE E 31 -9.52 -18.69 -5.60
N HIS E 32 -8.93 -18.54 -4.43
CA HIS E 32 -9.51 -18.96 -3.16
C HIS E 32 -8.86 -18.14 -2.04
N PRO E 33 -9.64 -17.58 -1.11
CA PRO E 33 -11.10 -17.69 -0.97
C PRO E 33 -11.90 -16.87 -1.98
N SER E 34 -13.20 -16.76 -1.73
CA SER E 34 -14.12 -16.20 -2.73
C SER E 34 -14.07 -14.67 -2.77
N ASP E 35 -13.77 -14.02 -1.63
CA ASP E 35 -13.79 -12.57 -1.59
C ASP E 35 -12.71 -11.99 -2.50
N ILE E 36 -13.12 -11.06 -3.38
CA ILE E 36 -12.24 -10.52 -4.40
C ILE E 36 -12.81 -9.19 -4.88
N GLU E 37 -11.94 -8.35 -5.44
CA GLU E 37 -12.35 -7.09 -6.05
C GLU E 37 -11.85 -7.05 -7.49
N VAL E 38 -12.73 -6.66 -8.42
CA VAL E 38 -12.39 -6.60 -9.84
C VAL E 38 -12.97 -5.32 -10.42
N ASP E 39 -12.16 -4.60 -11.19
CA ASP E 39 -12.58 -3.39 -11.88
C ASP E 39 -12.08 -3.41 -13.31
N LEU E 40 -12.82 -2.76 -14.20
CA LEU E 40 -12.43 -2.60 -15.59
C LEU E 40 -12.00 -1.15 -15.80
N LEU E 41 -10.78 -0.95 -16.29
CA LEU E 41 -10.18 0.37 -16.41
C LEU E 41 -10.20 0.81 -17.87
N LYS E 42 -10.80 1.97 -18.12
CA LYS E 42 -10.79 2.59 -19.44
C LYS E 42 -9.83 3.77 -19.40
N ASN E 43 -8.68 3.61 -20.07
CA ASN E 43 -7.62 4.62 -20.08
C ASN E 43 -7.17 4.99 -18.67
N GLY E 44 -7.17 4.02 -17.77
CA GLY E 44 -6.75 4.23 -16.39
C GLY E 44 -7.85 4.53 -15.42
N GLU E 45 -9.02 4.96 -15.90
CA GLU E 45 -10.15 5.31 -15.04
C GLU E 45 -11.11 4.12 -14.95
N ARG E 46 -11.62 3.89 -13.74
CA ARG E 46 -12.56 2.79 -13.51
C ARG E 46 -13.86 3.04 -14.27
N ILE E 47 -14.36 2.00 -14.93
CA ILE E 47 -15.63 2.07 -15.65
C ILE E 47 -16.76 1.80 -14.67
N GLU E 48 -17.86 2.52 -14.82
CA GLU E 48 -19.05 2.26 -14.03
C GLU E 48 -19.97 1.31 -14.79
N LYS E 49 -21.17 1.08 -14.25
CA LYS E 49 -22.20 0.21 -14.81
C LYS E 49 -21.63 -1.11 -15.31
N VAL E 50 -20.68 -1.66 -14.57
CA VAL E 50 -20.05 -2.93 -14.91
C VAL E 50 -20.85 -4.06 -14.27
N GLU E 51 -21.12 -5.11 -15.04
CA GLU E 51 -21.83 -6.27 -14.55
C GLU E 51 -20.87 -7.46 -14.42
N HIS E 52 -21.32 -8.48 -13.70
CA HIS E 52 -20.54 -9.69 -13.53
C HIS E 52 -21.46 -10.89 -13.47
N SER E 53 -20.94 -12.04 -13.87
CA SER E 53 -21.70 -13.28 -13.80
C SER E 53 -21.87 -13.71 -12.34
N ASP E 54 -22.61 -14.80 -12.14
CA ASP E 54 -22.83 -15.34 -10.81
C ASP E 54 -21.61 -16.13 -10.35
N LEU E 55 -21.21 -15.91 -9.10
CA LEU E 55 -20.02 -16.55 -8.56
C LEU E 55 -20.25 -18.05 -8.43
N SER E 56 -19.37 -18.85 -9.04
CA SER E 56 -19.37 -20.30 -8.92
C SER E 56 -17.94 -20.76 -8.73
N PHE E 57 -17.75 -22.08 -8.67
CA PHE E 57 -16.42 -22.63 -8.54
C PHE E 57 -16.29 -23.89 -9.39
N SER E 58 -15.03 -24.27 -9.61
CA SER E 58 -14.65 -25.34 -10.52
C SER E 58 -14.57 -26.67 -9.76
N LYS E 59 -14.03 -27.70 -10.43
CA LYS E 59 -13.93 -29.03 -9.84
C LYS E 59 -12.89 -29.06 -8.73
N ASP E 60 -11.83 -28.26 -8.85
CA ASP E 60 -10.76 -28.21 -7.87
C ASP E 60 -11.06 -27.25 -6.73
N TRP E 61 -12.34 -26.90 -6.54
CA TRP E 61 -12.84 -26.05 -5.47
C TRP E 61 -12.39 -24.60 -5.59
N SER E 62 -11.80 -24.20 -6.71
CA SER E 62 -11.41 -22.82 -6.92
C SER E 62 -12.51 -22.09 -7.67
N PHE E 63 -12.74 -20.84 -7.28
CA PHE E 63 -13.83 -20.06 -7.84
C PHE E 63 -13.45 -19.47 -9.18
N TYR E 64 -14.48 -19.03 -9.93
CA TYR E 64 -14.27 -18.31 -11.17
C TYR E 64 -15.37 -17.26 -11.33
N LEU E 65 -15.03 -16.18 -12.01
CA LEU E 65 -15.94 -15.06 -12.19
C LEU E 65 -15.69 -14.43 -13.54
N LEU E 66 -16.74 -13.83 -14.12
CA LEU E 66 -16.64 -13.14 -15.40
C LEU E 66 -17.24 -11.75 -15.25
N TYR E 67 -16.45 -10.72 -15.55
CA TYR E 67 -16.89 -9.35 -15.59
C TYR E 67 -16.96 -8.88 -17.04
N TYR E 68 -17.94 -8.03 -17.34
CA TYR E 68 -18.10 -7.57 -18.71
C TYR E 68 -18.89 -6.26 -18.73
N THR E 69 -18.72 -5.53 -19.84
CA THR E 69 -19.44 -4.29 -20.08
C THR E 69 -19.37 -3.98 -21.56
N GLU E 70 -20.39 -3.25 -22.04
CA GLU E 70 -20.39 -2.81 -23.43
C GLU E 70 -19.33 -1.74 -23.65
N PHE E 71 -18.72 -1.75 -24.84
CA PHE E 71 -17.74 -0.74 -25.19
C PHE E 71 -17.53 -0.75 -26.70
N THR E 72 -17.13 0.42 -27.23
CA THR E 72 -16.73 0.54 -28.62
C THR E 72 -15.23 0.76 -28.68
N PRO E 73 -14.45 -0.19 -29.20
CA PRO E 73 -12.99 -0.05 -29.16
C PRO E 73 -12.51 1.10 -30.02
N THR E 74 -11.28 1.53 -29.74
CA THR E 74 -10.61 2.60 -30.46
C THR E 74 -9.14 2.26 -30.58
N GLU E 75 -8.50 2.75 -31.65
CA GLU E 75 -7.07 2.57 -31.83
C GLU E 75 -6.29 3.14 -30.64
N LYS E 76 -6.82 4.16 -29.99
CA LYS E 76 -6.14 4.86 -28.90
C LYS E 76 -6.55 4.37 -27.52
N ASP E 77 -7.84 4.10 -27.30
CA ASP E 77 -8.34 3.79 -25.97
C ASP E 77 -7.74 2.48 -25.45
N GLU E 78 -7.16 2.54 -24.25
CA GLU E 78 -6.61 1.37 -23.58
C GLU E 78 -7.60 0.86 -22.54
N TYR E 79 -7.85 -0.43 -22.56
CA TYR E 79 -8.70 -1.09 -21.57
C TYR E 79 -7.88 -2.11 -20.79
N ALA E 80 -8.19 -2.24 -19.50
CA ALA E 80 -7.45 -3.15 -18.64
C ALA E 80 -8.39 -3.68 -17.56
N CYS E 81 -7.85 -4.58 -16.73
CA CYS E 81 -8.61 -5.20 -15.66
C CYS E 81 -7.77 -5.19 -14.39
N ARG E 82 -8.28 -4.56 -13.35
CA ARG E 82 -7.59 -4.47 -12.07
C ARG E 82 -8.25 -5.43 -11.08
N VAL E 83 -7.47 -6.34 -10.52
CA VAL E 83 -7.96 -7.38 -9.62
C VAL E 83 -7.17 -7.30 -8.32
N ASN E 84 -7.89 -7.12 -7.21
CA ASN E 84 -7.30 -7.12 -5.88
C ASN E 84 -7.80 -8.34 -5.12
N HIS E 85 -6.87 -9.14 -4.61
CA HIS E 85 -7.20 -10.37 -3.91
C HIS E 85 -6.29 -10.50 -2.70
N VAL E 86 -6.75 -11.28 -1.71
CA VAL E 86 -6.01 -11.42 -0.46
C VAL E 86 -4.62 -11.98 -0.72
N THR E 87 -4.46 -12.80 -1.75
CA THR E 87 -3.17 -13.39 -2.08
C THR E 87 -2.21 -12.43 -2.77
N LEU E 88 -2.66 -11.22 -3.10
CA LEU E 88 -1.84 -10.25 -3.82
C LEU E 88 -1.35 -9.17 -2.86
N SER E 89 -0.04 -8.94 -2.85
CA SER E 89 0.51 -7.84 -2.06
C SER E 89 0.08 -6.49 -2.61
N GLN E 90 -0.07 -6.38 -3.92
CA GLN E 90 -0.56 -5.19 -4.60
C GLN E 90 -1.47 -5.63 -5.73
N PRO E 91 -2.51 -4.84 -6.04
CA PRO E 91 -3.46 -5.27 -7.07
C PRO E 91 -2.77 -5.48 -8.42
N LYS E 92 -3.35 -6.38 -9.20
CA LYS E 92 -2.79 -6.78 -10.49
C LYS E 92 -3.60 -6.15 -11.62
N ILE E 93 -2.91 -5.46 -12.52
CA ILE E 93 -3.53 -4.81 -13.67
C ILE E 93 -3.06 -5.52 -14.93
N VAL E 94 -4.02 -6.07 -15.68
CA VAL E 94 -3.74 -6.77 -16.94
C VAL E 94 -4.35 -5.95 -18.07
N LYS E 95 -3.49 -5.45 -18.96
CA LYS E 95 -3.95 -4.69 -20.11
C LYS E 95 -4.56 -5.61 -21.16
N TRP E 96 -5.51 -5.07 -21.92
CA TRP E 96 -6.20 -5.83 -22.96
C TRP E 96 -5.41 -5.76 -24.25
N ASP E 97 -4.80 -6.89 -24.62
CA ASP E 97 -4.18 -7.04 -25.94
C ASP E 97 -5.22 -7.68 -26.86
N ARG E 98 -5.72 -6.89 -27.82
CA ARG E 98 -6.78 -7.37 -28.70
C ARG E 98 -6.35 -8.57 -29.54
N ASP E 99 -5.06 -8.87 -29.61
CA ASP E 99 -4.56 -10.06 -30.29
C ASP E 99 -4.63 -11.30 -29.41
N MET E 100 -5.12 -11.19 -28.18
CA MET E 100 -5.20 -12.32 -27.27
C MET E 100 -6.63 -12.49 -26.75
N ARG F 1 -33.66 -29.92 -9.87
CA ARG F 1 -34.23 -30.56 -8.70
C ARG F 1 -33.15 -30.92 -7.68
N ILE F 2 -32.98 -30.04 -6.68
CA ILE F 2 -31.93 -30.27 -5.68
C ILE F 2 -32.35 -31.41 -4.75
N ILE F 3 -31.35 -31.96 -4.06
CA ILE F 3 -31.61 -33.01 -3.07
C ILE F 3 -32.30 -32.38 -1.86
N PRO F 4 -33.26 -33.07 -1.22
CA PRO F 4 -34.01 -32.42 -0.14
C PRO F 4 -33.19 -32.05 1.08
N ARG F 5 -32.13 -32.79 1.40
CA ARG F 5 -31.43 -32.63 2.66
C ARG F 5 -29.94 -32.48 2.44
N HIS F 6 -29.30 -31.76 3.36
CA HIS F 6 -27.87 -31.57 3.39
C HIS F 6 -27.27 -32.46 4.47
N LEU F 7 -26.03 -32.90 4.25
CA LEU F 7 -25.36 -33.80 5.19
C LEU F 7 -24.98 -33.06 6.46
N GLN F 8 -25.29 -33.66 7.61
CA GLN F 8 -24.84 -33.15 8.90
C GLN F 8 -23.47 -33.74 9.18
N LEU F 9 -22.44 -32.89 9.15
CA LEU F 9 -21.06 -33.35 9.33
C LEU F 9 -20.65 -33.31 10.79
N HIS G 1 -12.98 7.91 45.91
CA HIS G 1 -14.32 8.32 45.50
C HIS G 1 -14.37 9.84 45.32
N LEU G 2 -13.63 10.56 46.19
CA LEU G 2 -13.50 12.01 46.02
C LEU G 2 -12.61 12.40 44.86
N PRO G 3 -11.35 11.97 44.79
CA PRO G 3 -10.41 12.58 43.85
C PRO G 3 -10.50 11.98 42.45
N LYS G 4 -10.09 12.78 41.47
CA LYS G 4 -10.07 12.33 40.09
C LYS G 4 -8.89 11.39 39.87
N PRO G 5 -9.07 10.35 39.07
CA PRO G 5 -7.98 9.39 38.81
C PRO G 5 -7.04 9.91 37.72
N THR G 6 -6.03 9.10 37.41
CA THR G 6 -5.05 9.40 36.37
C THR G 6 -5.32 8.51 35.17
N LEU G 7 -5.29 9.10 33.98
CA LEU G 7 -5.55 8.38 32.73
C LEU G 7 -4.38 8.60 31.79
N TRP G 8 -3.68 7.51 31.44
CA TRP G 8 -2.59 7.58 30.48
C TRP G 8 -2.63 6.35 29.58
N ALA G 9 -1.73 6.34 28.59
CA ALA G 9 -1.65 5.27 27.61
C ALA G 9 -0.23 4.74 27.55
N GLU G 10 -0.12 3.44 27.28
CA GLU G 10 1.17 2.77 27.13
C GLU G 10 1.23 2.10 25.76
N PRO G 11 2.31 2.31 24.99
CA PRO G 11 3.48 3.09 25.39
C PRO G 11 3.36 4.59 25.17
N GLY G 12 2.21 5.04 24.64
CA GLY G 12 2.03 6.47 24.40
C GLY G 12 0.66 6.74 23.84
N SER G 13 0.35 8.03 23.72
CA SER G 13 -0.94 8.48 23.19
C SER G 13 -0.94 8.64 21.68
N VAL G 14 0.24 8.67 21.05
CA VAL G 14 0.36 8.81 19.60
C VAL G 14 0.88 7.48 19.07
N ILE G 15 0.03 6.74 18.35
CA ILE G 15 0.31 5.38 17.94
C ILE G 15 0.19 5.27 16.43
N THR G 16 1.11 4.53 15.81
CA THR G 16 0.99 4.20 14.40
C THR G 16 -0.17 3.23 14.18
N GLN G 17 -0.79 3.34 13.01
CA GLN G 17 -1.95 2.51 12.68
C GLN G 17 -1.57 1.03 12.72
N GLY G 18 -2.37 0.23 13.41
CA GLY G 18 -2.12 -1.17 13.57
C GLY G 18 -1.30 -1.55 14.79
N SER G 19 -0.48 -0.63 15.31
CA SER G 19 0.35 -0.96 16.46
C SER G 19 -0.51 -1.05 17.72
N PRO G 20 -0.17 -1.94 18.65
CA PRO G 20 -0.96 -2.07 19.87
C PRO G 20 -0.73 -0.91 20.82
N VAL G 21 -1.72 -0.69 21.69
CA VAL G 21 -1.64 0.28 22.77
C VAL G 21 -2.48 -0.24 23.93
N THR G 22 -2.34 0.40 25.08
CA THR G 22 -3.04 -0.04 26.28
C THR G 22 -3.43 1.18 27.11
N LEU G 23 -4.71 1.55 27.07
CA LEU G 23 -5.19 2.62 27.93
C LEU G 23 -5.15 2.17 29.39
N ARG G 24 -5.05 3.14 30.29
CA ARG G 24 -4.80 2.84 31.69
C ARG G 24 -5.37 3.94 32.57
N CYS G 25 -6.31 3.59 33.44
CA CYS G 25 -6.86 4.51 34.43
C CYS G 25 -6.49 4.00 35.82
N GLN G 26 -6.16 4.93 36.71
CA GLN G 26 -5.65 4.57 38.03
C GLN G 26 -6.14 5.58 39.06
N GLY G 27 -6.86 5.10 40.06
CA GLY G 27 -7.36 5.96 41.12
C GLY G 27 -6.36 6.16 42.23
N THR G 31 -11.72 2.39 44.17
CA THR G 31 -10.29 2.25 43.97
C THR G 31 -9.98 1.20 42.91
N GLN G 32 -10.99 0.43 42.53
CA GLN G 32 -10.83 -0.56 41.47
C GLN G 32 -11.92 -0.53 40.40
N GLU G 33 -13.09 0.03 40.67
CA GLU G 33 -14.19 0.02 39.70
C GLU G 33 -14.09 1.27 38.84
N TYR G 34 -13.41 1.16 37.71
CA TYR G 34 -13.19 2.26 36.78
C TYR G 34 -14.18 2.20 35.63
N ARG G 35 -14.40 3.36 35.00
CA ARG G 35 -15.30 3.48 33.86
C ARG G 35 -14.71 4.48 32.87
N LEU G 36 -14.36 4.01 31.69
CA LEU G 36 -13.75 4.82 30.65
C LEU G 36 -14.78 5.10 29.56
N TYR G 37 -14.63 6.25 28.89
CA TYR G 37 -15.55 6.64 27.83
C TYR G 37 -14.87 7.63 26.90
N ARG G 38 -15.38 7.71 25.66
CA ARG G 38 -14.95 8.75 24.73
C ARG G 38 -15.90 9.94 24.84
N GLU G 39 -15.38 11.14 24.55
CA GLU G 39 -16.09 12.36 24.90
C GLU G 39 -17.37 12.54 24.10
N LYS G 40 -17.26 12.60 22.77
CA LYS G 40 -18.42 12.97 21.95
C LYS G 40 -19.12 11.78 21.31
N LYS G 41 -18.37 10.76 20.91
CA LYS G 41 -18.93 9.60 20.23
C LYS G 41 -18.61 8.35 21.05
N THR G 42 -19.64 7.57 21.36
CA THR G 42 -19.44 6.38 22.17
C THR G 42 -18.53 5.39 21.44
N ALA G 43 -17.57 4.83 22.17
CA ALA G 43 -16.63 3.88 21.60
C ALA G 43 -17.08 2.47 21.96
N PRO G 44 -17.62 1.70 21.02
CA PRO G 44 -18.10 0.35 21.36
C PRO G 44 -17.00 -0.62 21.76
N TRP G 45 -15.74 -0.33 21.44
CA TRP G 45 -14.67 -1.28 21.75
C TRP G 45 -14.42 -1.41 23.25
N ILE G 46 -14.85 -0.44 24.06
CA ILE G 46 -14.60 -0.50 25.49
C ILE G 46 -15.48 -1.55 26.16
N THR G 47 -16.74 -1.66 25.72
CA THR G 47 -17.69 -2.57 26.35
C THR G 47 -17.36 -4.04 26.11
N ARG G 48 -16.34 -4.32 25.29
CA ARG G 48 -15.90 -5.69 25.04
C ARG G 48 -14.69 -6.09 25.87
N ILE G 49 -14.09 -5.15 26.60
CA ILE G 49 -12.92 -5.47 27.42
C ILE G 49 -13.36 -6.33 28.60
N PRO G 50 -12.66 -7.43 28.90
CA PRO G 50 -13.07 -8.28 30.03
C PRO G 50 -13.07 -7.50 31.35
N GLN G 51 -14.06 -7.84 32.20
CA GLN G 51 -14.18 -7.18 33.49
C GLN G 51 -12.94 -7.40 34.35
N GLU G 52 -12.25 -8.53 34.17
CA GLU G 52 -11.02 -8.79 34.90
C GLU G 52 -9.99 -7.69 34.68
N LEU G 53 -9.98 -7.09 33.49
CA LEU G 53 -9.08 -5.97 33.19
C LEU G 53 -9.66 -4.63 33.59
N VAL G 54 -10.99 -4.46 33.46
CA VAL G 54 -11.62 -3.20 33.84
C VAL G 54 -11.46 -2.93 35.34
N LYS G 55 -11.44 -4.00 36.15
CA LYS G 55 -11.24 -3.83 37.58
C LYS G 55 -9.85 -3.34 37.93
N LYS G 56 -8.87 -3.51 37.02
CA LYS G 56 -7.49 -3.11 37.27
C LYS G 56 -7.09 -1.87 36.49
N GLY G 57 -8.03 -1.22 35.83
CA GLY G 57 -7.72 -0.04 35.05
C GLY G 57 -6.85 -0.32 33.84
N GLN G 58 -7.04 -1.47 33.19
CA GLN G 58 -6.29 -1.85 32.01
C GLN G 58 -7.28 -2.02 30.86
N PHE G 59 -7.18 -1.14 29.86
CA PHE G 59 -8.05 -1.17 28.69
C PHE G 59 -7.17 -1.42 27.47
N PRO G 60 -6.87 -2.68 27.17
CA PRO G 60 -5.92 -2.98 26.09
C PRO G 60 -6.56 -2.86 24.72
N ILE G 61 -5.82 -2.26 23.80
CA ILE G 61 -6.17 -2.21 22.38
C ILE G 61 -5.17 -3.11 21.65
N PRO G 62 -5.58 -4.31 21.21
CA PRO G 62 -4.61 -5.22 20.58
C PRO G 62 -4.02 -4.69 19.29
N SER G 63 -4.80 -3.96 18.50
CA SER G 63 -4.30 -3.34 17.27
C SER G 63 -5.15 -2.10 17.00
N ILE G 64 -4.51 -0.94 17.05
CA ILE G 64 -5.25 0.32 16.97
C ILE G 64 -5.72 0.57 15.54
N THR G 65 -6.90 1.17 15.42
CA THR G 65 -7.47 1.55 14.14
C THR G 65 -8.07 2.94 14.28
N TRP G 66 -8.62 3.46 13.19
CA TRP G 66 -9.10 4.84 13.16
C TRP G 66 -10.37 5.02 14.00
N GLU G 67 -11.13 3.96 14.24
CA GLU G 67 -12.31 4.06 15.08
C GLU G 67 -11.98 4.25 16.56
N HIS G 68 -10.71 4.10 16.93
CA HIS G 68 -10.30 4.21 18.32
C HIS G 68 -9.82 5.62 18.69
N ALA G 69 -9.28 6.36 17.72
CA ALA G 69 -8.74 7.68 18.02
C ALA G 69 -9.84 8.61 18.52
N GLY G 70 -9.50 9.44 19.50
CA GLY G 70 -10.45 10.36 20.08
C GLY G 70 -10.01 10.80 21.46
N ARG G 71 -10.88 11.59 22.07
CA ARG G 71 -10.64 12.16 23.40
C ARG G 71 -11.34 11.29 24.44
N TYR G 72 -10.57 10.77 25.39
CA TYR G 72 -11.07 9.83 26.38
C TYR G 72 -10.95 10.42 27.79
N ARG G 73 -11.90 10.05 28.64
CA ARG G 73 -11.87 10.39 30.05
C ARG G 73 -12.29 9.16 30.86
N CYS G 74 -12.05 9.24 32.17
CA CYS G 74 -12.28 8.10 33.05
C CYS G 74 -12.72 8.60 34.42
N TYR G 75 -13.76 7.96 34.97
CA TYR G 75 -14.22 8.26 36.32
C TYR G 75 -14.48 6.95 37.06
N TYR G 76 -14.65 7.05 38.37
CA TYR G 76 -14.79 5.88 39.22
C TYR G 76 -15.55 6.27 40.48
N GLY G 77 -15.57 5.36 41.45
CA GLY G 77 -16.23 5.59 42.72
C GLY G 77 -17.71 5.31 42.64
N SER G 78 -18.25 4.68 43.69
CA SER G 78 -19.69 4.41 43.73
C SER G 78 -20.12 4.13 45.15
N ASP G 79 -21.44 4.11 45.34
CA ASP G 79 -22.24 3.49 46.39
C ASP G 79 -22.10 4.19 47.73
N THR G 80 -21.26 5.21 47.82
CA THR G 80 -21.34 6.25 48.85
C THR G 80 -20.52 7.42 48.33
N ALA G 81 -21.14 8.60 48.20
CA ALA G 81 -20.45 9.76 47.64
C ALA G 81 -19.73 9.39 46.34
N GLY G 82 -20.41 8.64 45.49
CA GLY G 82 -19.74 7.84 44.48
C GLY G 82 -18.93 8.54 43.42
N ARG G 83 -19.60 9.33 42.57
CA ARG G 83 -18.93 9.87 41.39
C ARG G 83 -17.79 10.80 41.77
N SER G 84 -16.63 10.57 41.15
CA SER G 84 -15.52 11.50 41.20
C SER G 84 -15.48 12.31 39.90
N GLU G 85 -14.75 13.42 39.94
CA GLU G 85 -14.54 14.20 38.73
C GLU G 85 -13.77 13.38 37.70
N SER G 86 -14.07 13.60 36.43
CA SER G 86 -13.46 12.83 35.36
C SER G 86 -11.96 13.09 35.31
N SER G 87 -11.21 12.09 34.84
CA SER G 87 -9.78 12.24 34.69
C SER G 87 -9.47 13.24 33.59
N ASP G 88 -8.23 13.72 33.57
CA ASP G 88 -7.81 14.66 32.54
C ASP G 88 -7.92 14.00 31.18
N PRO G 89 -8.28 14.75 30.14
CA PRO G 89 -8.54 14.14 28.83
C PRO G 89 -7.26 13.60 28.20
N LEU G 90 -7.37 12.42 27.59
CA LEU G 90 -6.29 11.79 26.85
C LEU G 90 -6.70 11.67 25.40
N GLU G 91 -6.01 12.39 24.52
CA GLU G 91 -6.33 12.43 23.09
C GLU G 91 -5.55 11.32 22.40
N LEU G 92 -6.15 10.14 22.34
CA LEU G 92 -5.52 9.01 21.66
C LEU G 92 -5.49 9.27 20.16
N VAL G 93 -4.28 9.27 19.58
CA VAL G 93 -4.08 9.63 18.19
C VAL G 93 -3.57 8.41 17.42
N VAL G 94 -3.99 8.30 16.16
CA VAL G 94 -3.52 7.28 15.24
C VAL G 94 -2.86 7.98 14.06
N THR G 95 -1.66 7.55 13.71
CA THR G 95 -0.91 8.15 12.61
C THR G 95 -0.95 7.26 11.38
N GLY G 96 -0.50 7.82 10.26
CA GLY G 96 -0.45 7.10 9.00
C GLY G 96 -1.59 7.37 8.05
N ALA G 97 -2.35 8.46 8.26
CA ALA G 97 -3.52 8.71 7.43
C ALA G 97 -3.16 9.35 6.11
N TYR G 98 -2.14 10.22 6.10
CA TYR G 98 -1.78 10.97 4.90
C TYR G 98 -0.31 10.86 4.56
N ILE G 99 0.14 11.63 3.56
CA ILE G 99 1.55 11.59 3.17
C ILE G 99 2.41 12.28 4.22
N LYS G 100 3.70 12.02 4.13
CA LYS G 100 4.65 12.57 5.11
C LYS G 100 5.00 14.00 4.73
N PRO G 101 4.98 14.93 5.68
CA PRO G 101 5.40 16.31 5.41
C PRO G 101 6.92 16.41 5.30
N THR G 102 7.39 17.65 5.11
CA THR G 102 8.81 17.94 5.01
C THR G 102 9.21 18.92 6.11
N LEU G 103 10.08 18.49 7.01
CA LEU G 103 10.59 19.32 8.10
C LEU G 103 11.91 19.95 7.68
N SER G 104 11.99 21.27 7.80
CA SER G 104 13.18 22.02 7.40
C SER G 104 13.48 23.10 8.42
N ALA G 105 14.76 23.27 8.74
CA ALA G 105 15.22 24.30 9.66
C ALA G 105 15.60 25.56 8.89
N GLN G 106 15.19 26.71 9.42
CA GLN G 106 15.42 27.99 8.76
C GLN G 106 16.10 28.94 9.75
N PRO G 107 17.15 29.66 9.31
CA PRO G 107 17.70 29.55 7.96
C PRO G 107 18.81 28.51 7.89
N SER G 108 19.18 27.97 9.05
CA SER G 108 20.28 27.02 9.17
C SER G 108 19.98 26.06 10.31
N PRO G 109 20.30 24.78 10.17
CA PRO G 109 20.13 23.83 11.27
C PRO G 109 21.22 23.89 12.32
N VAL G 110 22.08 24.90 12.28
CA VAL G 110 23.27 25.00 13.14
C VAL G 110 23.10 26.26 13.98
N VAL G 111 22.70 26.10 15.23
CA VAL G 111 22.72 27.19 16.20
C VAL G 111 23.69 26.81 17.32
N ASN G 112 24.21 27.83 18.01
CA ASN G 112 25.38 27.57 18.85
C ASN G 112 25.03 27.15 20.28
N SER G 113 24.28 27.99 21.01
CA SER G 113 23.82 27.69 22.35
C SER G 113 22.83 28.76 22.78
N GLY G 114 21.86 28.39 23.60
CA GLY G 114 20.99 29.37 24.23
C GLY G 114 20.24 30.23 23.24
N GLY G 115 20.10 29.77 22.00
CA GLY G 115 19.52 30.54 20.93
C GLY G 115 18.13 30.04 20.57
N ASN G 116 17.62 30.60 19.47
CA ASN G 116 16.34 30.22 18.93
C ASN G 116 16.51 29.86 17.46
N VAL G 117 15.76 28.84 17.01
CA VAL G 117 15.75 28.44 15.61
C VAL G 117 14.31 28.26 15.19
N THR G 118 14.06 28.44 13.89
CA THR G 118 12.72 28.35 13.33
C THR G 118 12.62 27.09 12.48
N LEU G 119 11.71 26.19 12.87
CA LEU G 119 11.50 24.93 12.19
C LEU G 119 10.15 24.97 11.50
N GLN G 120 10.14 24.86 10.17
CA GLN G 120 8.91 24.92 9.39
C GLN G 120 8.59 23.56 8.81
N CYS G 121 7.29 23.25 8.76
CA CYS G 121 6.77 21.97 8.31
C CYS G 121 5.94 22.19 7.06
N ASP G 122 6.45 21.76 5.92
CA ASP G 122 5.79 21.97 4.64
C ASP G 122 5.07 20.70 4.20
N SER G 123 4.07 20.89 3.34
CA SER G 123 3.27 19.78 2.83
C SER G 123 2.76 20.13 1.43
N GLN G 124 2.25 19.11 0.75
CA GLN G 124 1.59 19.31 -0.54
C GLN G 124 0.08 19.27 -0.44
N VAL G 125 -0.47 18.76 0.66
CA VAL G 125 -1.90 18.70 0.89
C VAL G 125 -2.28 19.84 1.82
N ALA G 126 -3.33 20.58 1.47
CA ALA G 126 -3.76 21.74 2.24
C ALA G 126 -4.43 21.28 3.52
N PHE G 127 -3.68 21.25 4.62
CA PHE G 127 -4.20 20.94 5.94
C PHE G 127 -4.40 22.22 6.74
N ASP G 128 -5.19 22.12 7.80
CA ASP G 128 -5.41 23.21 8.73
C ASP G 128 -4.78 22.94 10.10
N GLY G 129 -3.87 21.98 10.18
CA GLY G 129 -3.21 21.66 11.43
C GLY G 129 -1.87 20.97 11.26
N PHE G 130 -0.86 21.44 11.98
CA PHE G 130 0.45 20.82 11.98
C PHE G 130 1.00 20.85 13.39
N ILE G 131 1.74 19.80 13.76
CA ILE G 131 2.28 19.64 15.10
C ILE G 131 3.74 19.25 14.99
N LEU G 132 4.54 19.69 15.96
CA LEU G 132 5.98 19.44 15.97
C LEU G 132 6.33 18.64 17.22
N CYS G 133 6.31 17.32 17.08
CA CYS G 133 6.64 16.43 18.18
C CYS G 133 8.16 16.32 18.31
N LYS G 134 8.69 16.49 19.52
CA LYS G 134 10.13 16.47 19.75
C LYS G 134 10.55 15.10 20.29
N GLU G 135 11.25 14.34 19.44
CA GLU G 135 11.80 13.04 19.81
C GLU G 135 13.11 13.23 20.58
N GLY G 136 13.83 12.14 20.80
CA GLY G 136 14.89 12.09 21.78
C GLY G 136 15.13 10.68 22.28
N GLU G 137 15.18 10.55 23.60
CA GLU G 137 15.46 9.34 24.34
C GLU G 137 14.24 9.03 25.20
N ASP G 138 14.36 8.02 26.06
CA ASP G 138 13.22 7.23 26.53
C ASP G 138 12.18 8.07 27.26
N GLU G 139 12.47 9.34 27.53
CA GLU G 139 11.43 10.25 28.00
C GLU G 139 10.54 10.62 26.81
N HIS G 140 9.26 10.31 26.94
CA HIS G 140 8.34 10.32 25.81
C HIS G 140 8.32 11.67 25.11
N PRO G 141 8.12 11.69 23.80
CA PRO G 141 8.17 12.97 23.06
C PRO G 141 6.99 13.87 23.42
N GLN G 142 7.26 15.16 23.53
CA GLN G 142 6.23 16.16 23.73
C GLN G 142 5.84 16.73 22.38
N CYS G 143 4.78 17.55 22.38
CA CYS G 143 4.28 18.00 21.10
C CYS G 143 3.56 19.33 21.33
N LEU G 144 3.44 20.12 20.28
CA LEU G 144 2.76 21.41 20.39
C LEU G 144 2.16 21.81 19.04
N ASN G 145 0.95 22.35 19.08
CA ASN G 145 0.17 22.63 17.89
C ASN G 145 0.67 23.88 17.18
N SER G 146 0.17 24.08 15.97
CA SER G 146 0.55 25.21 15.14
C SER G 146 0.03 26.53 15.71
N SER G 153 -1.00 28.16 3.51
CA SER G 153 -2.02 27.12 3.62
C SER G 153 -1.38 25.76 3.87
N SER G 154 -0.20 25.54 3.28
CA SER G 154 0.53 24.28 3.36
C SER G 154 1.86 24.48 4.06
N ARG G 155 1.88 25.28 5.13
CA ARG G 155 3.11 25.59 5.82
C ARG G 155 2.81 25.91 7.28
N ALA G 156 3.66 25.42 8.17
CA ALA G 156 3.57 25.71 9.60
C ALA G 156 4.92 26.22 10.09
N ILE G 157 4.87 27.15 11.04
CA ILE G 157 6.06 27.80 11.56
C ILE G 157 6.17 27.50 13.05
N PHE G 158 7.32 26.98 13.47
CA PHE G 158 7.62 26.72 14.86
C PHE G 158 8.89 27.46 15.26
N SER G 159 9.01 27.76 16.56
CA SER G 159 10.15 28.52 17.07
C SER G 159 10.55 27.92 18.41
N VAL G 160 11.71 27.28 18.47
CA VAL G 160 12.20 26.69 19.71
C VAL G 160 13.17 27.66 20.39
N TRP G 169 16.28 16.58 20.93
CA TRP G 169 17.34 15.92 20.17
C TRP G 169 16.95 15.73 18.72
N TRP G 170 15.73 15.21 18.49
CA TRP G 170 15.22 14.96 17.15
C TRP G 170 13.80 15.50 17.06
N TYR G 171 13.55 16.33 16.04
CA TYR G 171 12.22 16.84 15.78
C TYR G 171 11.62 16.15 14.57
N ARG G 172 10.28 16.09 14.55
CA ARG G 172 9.54 15.59 13.40
C ARG G 172 8.11 16.09 13.51
N CYS G 173 7.52 16.42 12.36
CA CYS G 173 6.23 17.08 12.34
C CYS G 173 5.16 16.20 11.69
N TYR G 174 3.92 16.39 12.13
CA TYR G 174 2.75 15.72 11.59
C TYR G 174 1.79 16.75 11.03
N ALA G 175 0.89 16.30 10.16
CA ALA G 175 -0.16 17.14 9.60
C ALA G 175 -1.51 16.47 9.83
N TYR G 176 -2.53 17.28 10.11
CA TYR G 176 -3.85 16.74 10.39
C TYR G 176 -4.92 17.70 9.88
N ASP G 177 -6.07 17.13 9.53
CA ASP G 177 -7.23 17.89 9.10
C ASP G 177 -8.14 18.10 10.31
N SER G 178 -8.57 19.34 10.51
CA SER G 178 -9.33 19.68 11.73
C SER G 178 -10.66 18.94 11.81
N ASN G 179 -11.18 18.44 10.69
CA ASN G 179 -12.40 17.63 10.74
C ASN G 179 -12.15 16.26 11.35
N SER G 180 -10.89 15.87 11.52
CA SER G 180 -10.52 14.64 12.22
C SER G 180 -9.22 14.91 12.95
N PRO G 181 -9.27 15.66 14.06
CA PRO G 181 -8.03 16.12 14.70
C PRO G 181 -7.21 15.02 15.35
N TYR G 182 -7.71 13.81 15.42
CA TYR G 182 -7.00 12.70 16.05
C TYR G 182 -6.49 11.68 15.03
N GLU G 183 -6.48 12.04 13.76
CA GLU G 183 -5.93 11.23 12.68
C GLU G 183 -4.86 12.06 11.99
N TRP G 184 -3.61 11.92 12.43
CA TRP G 184 -2.52 12.71 11.89
C TRP G 184 -1.94 12.01 10.66
N SER G 185 -1.09 12.74 9.93
CA SER G 185 -0.43 12.20 8.75
C SER G 185 0.68 11.24 9.16
N LEU G 186 1.39 10.73 8.15
CA LEU G 186 2.60 9.96 8.41
C LEU G 186 3.66 10.87 9.04
N PRO G 187 4.50 10.32 9.91
CA PRO G 187 5.53 11.16 10.55
C PRO G 187 6.56 11.63 9.54
N SER G 188 7.02 12.86 9.72
CA SER G 188 8.07 13.40 8.88
C SER G 188 9.41 12.73 9.19
N ASP G 189 10.40 13.01 8.36
CA ASP G 189 11.72 12.42 8.55
C ASP G 189 12.43 13.10 9.71
N LEU G 190 13.17 12.30 10.47
CA LEU G 190 13.83 12.80 11.68
C LEU G 190 14.83 13.88 11.35
N LEU G 191 14.68 15.05 11.98
CA LEU G 191 15.60 16.15 11.86
C LEU G 191 16.34 16.35 13.17
N GLU G 192 17.67 16.37 13.11
CA GLU G 192 18.51 16.65 14.26
C GLU G 192 19.14 18.02 14.11
N LEU G 193 19.06 18.84 15.16
CA LEU G 193 19.64 20.17 15.13
C LEU G 193 21.14 20.07 15.43
N LEU G 194 21.79 21.22 15.63
CA LEU G 194 23.22 21.24 15.85
C LEU G 194 23.60 22.34 16.84
N VAL G 198 30.56 24.47 21.49
CA VAL G 198 31.33 25.66 21.80
C VAL G 198 32.69 25.26 22.37
N SER G 199 33.30 24.29 21.72
CA SER G 199 34.64 23.82 22.07
C SER G 199 35.68 24.61 21.27
N LYS G 200 36.93 24.18 21.32
CA LYS G 200 37.96 24.80 20.51
C LYS G 200 37.73 24.45 19.04
N LYS G 201 37.79 25.46 18.18
CA LYS G 201 37.31 25.31 16.82
C LYS G 201 38.30 24.52 15.97
N PRO G 202 37.80 23.74 15.00
CA PRO G 202 38.71 22.95 14.15
C PRO G 202 39.45 23.79 13.11
N SER G 203 40.27 23.13 12.29
CA SER G 203 41.01 23.77 11.22
C SER G 203 40.52 23.24 9.89
N LEU G 204 40.37 24.13 8.91
CA LEU G 204 39.93 23.76 7.57
C LEU G 204 41.05 24.01 6.58
N SER G 205 41.32 23.02 5.74
CA SER G 205 42.37 23.12 4.73
C SER G 205 41.93 22.36 3.49
N VAL G 206 42.46 22.79 2.34
CA VAL G 206 42.11 22.21 1.05
C VAL G 206 43.38 22.09 0.21
N GLN G 207 43.50 20.99 -0.52
CA GLN G 207 44.63 20.73 -1.40
C GLN G 207 44.12 20.40 -2.80
N PRO G 208 44.77 20.92 -3.85
CA PRO G 208 45.97 21.78 -3.80
C PRO G 208 45.66 23.23 -3.41
N GLY G 209 44.52 23.75 -3.84
CA GLY G 209 44.16 25.13 -3.60
C GLY G 209 42.67 25.37 -3.60
N PRO G 210 42.26 26.59 -3.28
CA PRO G 210 40.82 26.92 -3.27
C PRO G 210 40.23 27.08 -4.66
N ILE G 211 41.05 27.23 -5.70
CA ILE G 211 40.58 27.35 -7.06
C ILE G 211 40.61 25.97 -7.71
N VAL G 212 39.51 25.60 -8.35
CA VAL G 212 39.32 24.23 -8.86
C VAL G 212 38.55 24.28 -10.16
N ALA G 213 38.98 23.47 -11.14
CA ALA G 213 38.33 23.40 -12.43
C ALA G 213 37.05 22.55 -12.34
N PRO G 214 36.12 22.70 -13.31
CA PRO G 214 34.83 21.99 -13.20
C PRO G 214 34.91 20.47 -13.04
N GLU G 215 35.58 19.77 -13.94
CA GLU G 215 35.66 18.31 -13.79
C GLU G 215 36.66 17.87 -12.74
N GLU G 216 37.35 18.80 -12.09
CA GLU G 216 38.34 18.47 -11.09
C GLU G 216 37.68 17.95 -9.82
N THR G 217 38.49 17.36 -8.94
CA THR G 217 38.04 16.85 -7.64
C THR G 217 38.76 17.59 -6.53
N LEU G 218 38.07 17.78 -5.41
CA LEU G 218 38.61 18.48 -4.26
C LEU G 218 38.42 17.64 -3.00
N THR G 219 39.17 18.00 -1.97
CA THR G 219 39.06 17.36 -0.66
C THR G 219 39.45 18.36 0.41
N LEU G 220 38.83 18.22 1.58
CA LEU G 220 38.96 19.22 2.65
C LEU G 220 39.39 18.52 3.94
N GLN G 221 40.66 18.70 4.30
CA GLN G 221 41.16 18.19 5.58
C GLN G 221 40.65 19.08 6.71
N CYS G 222 40.07 18.46 7.74
CA CYS G 222 39.51 19.19 8.87
C CYS G 222 39.90 18.49 10.16
N GLY G 223 40.55 19.21 11.06
CA GLY G 223 40.97 18.63 12.32
C GLY G 223 41.41 19.69 13.29
N SER G 224 41.39 19.33 14.57
CA SER G 224 41.72 20.25 15.65
C SER G 224 42.48 19.51 16.74
N ASP G 225 43.14 20.29 17.61
CA ASP G 225 44.01 19.78 18.65
C ASP G 225 43.31 19.67 20.00
N ALA G 226 42.00 19.47 20.00
CA ALA G 226 41.23 19.35 21.23
C ALA G 226 40.70 17.94 21.47
N GLY G 227 41.04 16.98 20.61
CA GLY G 227 40.65 15.60 20.82
C GLY G 227 39.24 15.24 20.42
N TYR G 228 38.89 15.48 19.16
CA TYR G 228 37.61 15.05 18.62
C TYR G 228 37.79 13.72 17.88
N ASN G 229 36.67 13.08 17.55
CA ASN G 229 36.75 11.85 16.75
C ASN G 229 35.97 11.92 15.45
N ARG G 230 34.79 12.53 15.45
CA ARG G 230 33.94 12.59 14.26
C ARG G 230 33.84 14.04 13.77
N PHE G 231 34.01 14.23 12.47
CA PHE G 231 33.97 15.55 11.87
C PHE G 231 32.85 15.63 10.84
N VAL G 232 32.26 16.83 10.73
CA VAL G 232 31.17 17.10 9.79
C VAL G 232 31.50 18.37 9.03
N LEU G 233 30.97 18.47 7.81
CA LEU G 233 31.24 19.60 6.92
C LEU G 233 29.93 20.23 6.50
N TYR G 234 29.87 21.57 6.58
CA TYR G 234 28.67 22.32 6.24
C TYR G 234 29.06 23.51 5.38
N LYS G 235 28.47 23.60 4.19
CA LYS G 235 28.60 24.78 3.36
C LYS G 235 27.56 25.80 3.79
N ASP G 236 27.98 27.06 3.96
CA ASP G 236 27.08 28.11 4.38
C ASP G 236 25.99 28.31 3.35
N GLY G 237 24.74 28.18 3.76
CA GLY G 237 23.64 28.23 2.82
C GLY G 237 23.29 26.88 2.19
N GLU G 238 23.04 25.86 3.02
CA GLU G 238 22.59 24.58 2.50
C GLU G 238 21.90 23.82 3.61
N ARG G 239 20.97 22.94 3.21
CA ARG G 239 20.06 22.31 4.16
C ARG G 239 20.78 21.48 5.20
N ASP G 240 21.48 20.43 4.77
CA ASP G 240 22.04 19.42 5.66
C ASP G 240 23.55 19.33 5.52
N PHE G 241 24.13 18.35 6.22
CA PHE G 241 25.55 18.07 6.12
C PHE G 241 25.90 17.57 4.73
N LEU G 242 27.14 17.83 4.32
CA LEU G 242 27.65 17.36 3.04
C LEU G 242 28.51 16.10 3.17
N GLN G 243 29.20 15.92 4.30
CA GLN G 243 29.94 14.69 4.55
C GLN G 243 30.05 14.49 6.05
N LEU G 244 30.53 13.31 6.43
CA LEU G 244 30.67 12.92 7.83
C LEU G 244 31.62 11.74 7.91
N ALA G 245 32.48 11.73 8.93
CA ALA G 245 33.51 10.70 9.04
C ALA G 245 33.93 10.57 10.49
N GLY G 246 35.03 9.84 10.73
CA GLY G 246 35.56 9.66 12.07
C GLY G 246 37.07 9.65 12.05
N ALA G 247 37.65 9.67 13.25
CA ALA G 247 39.11 9.74 13.41
C ALA G 247 39.48 9.20 14.78
N GLN G 248 40.76 9.40 15.16
CA GLN G 248 41.27 9.02 16.47
C GLN G 248 42.20 10.07 17.06
N PRO G 249 41.87 10.66 18.21
CA PRO G 249 42.86 11.45 18.96
C PRO G 249 43.61 10.59 19.96
N GLN G 250 44.85 10.96 20.30
CA GLN G 250 45.46 10.33 21.46
C GLN G 250 45.71 11.25 22.64
N ALA G 251 46.42 12.38 22.47
CA ALA G 251 46.32 13.50 23.40
C ALA G 251 46.18 14.84 22.69
N GLY G 252 46.42 14.90 21.39
CA GLY G 252 46.58 16.14 20.67
C GLY G 252 45.45 16.42 19.70
N LEU G 253 45.74 16.19 18.43
CA LEU G 253 44.88 16.53 17.33
C LEU G 253 44.27 15.28 16.70
N SER G 254 43.27 15.52 15.87
CA SER G 254 42.63 14.50 15.05
C SER G 254 42.33 15.13 13.70
N GLN G 255 41.95 14.32 12.73
CA GLN G 255 41.74 14.86 11.38
C GLN G 255 40.80 13.94 10.61
N ALA G 256 39.97 14.55 9.77
CA ALA G 256 39.10 13.82 8.85
C ALA G 256 39.14 14.50 7.50
N ASN G 257 39.23 13.69 6.44
CA ASN G 257 39.29 14.18 5.08
C ASN G 257 37.90 14.14 4.45
N PHE G 258 37.35 15.30 4.13
CA PHE G 258 36.11 15.36 3.37
C PHE G 258 36.39 15.11 1.89
N THR G 259 35.35 14.71 1.17
CA THR G 259 35.48 14.32 -0.23
C THR G 259 34.27 14.83 -0.99
N LEU G 260 34.48 15.86 -1.80
CA LEU G 260 33.46 16.39 -2.69
C LEU G 260 33.71 15.86 -4.10
N GLY G 261 32.67 15.31 -4.72
CA GLY G 261 32.80 14.66 -6.01
C GLY G 261 33.04 15.66 -7.11
N PRO G 262 32.75 15.27 -8.37
CA PRO G 262 32.96 16.19 -9.49
C PRO G 262 32.28 17.52 -9.25
N VAL G 263 33.08 18.58 -9.16
CA VAL G 263 32.61 19.92 -8.78
C VAL G 263 31.87 20.52 -9.96
N SER G 264 31.12 21.59 -9.72
CA SER G 264 30.38 22.26 -10.77
C SER G 264 30.24 23.73 -10.40
N ARG G 265 29.46 24.46 -11.20
CA ARG G 265 29.20 25.87 -10.93
C ARG G 265 28.54 26.07 -9.57
N SER G 266 27.88 25.05 -9.03
CA SER G 266 27.14 25.15 -7.78
C SER G 266 27.98 24.84 -6.55
N TYR G 267 29.25 24.47 -6.71
CA TYR G 267 30.07 24.08 -5.57
C TYR G 267 30.77 25.26 -4.90
N GLY G 268 30.94 26.38 -5.60
CA GLY G 268 31.65 27.51 -5.02
C GLY G 268 30.89 28.12 -3.86
N GLY G 269 31.62 28.51 -2.82
CA GLY G 269 31.01 29.11 -1.67
C GLY G 269 31.97 29.08 -0.48
N GLN G 270 31.40 29.36 0.69
CA GLN G 270 32.13 29.37 1.95
C GLN G 270 31.83 28.10 2.72
N TYR G 271 32.86 27.45 3.24
CA TYR G 271 32.75 26.17 3.91
C TYR G 271 33.23 26.30 5.36
N ARG G 272 32.59 25.52 6.24
CA ARG G 272 33.01 25.39 7.63
C ARG G 272 32.84 23.95 8.06
N CYS G 273 33.65 23.53 9.03
CA CYS G 273 33.61 22.17 9.53
C CYS G 273 33.61 22.18 11.06
N TYR G 274 33.14 21.07 11.63
CA TYR G 274 33.01 20.92 13.07
C TYR G 274 33.46 19.52 13.46
N GLY G 275 33.65 19.32 14.76
CA GLY G 275 34.06 18.01 15.26
C GLY G 275 33.36 17.70 16.57
N ALA G 276 33.40 16.42 16.93
CA ALA G 276 32.72 15.94 18.12
C ALA G 276 33.51 14.79 18.72
N HIS G 277 33.11 14.38 19.92
CA HIS G 277 33.83 13.37 20.68
C HIS G 277 33.26 11.98 20.42
N ASN G 278 33.84 10.99 21.09
CA ASN G 278 33.52 9.60 20.80
C ASN G 278 32.07 9.27 21.12
N LEU G 279 31.58 9.72 22.29
CA LEU G 279 30.23 9.40 22.74
C LEU G 279 29.31 10.61 22.78
N SER G 280 29.77 11.73 23.35
CA SER G 280 28.92 12.90 23.51
C SER G 280 28.47 13.44 22.15
N SER G 281 27.37 14.20 22.18
CA SER G 281 26.75 14.72 20.96
C SER G 281 26.56 16.22 21.04
N GLU G 282 27.53 16.93 21.61
CA GLU G 282 27.60 18.38 21.55
C GLU G 282 28.88 18.78 20.84
N TRP G 283 28.75 19.58 19.79
CA TRP G 283 29.85 19.78 18.86
C TRP G 283 30.69 21.01 19.26
N SER G 284 31.66 21.32 18.40
CA SER G 284 32.64 22.35 18.65
C SER G 284 32.12 23.72 18.19
N ALA G 285 33.00 24.72 18.20
CA ALA G 285 32.77 26.06 17.67
C ALA G 285 33.08 26.08 16.18
N PRO G 286 32.45 26.98 15.41
CA PRO G 286 32.64 26.97 13.96
C PRO G 286 34.10 27.24 13.58
N SER G 287 34.55 26.52 12.55
CA SER G 287 35.88 26.72 12.02
C SER G 287 35.95 28.03 11.24
N ASP G 288 37.12 28.35 10.72
CA ASP G 288 37.24 29.59 9.98
C ASP G 288 36.75 29.40 8.55
N PRO G 289 36.12 30.41 7.95
CA PRO G 289 35.54 30.26 6.62
C PRO G 289 36.60 29.91 5.58
N LEU G 290 36.32 28.88 4.79
CA LEU G 290 37.20 28.43 3.71
C LEU G 290 36.50 28.75 2.39
N ASP G 291 37.11 29.65 1.61
CA ASP G 291 36.51 30.14 0.37
C ASP G 291 36.90 29.22 -0.78
N ILE G 292 35.90 28.55 -1.36
CA ILE G 292 36.11 27.68 -2.52
C ILE G 292 35.64 28.42 -3.75
N LEU G 293 36.55 28.62 -4.70
CA LEU G 293 36.25 29.30 -5.95
C LEU G 293 36.29 28.31 -7.11
N ILE G 294 35.42 28.53 -8.10
CA ILE G 294 35.35 27.68 -9.28
C ILE G 294 35.78 28.51 -10.48
N ALA G 295 36.69 27.96 -11.29
CA ALA G 295 37.19 28.64 -12.46
C ALA G 295 36.43 28.17 -13.71
N GLY G 296 36.77 28.78 -14.84
CA GLY G 296 36.18 28.40 -16.12
C GLY G 296 34.71 28.68 -16.25
N GLN G 297 34.20 29.71 -15.56
CA GLN G 297 32.79 30.07 -15.61
C GLN G 297 32.54 31.31 -16.46
N PHE G 298 33.50 31.72 -17.27
CA PHE G 298 33.35 32.83 -18.19
C PHE G 298 34.05 32.50 -19.49
N TYR G 299 33.52 33.03 -20.59
CA TYR G 299 34.10 32.76 -21.90
C TYR G 299 35.25 33.71 -22.22
N ASP G 300 35.14 34.97 -21.81
CA ASP G 300 36.20 35.94 -22.02
C ASP G 300 37.41 35.59 -21.15
N ARG G 301 38.53 35.28 -21.79
CA ARG G 301 39.72 34.84 -21.07
C ARG G 301 40.51 36.04 -20.55
N VAL G 302 41.60 35.74 -19.83
CA VAL G 302 42.47 36.74 -19.26
C VAL G 302 43.86 36.60 -19.88
N SER G 303 44.73 37.54 -19.56
CA SER G 303 46.07 37.61 -20.13
C SER G 303 47.05 38.07 -19.07
N LEU G 304 48.06 37.25 -18.79
CA LEU G 304 49.10 37.56 -17.81
C LEU G 304 50.37 37.93 -18.56
N SER G 305 50.70 39.21 -18.56
CA SER G 305 51.91 39.72 -19.19
C SER G 305 52.81 40.37 -18.14
N VAL G 306 53.94 40.88 -18.60
CA VAL G 306 54.93 41.53 -17.76
C VAL G 306 55.34 42.85 -18.43
N GLN G 307 55.41 43.91 -17.63
CA GLN G 307 55.68 45.22 -18.22
C GLN G 307 57.14 45.39 -18.63
N PRO G 308 58.14 45.12 -17.78
CA PRO G 308 59.52 45.24 -18.28
C PRO G 308 59.84 44.23 -19.37
N GLY G 315 68.48 41.63 -9.51
CA GLY G 315 67.93 42.90 -9.09
C GLY G 315 67.17 43.62 -10.18
N GLU G 316 65.89 43.27 -10.33
CA GLU G 316 65.01 43.87 -11.33
C GLU G 316 63.70 44.23 -10.66
N ASN G 317 63.34 45.51 -10.71
CA ASN G 317 62.10 46.01 -10.12
C ASN G 317 61.00 45.84 -11.17
N VAL G 318 60.27 44.74 -11.10
CA VAL G 318 59.28 44.40 -12.11
C VAL G 318 57.88 44.50 -11.50
N THR G 319 56.88 44.53 -12.39
CA THR G 319 55.48 44.57 -12.01
C THR G 319 54.67 43.98 -13.16
N LEU G 320 54.10 42.79 -12.94
CA LEU G 320 53.36 42.10 -13.99
C LEU G 320 51.93 42.63 -14.06
N LEU G 321 51.30 42.43 -15.22
CA LEU G 321 49.96 42.92 -15.47
C LEU G 321 49.04 41.77 -15.86
N CYS G 322 47.79 41.86 -15.40
CA CYS G 322 46.74 40.90 -15.73
C CYS G 322 45.56 41.67 -16.31
N GLN G 323 45.18 41.35 -17.54
CA GLN G 323 44.16 42.08 -18.27
C GLN G 323 43.11 41.12 -18.81
N SER G 324 42.04 41.70 -19.37
CA SER G 324 40.95 40.95 -19.96
C SER G 324 40.10 41.91 -20.78
N GLN G 325 39.22 41.35 -21.60
CA GLN G 325 38.31 42.15 -22.42
C GLN G 325 36.96 42.34 -21.76
N GLY G 326 36.43 41.31 -21.11
CA GLY G 326 35.16 41.44 -20.43
C GLY G 326 35.25 42.19 -19.12
N TRP G 327 34.12 42.70 -18.67
CA TRP G 327 34.10 43.56 -17.49
C TRP G 327 34.31 42.70 -16.26
N MET G 328 35.54 42.71 -15.75
CA MET G 328 35.92 42.01 -14.53
C MET G 328 36.08 43.02 -13.40
N GLN G 329 35.40 42.79 -12.28
CA GLN G 329 35.51 43.71 -11.16
C GLN G 329 36.84 43.53 -10.44
N THR G 330 37.19 42.29 -10.11
CA THR G 330 38.42 42.00 -9.39
C THR G 330 39.26 40.99 -10.17
N PHE G 331 40.58 41.10 -10.01
CA PHE G 331 41.51 40.15 -10.58
C PHE G 331 42.27 39.44 -9.45
N LEU G 332 42.50 38.15 -9.63
CA LEU G 332 43.20 37.32 -8.67
C LEU G 332 44.58 36.95 -9.22
N LEU G 333 45.53 36.74 -8.32
CA LEU G 333 46.88 36.33 -8.69
C LEU G 333 47.31 35.16 -7.81
N THR G 334 47.78 34.09 -8.43
CA THR G 334 48.16 32.86 -7.74
C THR G 334 49.53 32.40 -8.20
N LYS G 335 50.23 31.71 -7.30
CA LYS G 335 51.54 31.13 -7.59
C LYS G 335 51.50 29.62 -7.38
N GLU G 336 51.95 28.88 -8.40
CA GLU G 336 52.12 27.44 -8.30
C GLU G 336 53.17 27.10 -7.25
N GLY G 337 52.82 26.26 -6.27
CA GLY G 337 53.55 26.32 -5.02
C GLY G 337 52.74 26.96 -3.91
N ALA G 338 53.08 28.19 -3.55
CA ALA G 338 52.82 28.98 -2.34
C ALA G 338 51.35 29.44 -2.23
N ALA G 339 50.58 28.94 -3.18
CA ALA G 339 49.15 29.17 -3.30
C ALA G 339 48.42 28.62 -2.07
N ASP G 340 47.13 28.95 -1.97
CA ASP G 340 46.45 29.33 -0.72
C ASP G 340 46.88 30.71 -0.24
N ASP G 341 47.25 31.58 -1.20
CA ASP G 341 47.45 33.00 -0.93
C ASP G 341 47.10 33.80 -2.19
N PRO G 342 45.81 33.86 -2.54
CA PRO G 342 45.40 34.63 -3.72
C PRO G 342 45.48 36.12 -3.46
N TRP G 343 45.93 36.86 -4.48
CA TRP G 343 46.06 38.31 -4.40
C TRP G 343 44.92 38.93 -5.22
N ARG G 344 43.89 39.42 -4.53
CA ARG G 344 42.72 39.99 -5.17
C ARG G 344 42.84 41.51 -5.20
N LEU G 345 42.81 42.09 -6.39
CA LEU G 345 42.87 43.53 -6.58
C LEU G 345 41.66 44.01 -7.37
N ARG G 346 41.31 45.28 -7.18
CA ARG G 346 40.25 45.90 -7.97
C ARG G 346 40.77 46.25 -9.36
N SER G 347 39.97 45.93 -10.38
CA SER G 347 40.37 46.19 -11.75
C SER G 347 40.16 47.67 -12.11
N THR G 348 40.71 48.04 -13.26
CA THR G 348 40.57 49.40 -13.77
C THR G 348 40.37 49.35 -15.28
N TYR G 349 39.78 50.42 -15.81
CA TYR G 349 39.50 50.52 -17.24
C TYR G 349 40.65 51.23 -17.94
N GLN G 350 41.18 50.60 -18.99
CA GLN G 350 42.36 51.13 -19.68
C GLN G 350 42.45 50.50 -21.05
N SER G 351 42.60 51.34 -22.08
CA SER G 351 42.74 50.89 -23.47
C SER G 351 41.59 49.98 -23.89
N GLN G 352 40.37 50.34 -23.47
CA GLN G 352 39.15 49.59 -23.77
C GLN G 352 39.23 48.16 -23.26
N LYS G 353 40.01 47.94 -22.21
CA LYS G 353 40.15 46.65 -21.58
C LYS G 353 40.22 46.84 -20.07
N TYR G 354 40.08 45.73 -19.35
CA TYR G 354 40.07 45.74 -17.88
C TYR G 354 41.32 45.04 -17.38
N GLN G 355 42.11 45.74 -16.57
CA GLN G 355 43.43 45.29 -16.17
C GLN G 355 43.62 45.49 -14.67
N ALA G 356 44.72 44.94 -14.16
CA ALA G 356 45.12 45.14 -12.78
C ALA G 356 46.62 44.90 -12.67
N GLU G 357 47.36 45.89 -12.20
CA GLU G 357 48.81 45.79 -12.07
C GLU G 357 49.16 45.25 -10.69
N PHE G 358 49.93 44.16 -10.66
CA PHE G 358 50.35 43.56 -9.40
C PHE G 358 51.84 43.85 -9.18
N PRO G 359 52.20 44.71 -8.24
CA PRO G 359 53.62 45.02 -8.03
C PRO G 359 54.37 43.83 -7.45
N MET G 360 55.42 43.40 -8.15
CA MET G 360 56.32 42.38 -7.64
C MET G 360 57.58 42.96 -6.99
N GLY G 361 57.96 44.18 -7.36
CA GLY G 361 59.19 44.76 -6.89
C GLY G 361 60.39 43.98 -7.35
N PRO G 362 61.38 43.81 -6.46
CA PRO G 362 62.54 42.96 -6.80
C PRO G 362 62.16 41.49 -6.73
N VAL G 363 62.27 40.80 -7.86
CA VAL G 363 62.01 39.36 -7.89
C VAL G 363 63.23 38.68 -7.27
N THR G 364 63.09 38.28 -6.00
CA THR G 364 64.18 37.60 -5.32
C THR G 364 64.21 36.13 -5.74
N SER G 365 65.09 35.35 -5.11
CA SER G 365 65.06 33.92 -5.32
C SER G 365 63.85 33.26 -4.68
N ALA G 366 63.13 33.97 -3.80
CA ALA G 366 62.01 33.34 -3.13
C ALA G 366 60.74 33.36 -3.97
N HIS G 367 60.45 34.44 -4.70
CA HIS G 367 59.16 34.43 -5.39
C HIS G 367 59.21 33.56 -6.64
N ALA G 368 60.10 33.91 -7.58
CA ALA G 368 60.81 33.00 -8.47
C ALA G 368 59.93 31.90 -9.05
N GLY G 369 58.68 32.20 -9.39
CA GLY G 369 57.70 31.16 -9.62
C GLY G 369 57.03 31.17 -10.98
N THR G 370 56.16 30.18 -11.15
CA THR G 370 55.16 30.15 -12.20
C THR G 370 53.86 30.75 -11.67
N TYR G 371 53.32 31.74 -12.37
CA TYR G 371 52.15 32.47 -11.90
C TYR G 371 50.97 32.29 -12.85
N ARG G 372 49.78 32.49 -12.30
CA ARG G 372 48.53 32.53 -13.05
C ARG G 372 47.64 33.59 -12.44
N CYS G 373 46.80 34.22 -13.28
CA CYS G 373 45.88 35.23 -12.81
C CYS G 373 44.48 34.91 -13.32
N TYR G 374 43.49 35.22 -12.50
CA TYR G 374 42.09 34.99 -12.81
C TYR G 374 41.34 36.32 -12.82
N GLY G 375 40.11 36.27 -13.33
CA GLY G 375 39.22 37.41 -13.28
C GLY G 375 37.96 37.07 -12.53
N SER G 376 37.22 38.07 -12.06
CA SER G 376 36.03 37.81 -11.27
C SER G 376 35.11 39.02 -11.31
N GLN G 377 33.81 38.75 -11.34
CA GLN G 377 32.78 39.77 -11.20
C GLN G 377 32.22 39.75 -9.78
N SER G 378 31.87 40.93 -9.28
CA SER G 378 31.43 41.05 -7.89
C SER G 378 30.07 40.40 -7.68
N SER G 379 29.24 40.32 -8.72
CA SER G 379 27.94 39.66 -8.59
C SER G 379 28.08 38.15 -8.44
N LYS G 380 29.17 37.57 -8.94
CA LYS G 380 29.48 36.14 -8.82
C LYS G 380 30.78 36.02 -8.06
N PRO G 381 30.76 36.20 -6.74
CA PRO G 381 32.02 36.31 -5.98
C PRO G 381 32.84 35.03 -5.98
N TYR G 382 32.21 33.88 -5.79
CA TYR G 382 32.92 32.61 -5.69
C TYR G 382 33.08 31.93 -7.04
N LEU G 383 33.03 32.68 -8.13
CA LEU G 383 33.19 32.15 -9.48
C LEU G 383 34.25 32.94 -10.21
N LEU G 384 35.12 32.23 -10.93
CA LEU G 384 36.22 32.83 -11.66
C LEU G 384 36.17 32.38 -13.12
N THR G 385 37.02 33.00 -13.94
CA THR G 385 37.12 32.63 -15.35
C THR G 385 38.20 31.56 -15.50
N HIS G 386 38.54 31.25 -16.76
CA HIS G 386 39.63 30.32 -17.01
C HIS G 386 40.96 30.90 -16.51
N PRO G 387 41.92 30.04 -16.18
CA PRO G 387 43.24 30.55 -15.78
C PRO G 387 43.97 31.19 -16.95
N SER G 388 44.78 32.19 -16.64
CA SER G 388 45.66 32.74 -17.65
C SER G 388 46.78 31.75 -17.97
N ASP G 389 47.41 31.95 -19.12
CA ASP G 389 48.53 31.10 -19.50
C ASP G 389 49.69 31.31 -18.52
N PRO G 390 50.39 30.24 -18.15
CA PRO G 390 51.38 30.36 -17.07
C PRO G 390 52.51 31.32 -17.42
N LEU G 391 52.88 32.16 -16.45
CA LEU G 391 53.94 33.13 -16.60
C LEU G 391 55.16 32.62 -15.83
N GLU G 392 56.14 32.09 -16.56
CA GLU G 392 57.40 31.68 -15.96
C GLU G 392 58.17 32.92 -15.55
N LEU G 393 58.26 33.16 -14.24
CA LEU G 393 58.83 34.40 -13.71
C LEU G 393 60.05 34.04 -12.85
N HIS G 394 61.23 34.06 -13.47
CA HIS G 394 62.49 33.82 -12.78
C HIS G 394 63.38 35.05 -12.90
N HIS G 395 64.42 35.07 -12.07
CA HIS G 395 65.35 36.21 -12.03
C HIS G 395 66.75 35.77 -12.41
N HIS H 1 29.95 -10.38 -36.00
CA HIS H 1 28.87 -10.74 -36.92
C HIS H 1 28.69 -12.25 -36.97
N LEU H 2 29.80 -12.98 -37.04
CA LEU H 2 29.75 -14.44 -36.89
C LEU H 2 29.55 -14.87 -35.43
N PRO H 3 30.36 -14.40 -34.47
CA PRO H 3 30.22 -14.91 -33.11
C PRO H 3 28.97 -14.37 -32.42
N LYS H 4 28.48 -15.15 -31.40
CA LYS H 4 27.29 -14.69 -30.70
C LYS H 4 27.67 -13.80 -29.52
N PRO H 5 26.81 -12.83 -29.18
CA PRO H 5 27.11 -11.92 -28.08
C PRO H 5 26.67 -12.45 -26.73
N THR H 6 26.89 -11.66 -25.68
CA THR H 6 26.50 -11.99 -24.32
C THR H 6 25.57 -10.92 -23.79
N LEU H 7 24.62 -11.34 -22.94
CA LEU H 7 23.61 -10.44 -22.39
C LEU H 7 23.59 -10.60 -20.87
N TRP H 8 23.99 -9.55 -20.17
CA TRP H 8 23.90 -9.49 -18.72
C TRP H 8 23.10 -8.26 -18.31
N ALA H 9 22.99 -8.04 -17.00
CA ALA H 9 22.18 -6.94 -16.49
C ALA H 9 22.83 -6.37 -15.24
N GLU H 10 22.64 -5.07 -15.04
CA GLU H 10 23.13 -4.38 -13.85
C GLU H 10 21.95 -3.84 -13.05
N PRO H 11 21.86 -4.15 -11.75
CA PRO H 11 22.80 -4.97 -11.01
C PRO H 11 22.52 -6.47 -11.13
N GLY H 12 21.42 -6.83 -11.78
CA GLY H 12 21.07 -8.24 -11.92
C GLY H 12 19.75 -8.39 -12.62
N SER H 13 19.40 -9.66 -12.89
CA SER H 13 18.16 -9.99 -13.59
C SER H 13 16.97 -10.13 -12.65
N VAL H 14 17.19 -10.16 -11.34
CA VAL H 14 16.12 -10.21 -10.36
C VAL H 14 16.01 -8.82 -9.74
N ILE H 15 14.92 -8.12 -10.02
CA ILE H 15 14.75 -6.73 -9.62
C ILE H 15 13.40 -6.59 -8.92
N THR H 16 13.38 -5.78 -7.87
CA THR H 16 12.12 -5.45 -7.21
C THR H 16 11.33 -4.44 -8.05
N GLN H 17 10.03 -4.39 -7.81
CA GLN H 17 9.17 -3.49 -8.56
C GLN H 17 9.53 -2.04 -8.27
N GLY H 18 9.81 -1.29 -9.33
CA GLY H 18 10.15 0.12 -9.24
C GLY H 18 11.63 0.40 -9.30
N SER H 19 12.46 -0.54 -8.88
CA SER H 19 13.90 -0.30 -8.85
C SER H 19 14.46 -0.20 -10.27
N PRO H 20 15.56 0.53 -10.45
CA PRO H 20 16.16 0.65 -11.78
C PRO H 20 17.05 -0.53 -12.12
N VAL H 21 17.11 -0.83 -13.42
CA VAL H 21 17.98 -1.87 -13.96
C VAL H 21 18.50 -1.39 -15.31
N THR H 22 19.48 -2.11 -15.84
CA THR H 22 20.07 -1.78 -17.13
C THR H 22 20.50 -3.06 -17.81
N LEU H 23 19.89 -3.36 -18.96
CA LEU H 23 20.26 -4.53 -19.75
C LEU H 23 21.46 -4.22 -20.62
N ARG H 24 22.51 -5.02 -20.49
CA ARG H 24 23.77 -4.80 -21.19
C ARG H 24 24.05 -5.95 -22.14
N CYS H 25 24.30 -5.61 -23.41
CA CYS H 25 24.67 -6.58 -24.43
C CYS H 25 26.03 -6.22 -25.01
N GLN H 26 26.88 -7.22 -25.20
CA GLN H 26 28.22 -7.00 -25.70
C GLN H 26 28.64 -8.19 -26.56
N GLY H 27 29.27 -7.89 -27.70
CA GLY H 27 29.75 -8.91 -28.61
C GLY H 27 30.95 -8.48 -29.41
N THR H 31 28.51 -0.65 -37.67
CA THR H 31 29.24 -1.91 -37.72
C THR H 31 28.66 -2.96 -36.77
N GLN H 32 28.83 -2.78 -35.45
CA GLN H 32 28.28 -3.73 -34.50
C GLN H 32 26.76 -3.64 -34.46
N GLU H 33 26.23 -2.46 -34.13
CA GLU H 33 24.80 -2.16 -34.21
C GLU H 33 23.97 -3.19 -33.45
N TYR H 34 24.21 -3.26 -32.15
CA TYR H 34 23.49 -4.19 -31.28
C TYR H 34 21.98 -3.96 -31.37
N ARG H 35 21.23 -5.01 -31.03
CA ARG H 35 19.78 -4.95 -31.03
C ARG H 35 19.26 -5.95 -30.01
N LEU H 36 18.32 -5.51 -29.19
CA LEU H 36 17.74 -6.33 -28.12
C LEU H 36 16.28 -6.57 -28.43
N TYR H 37 15.84 -7.82 -28.26
CA TYR H 37 14.45 -8.17 -28.50
C TYR H 37 13.98 -9.09 -27.39
N ARG H 38 12.70 -8.96 -27.07
CA ARG H 38 12.03 -9.87 -26.16
C ARG H 38 11.50 -11.09 -26.91
N GLU H 39 11.27 -12.13 -26.15
CA GLU H 39 10.68 -13.40 -26.55
C GLU H 39 9.18 -13.13 -26.60
N LYS H 40 8.35 -14.17 -26.73
CA LYS H 40 7.24 -14.24 -27.68
C LYS H 40 6.36 -12.99 -27.70
N LYS H 41 6.31 -12.22 -26.63
CA LYS H 41 5.56 -10.98 -26.63
C LYS H 41 6.52 -9.79 -26.69
N THR H 42 6.22 -8.88 -27.62
CA THR H 42 7.10 -7.75 -27.92
C THR H 42 7.09 -6.73 -26.78
N ALA H 43 8.27 -6.17 -26.50
CA ALA H 43 8.42 -5.18 -25.44
C ALA H 43 8.56 -3.80 -26.05
N PRO H 44 7.53 -2.95 -26.00
CA PRO H 44 7.62 -1.62 -26.64
C PRO H 44 8.63 -0.68 -25.97
N TRP H 45 9.10 -0.98 -24.76
CA TRP H 45 10.00 -0.06 -24.07
C TRP H 45 11.38 -0.02 -24.70
N ILE H 46 11.73 -1.00 -25.52
CA ILE H 46 13.05 -1.03 -26.15
C ILE H 46 13.14 0.00 -27.26
N THR H 47 12.04 0.25 -27.98
CA THR H 47 12.07 1.17 -29.10
C THR H 47 12.42 2.59 -28.68
N ARG H 48 12.04 2.98 -27.46
CA ARG H 48 12.28 4.34 -26.98
C ARG H 48 13.69 4.53 -26.42
N ILE H 49 14.53 3.50 -26.44
CA ILE H 49 15.93 3.64 -26.03
C ILE H 49 16.65 4.44 -27.11
N PRO H 50 17.24 5.59 -26.77
CA PRO H 50 17.94 6.38 -27.80
C PRO H 50 19.02 5.57 -28.50
N GLN H 51 19.19 5.85 -29.79
CA GLN H 51 20.15 5.11 -30.60
C GLN H 51 21.58 5.27 -30.08
N GLU H 52 21.87 6.39 -29.40
CA GLU H 52 23.22 6.63 -28.90
C GLU H 52 23.62 5.57 -27.87
N LEU H 53 22.69 5.19 -26.99
CA LEU H 53 22.98 4.14 -26.02
C LEU H 53 22.98 2.76 -26.67
N VAL H 54 22.14 2.56 -27.69
CA VAL H 54 22.10 1.27 -28.36
C VAL H 54 23.43 0.97 -29.02
N LYS H 55 24.09 1.99 -29.58
CA LYS H 55 25.40 1.79 -30.17
C LYS H 55 26.43 1.32 -29.14
N LYS H 56 26.28 1.75 -27.89
CA LYS H 56 27.14 1.26 -26.81
C LYS H 56 26.65 -0.03 -26.20
N GLY H 57 25.46 -0.50 -26.58
CA GLY H 57 24.92 -1.73 -26.02
C GLY H 57 24.40 -1.55 -24.61
N GLN H 58 23.59 -0.50 -24.41
CA GLN H 58 23.04 -0.18 -23.08
C GLN H 58 21.55 0.10 -23.23
N PHE H 59 20.73 -0.66 -22.49
CA PHE H 59 19.28 -0.51 -22.50
C PHE H 59 18.82 -0.24 -21.07
N PRO H 60 18.73 1.02 -20.67
CA PRO H 60 18.41 1.34 -19.27
C PRO H 60 16.92 1.36 -18.99
N ILE H 61 16.56 0.92 -17.79
CA ILE H 61 15.20 0.95 -17.30
C ILE H 61 15.19 1.71 -15.98
N PRO H 62 14.72 2.96 -15.96
CA PRO H 62 14.73 3.72 -14.70
C PRO H 62 13.71 3.23 -13.69
N SER H 63 12.50 2.89 -14.13
CA SER H 63 11.43 2.40 -13.24
C SER H 63 10.84 1.14 -13.88
N ILE H 64 11.25 -0.02 -13.37
CA ILE H 64 10.77 -1.28 -13.94
C ILE H 64 9.32 -1.53 -13.50
N THR H 65 8.54 -2.12 -14.40
CA THR H 65 7.17 -2.53 -14.12
C THR H 65 7.06 -4.04 -14.34
N TRP H 66 5.88 -4.58 -14.02
CA TRP H 66 5.62 -5.99 -14.29
C TRP H 66 5.57 -6.30 -15.77
N GLU H 67 5.41 -5.27 -16.62
CA GLU H 67 5.36 -5.49 -18.06
C GLU H 67 6.74 -5.72 -18.66
N HIS H 68 7.79 -5.20 -18.01
CA HIS H 68 9.15 -5.35 -18.52
C HIS H 68 9.70 -6.75 -18.35
N ALA H 69 9.02 -7.60 -17.58
CA ALA H 69 9.52 -8.93 -17.27
C ALA H 69 9.34 -9.88 -18.45
N GLY H 70 10.26 -10.83 -18.57
CA GLY H 70 10.23 -11.80 -19.64
C GLY H 70 11.63 -12.19 -20.05
N ARG H 71 11.70 -13.07 -21.04
CA ARG H 71 12.98 -13.54 -21.56
C ARG H 71 13.43 -12.65 -22.71
N TYR H 72 14.69 -12.22 -22.65
CA TYR H 72 15.26 -11.33 -23.65
C TYR H 72 16.47 -11.98 -24.30
N ARG H 73 16.72 -11.61 -25.55
CA ARG H 73 17.93 -12.02 -26.26
C ARG H 73 18.44 -10.83 -27.06
N CYS H 74 19.70 -10.93 -27.50
CA CYS H 74 20.36 -9.84 -28.19
C CYS H 74 21.17 -10.39 -29.36
N TYR H 75 21.00 -9.78 -30.53
CA TYR H 75 21.81 -10.09 -31.70
C TYR H 75 22.24 -8.79 -32.35
N TYR H 76 23.22 -8.88 -33.23
CA TYR H 76 23.77 -7.68 -33.83
C TYR H 76 24.26 -7.96 -35.24
N GLY H 77 24.94 -6.95 -35.81
CA GLY H 77 25.74 -7.01 -37.00
C GLY H 77 25.09 -6.24 -38.14
N SER H 78 25.59 -5.03 -38.42
CA SER H 78 25.26 -4.34 -39.66
C SER H 78 26.41 -3.38 -39.98
N ASP H 79 27.28 -3.72 -40.93
CA ASP H 79 28.04 -2.64 -41.55
C ASP H 79 27.69 -2.45 -43.02
N THR H 80 27.77 -3.50 -43.83
CA THR H 80 26.64 -4.12 -44.50
C THR H 80 27.04 -5.60 -44.60
N ALA H 81 26.58 -6.41 -43.66
CA ALA H 81 26.77 -7.86 -43.76
C ALA H 81 26.05 -8.52 -42.60
N GLY H 82 25.79 -9.82 -42.78
CA GLY H 82 25.70 -10.76 -41.67
C GLY H 82 24.59 -10.59 -40.66
N ARG H 83 24.47 -11.57 -39.77
CA ARG H 83 23.63 -11.47 -38.60
C ARG H 83 24.06 -12.57 -37.62
N SER H 84 24.34 -12.19 -36.38
CA SER H 84 24.89 -13.17 -35.45
C SER H 84 23.78 -14.06 -34.89
N GLU H 85 24.20 -15.06 -34.11
CA GLU H 85 23.26 -15.83 -33.31
C GLU H 85 22.63 -14.93 -32.24
N SER H 86 21.45 -15.34 -31.77
CA SER H 86 20.83 -14.65 -30.66
C SER H 86 21.59 -14.97 -29.37
N SER H 87 21.70 -13.97 -28.50
CA SER H 87 22.43 -14.14 -27.26
C SER H 87 21.72 -15.15 -26.36
N ASP H 88 22.44 -15.59 -25.33
CA ASP H 88 21.85 -16.50 -24.35
C ASP H 88 20.62 -15.85 -23.72
N PRO H 89 19.59 -16.63 -23.40
CA PRO H 89 18.36 -16.02 -22.87
C PRO H 89 18.59 -15.42 -21.49
N LEU H 90 17.91 -14.31 -21.23
CA LEU H 90 17.98 -13.63 -19.94
C LEU H 90 16.57 -13.45 -19.41
N GLU H 91 16.27 -14.07 -18.28
CA GLU H 91 14.95 -14.00 -17.65
C GLU H 91 14.92 -12.80 -16.73
N LEU H 92 14.44 -11.66 -17.22
CA LEU H 92 14.28 -10.46 -16.42
C LEU H 92 13.03 -10.59 -15.57
N VAL H 93 13.21 -10.57 -14.25
CA VAL H 93 12.12 -10.86 -13.32
C VAL H 93 11.83 -9.63 -12.47
N VAL H 94 10.56 -9.50 -12.09
CA VAL H 94 10.10 -8.45 -11.18
C VAL H 94 9.51 -9.12 -9.94
N THR H 95 10.01 -8.74 -8.77
CA THR H 95 9.57 -9.33 -7.52
C THR H 95 8.68 -8.35 -6.76
N GLY H 96 8.03 -8.87 -5.72
CA GLY H 96 7.15 -8.07 -4.90
C GLY H 96 5.67 -8.17 -5.23
N ALA H 97 5.23 -9.27 -5.84
CA ALA H 97 3.83 -9.42 -6.26
C ALA H 97 2.97 -10.10 -5.22
N TYR H 98 3.52 -11.06 -4.48
CA TYR H 98 2.74 -11.87 -3.55
C TYR H 98 3.32 -11.81 -2.15
N ILE H 99 2.74 -12.60 -1.24
CA ILE H 99 3.20 -12.61 0.15
C ILE H 99 4.59 -13.24 0.23
N LYS H 100 5.26 -13.01 1.36
CA LYS H 100 6.65 -13.43 1.51
C LYS H 100 6.71 -14.86 2.01
N PRO H 101 7.40 -15.76 1.32
CA PRO H 101 7.53 -17.14 1.82
C PRO H 101 8.48 -17.22 3.01
N THR H 102 8.41 -18.36 3.70
CA THR H 102 9.26 -18.63 4.86
C THR H 102 10.27 -19.70 4.47
N LEU H 103 11.55 -19.30 4.38
CA LEU H 103 12.64 -20.20 4.08
C LEU H 103 13.32 -20.63 5.38
N SER H 104 13.49 -21.94 5.54
CA SER H 104 14.07 -22.50 6.76
C SER H 104 14.99 -23.65 6.40
N ALA H 105 16.02 -23.84 7.21
CA ALA H 105 17.04 -24.86 6.96
C ALA H 105 16.60 -26.21 7.51
N GLN H 106 17.09 -27.28 6.87
CA GLN H 106 16.78 -28.65 7.25
C GLN H 106 18.00 -29.52 7.01
N PRO H 107 18.33 -30.43 7.94
CA PRO H 107 17.66 -30.61 9.23
C PRO H 107 18.22 -29.69 10.30
N SER H 108 19.31 -28.99 9.97
CA SER H 108 19.97 -28.10 10.90
C SER H 108 20.72 -27.05 10.10
N PRO H 109 20.73 -25.79 10.56
CA PRO H 109 21.46 -24.74 9.81
C PRO H 109 22.97 -24.88 9.89
N VAL H 110 23.49 -25.67 10.81
CA VAL H 110 24.92 -25.85 10.99
C VAL H 110 25.25 -27.29 10.60
N VAL H 111 25.70 -27.48 9.37
CA VAL H 111 26.11 -28.78 8.88
C VAL H 111 27.62 -28.76 8.67
N ASN H 112 28.24 -29.92 8.85
CA ASN H 112 29.68 -30.03 8.69
C ASN H 112 30.06 -29.82 7.23
N SER H 113 31.26 -29.27 7.02
CA SER H 113 31.68 -28.89 5.68
C SER H 113 31.79 -30.11 4.78
N GLY H 114 31.49 -29.89 3.50
CA GLY H 114 31.61 -30.93 2.49
C GLY H 114 30.43 -31.87 2.40
N GLY H 115 29.30 -31.55 3.02
CA GLY H 115 28.15 -32.40 3.01
C GLY H 115 26.94 -31.76 2.33
N ASN H 116 25.85 -32.52 2.32
CA ASN H 116 24.58 -32.08 1.77
C ASN H 116 23.73 -31.42 2.85
N VAL H 117 22.76 -30.61 2.40
CA VAL H 117 21.83 -29.95 3.30
C VAL H 117 20.61 -29.55 2.49
N THR H 118 19.45 -29.49 3.16
CA THR H 118 18.17 -29.27 2.51
C THR H 118 17.56 -27.96 3.01
N LEU H 119 17.00 -27.19 2.08
CA LEU H 119 16.33 -25.94 2.39
C LEU H 119 14.86 -26.05 2.02
N GLN H 120 13.98 -25.67 2.94
CA GLN H 120 12.54 -25.74 2.73
C GLN H 120 11.99 -24.33 2.60
N CYS H 121 11.32 -24.07 1.47
CA CYS H 121 10.67 -22.79 1.21
C CYS H 121 9.15 -23.01 1.29
N ASP H 122 8.53 -22.44 2.31
CA ASP H 122 7.10 -22.65 2.57
C ASP H 122 6.31 -21.40 2.22
N SER H 123 5.06 -21.60 1.84
CA SER H 123 4.19 -20.51 1.41
C SER H 123 2.77 -20.78 1.90
N GLN H 124 2.08 -19.71 2.30
CA GLN H 124 0.66 -19.82 2.66
C GLN H 124 -0.23 -19.92 1.44
N VAL H 125 0.25 -19.53 0.27
CA VAL H 125 -0.51 -19.59 -0.98
C VAL H 125 0.02 -20.75 -1.80
N ALA H 126 -0.90 -21.56 -2.33
CA ALA H 126 -0.53 -22.75 -3.09
C ALA H 126 -0.08 -22.33 -4.48
N PHE H 127 1.22 -22.15 -4.64
CA PHE H 127 1.81 -21.86 -5.94
C PHE H 127 2.22 -23.16 -6.62
N ASP H 128 2.64 -23.04 -7.88
CA ASP H 128 3.14 -24.17 -8.65
C ASP H 128 4.59 -24.01 -9.05
N GLY H 129 5.27 -22.97 -8.56
CA GLY H 129 6.68 -22.77 -8.85
C GLY H 129 7.40 -22.04 -7.74
N PHE H 130 8.55 -22.59 -7.31
CA PHE H 130 9.35 -22.00 -6.26
C PHE H 130 10.79 -21.87 -6.73
N ILE H 131 11.45 -20.79 -6.29
CA ILE H 131 12.79 -20.45 -6.72
C ILE H 131 13.68 -20.31 -5.50
N LEU H 132 14.93 -20.77 -5.60
CA LEU H 132 15.93 -20.60 -4.56
C LEU H 132 17.10 -19.84 -5.17
N CYS H 133 17.22 -18.55 -4.85
CA CYS H 133 18.30 -17.71 -5.35
C CYS H 133 19.44 -17.68 -4.34
N LYS H 134 20.66 -17.90 -4.83
CA LYS H 134 21.86 -17.91 -4.00
C LYS H 134 22.45 -16.50 -4.03
N GLU H 135 22.18 -15.72 -2.99
CA GLU H 135 22.64 -14.34 -2.91
C GLU H 135 24.01 -14.25 -2.25
N CYS H 143 20.13 -18.86 -8.90
CA CYS H 143 18.71 -19.18 -8.76
C CYS H 143 18.39 -20.49 -9.48
N LEU H 144 17.52 -21.29 -8.87
CA LEU H 144 17.13 -22.57 -9.43
C LEU H 144 15.66 -22.85 -9.10
N ASN H 145 15.08 -23.77 -9.86
CA ASN H 145 13.67 -24.10 -9.73
C ASN H 145 13.49 -25.26 -8.73
N SER H 146 12.26 -25.69 -8.57
CA SER H 146 11.93 -26.78 -7.65
C SER H 146 12.00 -28.13 -8.36
N SER H 153 2.54 -28.71 -2.73
CA SER H 153 2.07 -27.59 -3.53
C SER H 153 2.48 -26.26 -2.91
N SER H 154 2.31 -26.16 -1.59
CA SER H 154 2.67 -24.97 -0.84
C SER H 154 4.02 -25.10 -0.15
N ARG H 155 4.83 -26.08 -0.58
CA ARG H 155 6.13 -26.34 0.03
C ARG H 155 7.09 -26.84 -1.05
N ALA H 156 8.34 -26.39 -0.97
CA ALA H 156 9.36 -26.78 -1.92
C ALA H 156 10.63 -27.18 -1.18
N ILE H 157 11.33 -28.18 -1.72
CA ILE H 157 12.51 -28.73 -1.10
C ILE H 157 13.69 -28.57 -2.06
N PHE H 158 14.81 -28.09 -1.54
CA PHE H 158 16.05 -27.93 -2.30
C PHE H 158 17.16 -28.72 -1.63
N SER H 159 18.09 -29.22 -2.43
CA SER H 159 19.22 -30.00 -1.93
C SER H 159 20.51 -29.48 -2.57
N VAL H 160 21.41 -28.97 -1.75
CA VAL H 160 22.69 -28.47 -2.23
C VAL H 160 23.83 -29.29 -1.63
N TRP H 169 27.86 -17.39 1.33
CA TRP H 169 26.79 -18.38 1.22
C TRP H 169 25.49 -17.88 1.85
N TRP H 170 24.82 -16.96 1.16
CA TRP H 170 23.52 -16.46 1.58
C TRP H 170 22.44 -16.99 0.63
N TYR H 171 21.21 -17.06 1.14
CA TYR H 171 20.13 -17.67 0.39
C TYR H 171 18.82 -16.94 0.61
N ARG H 172 17.98 -16.97 -0.42
CA ARG H 172 16.62 -16.46 -0.37
C ARG H 172 15.78 -17.32 -1.30
N CYS H 173 14.46 -17.32 -1.09
CA CYS H 173 13.57 -18.08 -1.95
C CYS H 173 12.36 -17.24 -2.32
N TYR H 174 11.98 -17.30 -3.59
CA TYR H 174 10.79 -16.63 -4.12
C TYR H 174 9.75 -17.68 -4.50
N ALA H 175 8.50 -17.21 -4.61
CA ALA H 175 7.38 -18.04 -5.02
C ALA H 175 6.69 -17.41 -6.22
N TYR H 176 6.23 -18.24 -7.15
CA TYR H 176 5.60 -17.72 -8.36
C TYR H 176 4.58 -18.72 -8.88
N ASP H 177 3.63 -18.21 -9.65
CA ASP H 177 2.67 -19.01 -10.39
C ASP H 177 3.14 -19.12 -11.84
N SER H 178 3.08 -20.34 -12.38
CA SER H 178 3.63 -20.59 -13.71
C SER H 178 2.84 -19.91 -14.83
N ASN H 179 1.72 -19.26 -14.53
CA ASN H 179 0.99 -18.52 -15.55
C ASN H 179 1.65 -17.17 -15.84
N SER H 180 2.34 -16.61 -14.85
CA SER H 180 3.17 -15.42 -15.02
C SER H 180 4.52 -15.68 -14.35
N PRO H 181 5.35 -16.52 -14.96
CA PRO H 181 6.56 -17.01 -14.28
C PRO H 181 7.62 -15.94 -14.04
N TYR H 182 7.40 -14.69 -14.44
CA TYR H 182 8.37 -13.63 -14.21
C TYR H 182 7.86 -12.58 -13.23
N GLU H 183 6.71 -12.82 -12.61
CA GLU H 183 6.25 -12.06 -11.45
C GLU H 183 6.43 -12.96 -10.24
N TRP H 184 7.34 -12.59 -9.34
CA TRP H 184 7.66 -13.41 -8.19
C TRP H 184 7.09 -12.78 -6.92
N SER H 185 7.05 -13.59 -5.87
CA SER H 185 6.58 -13.15 -4.56
C SER H 185 7.59 -12.19 -3.93
N LEU H 186 7.20 -11.64 -2.78
CA LEU H 186 8.13 -10.85 -2.00
C LEU H 186 9.29 -11.74 -1.54
N PRO H 187 10.49 -11.19 -1.42
CA PRO H 187 11.65 -12.03 -1.07
C PRO H 187 11.52 -12.59 0.34
N SER H 188 11.90 -13.86 0.48
CA SER H 188 11.89 -14.50 1.78
C SER H 188 12.97 -13.90 2.67
N ASP H 189 12.89 -14.20 3.97
CA ASP H 189 13.85 -13.70 4.92
C ASP H 189 15.25 -14.25 4.63
N LEU H 190 16.26 -13.43 4.91
CA LEU H 190 17.64 -13.77 4.59
C LEU H 190 18.08 -15.03 5.33
N LEU H 191 18.63 -15.98 4.57
CA LEU H 191 19.17 -17.22 5.12
C LEU H 191 20.67 -17.24 4.90
N GLU H 192 21.42 -17.58 5.94
CA GLU H 192 22.88 -17.60 5.90
C GLU H 192 23.38 -18.84 6.59
N LEU H 193 24.09 -19.69 5.85
CA LEU H 193 24.54 -20.98 6.37
C LEU H 193 25.90 -20.84 7.05
N LEU H 194 26.43 -21.98 7.50
CA LEU H 194 27.73 -22.01 8.17
C LEU H 194 28.63 -23.07 7.54
N VAL H 198 36.72 -26.48 9.77
CA VAL H 198 36.72 -27.61 10.69
C VAL H 198 38.06 -27.65 11.42
N SER H 199 38.29 -26.64 12.25
CA SER H 199 39.50 -26.50 13.05
C SER H 199 39.27 -27.17 14.42
N LYS H 200 40.22 -26.96 15.33
CA LYS H 200 40.08 -27.51 16.68
C LYS H 200 38.79 -27.02 17.33
N LYS H 201 38.10 -27.93 18.01
CA LYS H 201 36.78 -27.63 18.55
C LYS H 201 36.90 -26.75 19.79
N PRO H 202 36.15 -25.65 19.87
CA PRO H 202 36.27 -24.73 21.01
C PRO H 202 35.61 -25.29 22.26
N SER H 203 35.64 -24.47 23.32
CA SER H 203 35.03 -24.79 24.60
C SER H 203 33.95 -23.76 24.91
N LEU H 204 32.77 -24.23 25.28
CA LEU H 204 31.66 -23.36 25.66
C LEU H 204 31.29 -23.66 27.10
N SER H 205 31.28 -22.64 27.95
CA SER H 205 30.86 -22.78 29.33
C SER H 205 29.79 -21.75 29.64
N VAL H 206 28.93 -22.09 30.60
CA VAL H 206 27.84 -21.22 31.03
C VAL H 206 28.04 -20.88 32.49
N GLN H 207 27.88 -19.60 32.83
CA GLN H 207 27.95 -19.12 34.20
C GLN H 207 26.72 -18.29 34.51
N PRO H 208 26.09 -18.50 35.68
CA PRO H 208 26.55 -19.41 36.74
C PRO H 208 26.22 -20.88 36.49
N GLY H 209 25.09 -21.17 35.86
CA GLY H 209 24.67 -22.54 35.65
C GLY H 209 23.68 -22.71 34.53
N PRO H 210 23.56 -23.94 34.01
CA PRO H 210 22.59 -24.18 32.92
C PRO H 210 21.14 -24.04 33.35
N ILE H 211 20.83 -24.10 34.63
CA ILE H 211 19.48 -23.91 35.13
C ILE H 211 19.28 -22.44 35.44
N VAL H 212 18.19 -21.87 34.91
CA VAL H 212 17.96 -20.43 35.00
C VAL H 212 16.46 -20.18 35.09
N ALA H 213 16.07 -19.35 36.06
CA ALA H 213 14.67 -19.00 36.26
C ALA H 213 14.24 -17.94 35.25
N PRO H 214 12.94 -17.72 35.09
CA PRO H 214 12.48 -16.64 34.19
C PRO H 214 13.01 -15.29 34.62
N GLU H 215 13.18 -14.41 33.63
CA GLU H 215 13.63 -13.02 33.76
C GLU H 215 15.08 -12.93 34.23
N GLU H 216 15.79 -14.04 34.37
CA GLU H 216 17.16 -14.08 34.84
C GLU H 216 18.12 -13.83 33.67
N THR H 217 19.42 -14.02 33.92
CA THR H 217 20.45 -13.76 32.93
C THR H 217 21.68 -14.61 33.24
N LEU H 218 22.32 -15.10 32.19
CA LEU H 218 23.56 -15.87 32.32
C LEU H 218 24.48 -15.56 31.15
N THR H 219 25.76 -15.83 31.34
CA THR H 219 26.78 -15.61 30.33
C THR H 219 27.28 -16.94 29.78
N LEU H 220 27.68 -16.93 28.52
CA LEU H 220 28.23 -18.10 27.84
C LEU H 220 29.65 -17.80 27.39
N GLN H 221 30.63 -18.22 28.19
CA GLN H 221 32.03 -18.10 27.78
C GLN H 221 32.33 -19.06 26.64
N CYS H 222 32.96 -18.55 25.59
CA CYS H 222 33.33 -19.34 24.42
C CYS H 222 34.81 -19.12 24.11
N GLY H 223 35.64 -20.12 24.41
CA GLY H 223 37.07 -19.98 24.29
C GLY H 223 37.71 -21.23 23.74
N SER H 224 38.88 -21.04 23.13
CA SER H 224 39.61 -22.15 22.53
C SER H 224 41.05 -21.73 22.29
N ASP H 225 41.93 -22.73 22.25
CA ASP H 225 43.37 -22.53 22.20
C ASP H 225 43.91 -22.36 20.79
N ALA H 226 43.12 -22.67 19.76
CA ALA H 226 43.61 -22.64 18.38
C ALA H 226 43.67 -21.24 17.79
N GLY H 227 43.53 -20.22 18.62
CA GLY H 227 43.68 -18.85 18.16
C GLY H 227 42.55 -18.33 17.29
N TYR H 228 41.35 -18.28 17.85
CA TYR H 228 40.20 -17.70 17.16
C TYR H 228 39.95 -16.29 17.69
N ASN H 229 39.36 -15.44 16.86
CA ASN H 229 39.08 -14.07 17.27
C ASN H 229 37.61 -13.71 17.20
N ARG H 230 36.87 -14.15 16.18
CA ARG H 230 35.47 -13.80 16.02
C ARG H 230 34.62 -15.00 16.40
N PHE H 231 33.77 -14.81 17.41
CA PHE H 231 32.99 -15.89 17.99
C PHE H 231 31.52 -15.77 17.61
N VAL H 232 30.84 -16.92 17.59
CA VAL H 232 29.42 -16.99 17.27
C VAL H 232 28.80 -18.09 18.12
N LEU H 233 27.49 -18.02 18.29
CA LEU H 233 26.76 -18.98 19.12
C LEU H 233 25.48 -19.37 18.40
N TYR H 234 25.23 -20.68 18.31
CA TYR H 234 24.05 -21.20 17.64
C TYR H 234 23.39 -22.25 18.51
N LYS H 235 22.06 -22.17 18.62
CA LYS H 235 21.26 -23.16 19.31
C LYS H 235 20.57 -24.05 18.29
N ASP H 236 20.60 -25.35 18.53
CA ASP H 236 20.04 -26.30 17.58
C ASP H 236 18.53 -26.10 17.44
N GLY H 237 18.05 -26.05 16.21
CA GLY H 237 16.65 -25.82 15.94
C GLY H 237 16.29 -24.35 15.97
N GLU H 238 17.02 -23.52 15.23
CA GLU H 238 16.79 -22.09 15.19
C GLU H 238 17.55 -21.52 14.00
N ARG H 239 17.05 -20.40 13.47
CA ARG H 239 17.60 -19.89 12.21
C ARG H 239 18.88 -19.10 12.44
N ASP H 240 18.82 -18.02 13.22
CA ASP H 240 19.88 -17.02 13.20
C ASP H 240 20.87 -17.22 14.34
N PHE H 241 21.98 -16.49 14.24
CA PHE H 241 22.98 -16.46 15.30
C PHE H 241 22.46 -15.66 16.49
N LEU H 242 23.22 -15.67 17.58
CA LEU H 242 22.79 -15.06 18.83
C LEU H 242 23.62 -13.85 19.22
N GLN H 243 24.94 -13.94 19.17
CA GLN H 243 25.81 -12.80 19.47
C GLN H 243 27.06 -12.87 18.60
N LEU H 244 28.00 -11.98 18.86
CA LEU H 244 29.27 -11.87 18.15
C LEU H 244 30.19 -10.95 18.95
N ALA H 245 31.48 -11.28 18.98
CA ALA H 245 32.44 -10.50 19.75
C ALA H 245 33.84 -10.75 19.21
N GLY H 246 34.85 -10.26 19.92
CA GLY H 246 36.22 -10.40 19.50
C GLY H 246 37.16 -10.44 20.69
N ALA H 247 38.28 -11.12 20.52
CA ALA H 247 39.27 -11.28 21.57
C ALA H 247 40.66 -11.29 20.95
N GLN H 248 41.66 -11.65 21.76
CA GLN H 248 43.06 -11.67 21.31
C GLN H 248 43.83 -12.75 22.05
N PRO H 249 43.95 -13.93 21.46
CA PRO H 249 44.86 -14.94 22.02
C PRO H 249 46.25 -14.84 21.40
N GLN H 250 47.26 -15.23 22.18
CA GLN H 250 48.61 -15.35 21.63
C GLN H 250 49.14 -16.78 21.59
N ALA H 251 49.13 -17.48 22.72
CA ALA H 251 49.39 -18.92 22.73
C ALA H 251 48.41 -19.72 23.57
N GLY H 252 47.61 -19.06 24.40
CA GLY H 252 46.64 -19.75 25.23
C GLY H 252 45.32 -19.86 24.52
N LEU H 253 44.26 -19.34 25.14
CA LEU H 253 42.96 -19.34 24.51
C LEU H 253 42.42 -17.91 24.41
N SER H 254 41.39 -17.77 23.59
CA SER H 254 40.60 -16.56 23.45
C SER H 254 39.30 -16.76 24.22
N GLN H 255 38.39 -15.80 24.12
CA GLN H 255 37.13 -15.91 24.85
C GLN H 255 36.17 -14.81 24.40
N ALA H 256 34.88 -15.13 24.46
CA ALA H 256 33.81 -14.16 24.24
C ALA H 256 32.65 -14.54 25.15
N ASN H 257 32.10 -13.55 25.86
CA ASN H 257 31.00 -13.78 26.77
C ASN H 257 29.68 -13.53 26.04
N PHE H 258 28.86 -14.57 25.95
CA PHE H 258 27.56 -14.50 25.27
C PHE H 258 26.49 -14.34 26.34
N THR H 259 26.20 -13.09 26.69
CA THR H 259 25.23 -12.79 27.74
C THR H 259 23.82 -12.97 27.19
N LEU H 260 23.21 -14.12 27.52
CA LEU H 260 21.80 -14.35 27.25
C LEU H 260 20.99 -13.71 28.37
N GLY H 261 20.29 -12.62 28.06
CA GLY H 261 19.69 -11.79 29.08
C GLY H 261 18.34 -12.32 29.51
N PRO H 262 17.32 -11.44 29.60
CA PRO H 262 16.01 -11.88 30.09
C PRO H 262 15.50 -13.12 29.36
N VAL H 263 15.34 -14.20 30.10
CA VAL H 263 15.02 -15.49 29.52
C VAL H 263 13.50 -15.66 29.40
N SER H 264 13.10 -16.59 28.55
CA SER H 264 11.69 -16.92 28.36
C SER H 264 11.59 -18.43 28.14
N ARG H 265 10.38 -18.89 27.84
CA ARG H 265 10.14 -20.32 27.70
C ARG H 265 10.94 -20.93 26.55
N SER H 266 11.13 -20.18 25.47
CA SER H 266 11.74 -20.70 24.25
C SER H 266 13.26 -20.74 24.31
N TYR H 267 13.88 -20.30 25.40
CA TYR H 267 15.34 -20.22 25.46
C TYR H 267 16.01 -21.56 25.72
N GLY H 268 15.26 -22.58 26.12
CA GLY H 268 15.87 -23.86 26.42
C GLY H 268 16.28 -24.62 25.18
N GLY H 269 17.36 -25.37 25.30
CA GLY H 269 17.87 -26.15 24.19
C GLY H 269 19.37 -26.33 24.30
N GLN H 270 19.92 -27.03 23.30
CA GLN H 270 21.35 -27.22 23.19
C GLN H 270 22.01 -26.02 22.54
N TYR H 271 23.17 -25.62 23.06
CA TYR H 271 23.89 -24.46 22.56
C TYR H 271 25.33 -24.84 22.27
N ARG H 272 25.84 -24.37 21.13
CA ARG H 272 27.23 -24.59 20.74
C ARG H 272 27.78 -23.31 20.13
N CYS H 273 29.08 -23.10 20.30
CA CYS H 273 29.72 -21.87 19.89
C CYS H 273 30.89 -22.18 18.96
N TYR H 274 31.21 -21.22 18.09
CA TYR H 274 32.21 -21.39 17.06
C TYR H 274 33.11 -20.14 17.03
N GLY H 275 34.23 -20.26 16.33
CA GLY H 275 35.19 -19.18 16.26
C GLY H 275 35.88 -19.13 14.92
N ALA H 276 36.50 -17.99 14.64
CA ALA H 276 37.22 -17.77 13.40
C ALA H 276 38.44 -16.91 13.66
N HIS H 277 39.29 -16.79 12.66
CA HIS H 277 40.55 -16.08 12.78
C HIS H 277 40.41 -14.63 12.31
N ASN H 278 41.54 -13.91 12.33
CA ASN H 278 41.54 -12.48 12.03
C ASN H 278 41.17 -12.23 10.56
N LEU H 279 41.93 -12.82 9.65
CA LEU H 279 41.72 -12.58 8.22
C LEU H 279 40.84 -13.62 7.56
N SER H 280 40.97 -14.89 7.94
CA SER H 280 40.23 -15.96 7.29
C SER H 280 38.74 -15.87 7.61
N SER H 281 37.92 -16.42 6.71
CA SER H 281 36.47 -16.46 6.88
C SER H 281 35.97 -17.90 7.06
N GLU H 282 36.82 -18.78 7.60
CA GLU H 282 36.48 -20.17 7.80
C GLU H 282 36.17 -20.42 9.27
N TRP H 283 35.16 -21.26 9.52
CA TRP H 283 34.72 -21.52 10.88
C TRP H 283 35.38 -22.78 11.44
N SER H 284 35.21 -22.97 12.75
CA SER H 284 35.81 -24.06 13.49
C SER H 284 34.87 -25.27 13.52
N ALA H 285 35.24 -26.28 14.32
CA ALA H 285 34.43 -27.47 14.52
C ALA H 285 33.37 -27.23 15.59
N PRO H 286 32.31 -28.03 15.59
CA PRO H 286 31.27 -27.86 16.62
C PRO H 286 31.81 -28.06 18.02
N SER H 287 31.36 -27.20 18.94
CA SER H 287 31.66 -27.38 20.35
C SER H 287 30.94 -28.61 20.89
N ASP H 288 31.26 -28.96 22.13
CA ASP H 288 30.48 -30.03 22.75
C ASP H 288 29.16 -29.47 23.26
N PRO H 289 28.10 -30.29 23.27
CA PRO H 289 26.77 -29.76 23.60
C PRO H 289 26.72 -29.13 24.98
N LEU H 290 26.13 -27.94 25.05
CA LEU H 290 25.85 -27.27 26.31
C LEU H 290 24.35 -27.30 26.53
N ASP H 291 23.89 -28.29 27.29
CA ASP H 291 22.47 -28.47 27.54
C ASP H 291 22.00 -27.39 28.51
N ILE H 292 21.21 -26.43 28.01
CA ILE H 292 20.65 -25.38 28.83
C ILE H 292 19.17 -25.69 29.04
N LEU H 293 18.74 -25.85 30.29
CA LEU H 293 17.32 -26.06 30.62
C LEU H 293 16.77 -24.87 31.38
N ILE H 294 15.52 -24.90 31.83
CA ILE H 294 14.91 -23.78 32.61
C ILE H 294 13.82 -24.10 33.68
N ALA H 295 13.42 -23.11 34.50
CA ALA H 295 12.42 -23.35 35.55
C ALA H 295 11.13 -22.56 35.54
N GLY H 296 10.24 -22.90 36.45
CA GLY H 296 8.93 -22.27 36.55
C GLY H 296 8.08 -22.35 35.29
N GLN H 297 8.06 -23.52 34.65
CA GLN H 297 7.21 -23.74 33.49
C GLN H 297 6.24 -24.90 33.66
N PHE H 298 6.11 -25.44 34.88
CA PHE H 298 5.18 -26.50 35.19
C PHE H 298 4.34 -26.11 36.39
N TYR H 299 3.08 -26.53 36.39
CA TYR H 299 2.20 -26.25 37.54
C TYR H 299 2.51 -27.19 38.69
N ASP H 300 2.54 -28.49 38.43
CA ASP H 300 2.82 -29.47 39.47
C ASP H 300 4.25 -29.29 40.01
N ARG H 301 4.37 -29.12 41.31
CA ARG H 301 5.65 -28.91 41.97
C ARG H 301 6.16 -30.23 42.55
N VAL H 302 7.40 -30.20 43.05
CA VAL H 302 8.08 -31.39 43.53
C VAL H 302 8.45 -31.23 44.99
N SER H 303 8.71 -32.37 45.64
CA SER H 303 9.14 -32.42 47.03
C SER H 303 10.41 -33.24 47.12
N LEU H 304 11.43 -32.67 47.78
CA LEU H 304 12.74 -33.31 47.95
C LEU H 304 12.88 -33.72 49.41
N SER H 305 12.86 -35.03 49.67
CA SER H 305 13.00 -35.56 51.02
C SER H 305 14.07 -36.65 51.03
N VAL H 306 14.22 -37.30 52.19
CA VAL H 306 15.21 -38.35 52.37
C VAL H 306 14.59 -39.48 53.19
N GLN H 307 15.23 -40.65 53.15
CA GLN H 307 14.73 -41.82 53.85
C GLN H 307 14.97 -41.72 55.36
N PRO H 308 16.22 -41.46 55.82
CA PRO H 308 16.38 -41.42 57.28
C PRO H 308 15.79 -40.16 57.90
N GLY H 315 29.77 -42.46 58.72
CA GLY H 315 29.09 -41.94 57.55
C GLY H 315 27.62 -42.31 57.51
N GLU H 316 26.93 -41.88 56.46
CA GLU H 316 25.51 -42.16 56.28
C GLU H 316 25.28 -42.54 54.82
N ASN H 317 24.79 -43.76 54.60
CA ASN H 317 24.43 -44.20 53.25
C ASN H 317 23.05 -43.67 52.89
N VAL H 318 23.00 -42.37 52.60
CA VAL H 318 21.74 -41.70 52.32
C VAL H 318 21.37 -41.89 50.86
N THR H 319 20.06 -41.90 50.59
CA THR H 319 19.52 -41.87 49.24
C THR H 319 18.28 -40.96 49.27
N LEU H 320 18.47 -39.69 48.93
CA LEU H 320 17.35 -38.76 48.96
C LEU H 320 16.46 -38.97 47.74
N LEU H 321 15.16 -38.79 47.94
CA LEU H 321 14.17 -39.03 46.91
C LEU H 321 13.51 -37.73 46.48
N CYS H 322 13.27 -37.59 45.18
CA CYS H 322 12.57 -36.46 44.60
C CYS H 322 11.28 -36.96 43.96
N GLN H 323 10.14 -36.52 44.47
CA GLN H 323 8.85 -36.99 43.99
C GLN H 323 7.94 -35.81 43.70
N SER H 324 6.77 -36.12 43.14
CA SER H 324 5.76 -35.15 42.76
C SER H 324 4.49 -35.90 42.39
N GLN H 325 3.36 -35.23 42.52
CA GLN H 325 2.08 -35.87 42.21
C GLN H 325 1.85 -35.96 40.71
N GLY H 326 1.96 -34.84 40.00
CA GLY H 326 1.76 -34.85 38.56
C GLY H 326 2.80 -35.70 37.85
N TRP H 327 2.48 -36.04 36.60
CA TRP H 327 3.34 -36.90 35.80
C TRP H 327 4.58 -36.14 35.36
N MET H 328 5.74 -36.54 35.86
CA MET H 328 7.02 -36.04 35.42
C MET H 328 7.80 -37.21 34.82
N GLN H 329 8.25 -37.07 33.58
CA GLN H 329 8.88 -38.19 32.89
C GLN H 329 10.29 -38.44 33.40
N THR H 330 11.02 -37.38 33.73
CA THR H 330 12.38 -37.50 34.24
C THR H 330 12.58 -36.52 35.37
N PHE H 331 13.46 -36.88 36.31
CA PHE H 331 13.78 -36.05 37.46
C PHE H 331 15.24 -35.65 37.43
N LEU H 332 15.50 -34.45 37.94
CA LEU H 332 16.85 -33.90 38.00
C LEU H 332 17.30 -33.78 39.45
N LEU H 333 18.62 -33.76 39.62
CA LEU H 333 19.23 -33.53 40.94
C LEU H 333 20.48 -32.69 40.72
N THR H 334 20.42 -31.44 41.15
CA THR H 334 21.56 -30.54 41.06
C THR H 334 21.88 -29.99 42.44
N LYS H 335 23.17 -29.83 42.71
CA LYS H 335 23.66 -29.27 43.94
C LYS H 335 23.91 -27.78 43.77
N GLU H 336 23.66 -27.02 44.84
CA GLU H 336 24.03 -25.61 44.86
C GLU H 336 25.54 -25.53 45.11
N GLY H 337 26.29 -26.02 44.13
CA GLY H 337 27.73 -25.82 44.13
C GLY H 337 28.19 -25.18 42.84
N ALA H 338 29.43 -25.51 42.47
CA ALA H 338 30.10 -24.77 41.40
C ALA H 338 29.41 -24.87 40.04
N ALA H 339 29.30 -26.08 39.49
CA ALA H 339 29.02 -26.18 38.05
C ALA H 339 28.69 -27.60 37.62
N ASP H 340 28.48 -27.73 36.30
CA ASP H 340 28.90 -28.75 35.34
C ASP H 340 28.16 -30.08 35.31
N ASP H 341 27.16 -30.31 36.17
CA ASP H 341 26.34 -31.50 35.91
C ASP H 341 25.02 -31.48 36.64
N PRO H 342 23.91 -31.74 35.95
CA PRO H 342 22.71 -32.24 36.61
C PRO H 342 22.74 -33.77 36.60
N TRP H 343 21.77 -34.36 37.30
CA TRP H 343 21.61 -35.80 37.33
C TRP H 343 20.21 -36.15 36.86
N ARG H 344 20.11 -36.80 35.70
CA ARG H 344 18.84 -37.17 35.10
C ARG H 344 18.55 -38.64 35.41
N LEU H 345 17.43 -38.88 36.09
CA LEU H 345 16.97 -40.23 36.39
C LEU H 345 15.57 -40.43 35.83
N ARG H 346 15.34 -41.59 35.22
CA ARG H 346 14.00 -41.93 34.75
C ARG H 346 13.02 -41.98 35.91
N SER H 347 11.79 -41.56 35.66
CA SER H 347 10.75 -41.61 36.67
C SER H 347 10.26 -43.03 36.88
N THR H 348 9.75 -43.30 38.08
CA THR H 348 9.17 -44.58 38.43
C THR H 348 7.94 -44.36 39.30
N TYR H 349 6.98 -45.26 39.18
CA TYR H 349 5.69 -45.11 39.83
C TYR H 349 5.73 -45.78 41.20
N GLN H 350 5.32 -45.04 42.23
CA GLN H 350 5.31 -45.55 43.59
C GLN H 350 4.42 -44.67 44.45
N SER H 351 3.61 -45.30 45.30
CA SER H 351 2.66 -44.60 46.17
C SER H 351 1.74 -43.69 45.37
N GLN H 352 1.38 -44.12 44.15
CA GLN H 352 0.55 -43.37 43.22
C GLN H 352 1.15 -42.00 42.89
N LYS H 353 2.46 -41.84 43.10
CA LYS H 353 3.17 -40.63 42.74
C LYS H 353 4.40 -41.00 41.92
N TYR H 354 4.95 -40.00 41.23
CA TYR H 354 6.10 -40.21 40.36
C TYR H 354 7.36 -39.73 41.07
N GLN H 355 8.35 -40.61 41.18
CA GLN H 355 9.53 -40.37 42.00
C GLN H 355 10.75 -40.98 41.34
N ALA H 356 11.90 -40.80 41.99
CA ALA H 356 13.15 -41.45 41.62
C ALA H 356 14.14 -41.26 42.77
N GLU H 357 14.87 -42.33 43.10
CA GLU H 357 15.80 -42.32 44.22
C GLU H 357 17.23 -42.09 43.71
N PHE H 358 17.90 -41.10 44.28
CA PHE H 358 19.27 -40.74 43.90
C PHE H 358 20.23 -41.14 45.01
N PRO H 359 20.91 -42.28 44.90
CA PRO H 359 21.86 -42.67 45.95
C PRO H 359 23.08 -41.76 45.98
N MET H 360 23.48 -41.38 47.19
CA MET H 360 24.69 -40.62 47.41
C MET H 360 25.87 -41.47 47.85
N GLY H 361 25.63 -42.73 48.25
CA GLY H 361 26.63 -43.54 48.88
C GLY H 361 26.94 -43.00 50.27
N PRO H 362 28.11 -43.35 50.81
CA PRO H 362 28.53 -42.78 52.09
C PRO H 362 28.79 -41.29 51.93
N VAL H 363 28.10 -40.47 52.73
CA VAL H 363 28.28 -39.03 52.65
C VAL H 363 29.63 -38.68 53.28
N THR H 364 30.56 -38.24 52.44
CA THR H 364 31.88 -37.83 52.90
C THR H 364 31.84 -36.33 53.21
N SER H 365 33.02 -35.75 53.46
CA SER H 365 33.07 -34.33 53.78
C SER H 365 32.79 -33.46 52.57
N ALA H 366 32.94 -33.98 51.35
CA ALA H 366 32.83 -33.15 50.17
C ALA H 366 31.40 -32.84 49.76
N HIS H 367 30.39 -33.60 50.20
CA HIS H 367 29.06 -33.30 49.66
C HIS H 367 28.50 -32.02 50.26
N ALA H 368 28.34 -31.98 51.58
CA ALA H 368 28.41 -30.76 52.40
C ALA H 368 27.61 -29.60 51.80
N GLY H 369 26.48 -29.88 51.16
CA GLY H 369 25.84 -28.87 50.33
C GLY H 369 24.34 -28.77 50.51
N THR H 370 23.79 -27.77 49.82
CA THR H 370 22.36 -27.62 49.62
C THR H 370 21.98 -28.23 48.28
N TYR H 371 21.09 -29.22 48.31
CA TYR H 371 20.66 -29.91 47.11
C TYR H 371 19.29 -29.40 46.63
N ARG H 372 19.08 -29.52 45.33
CA ARG H 372 17.81 -29.17 44.71
C ARG H 372 17.48 -30.19 43.64
N CYS H 373 16.19 -30.49 43.48
CA CYS H 373 15.73 -31.46 42.51
C CYS H 373 14.63 -30.87 41.65
N TYR H 374 14.47 -31.41 40.45
CA TYR H 374 13.54 -30.88 39.46
C TYR H 374 12.73 -32.01 38.85
N GLY H 375 11.56 -31.63 38.33
CA GLY H 375 10.71 -32.52 37.55
C GLY H 375 10.74 -32.11 36.10
N SER H 376 10.64 -33.09 35.20
CA SER H 376 10.77 -32.82 33.77
C SER H 376 9.87 -33.77 32.99
N GLN H 377 9.43 -33.29 31.82
CA GLN H 377 8.64 -34.07 30.89
C GLN H 377 9.36 -34.14 29.56
N SER H 378 9.30 -35.31 28.92
CA SER H 378 10.00 -35.52 27.66
C SER H 378 9.36 -34.74 26.52
N SER H 379 8.07 -34.46 26.60
CA SER H 379 7.39 -33.70 25.56
C SER H 379 7.90 -32.26 25.51
N LYS H 380 8.26 -31.70 26.67
CA LYS H 380 8.86 -30.37 26.76
C LYS H 380 10.20 -30.56 27.47
N PRO H 381 11.23 -31.02 26.75
CA PRO H 381 12.46 -31.50 27.42
C PRO H 381 13.19 -30.41 28.20
N TYR H 382 13.45 -29.27 27.58
CA TYR H 382 14.33 -28.25 28.14
C TYR H 382 13.63 -27.35 29.15
N LEU H 383 12.46 -27.75 29.62
CA LEU H 383 11.69 -27.00 30.61
C LEU H 383 11.57 -27.84 31.88
N LEU H 384 11.63 -27.17 33.03
CA LEU H 384 11.56 -27.81 34.32
C LEU H 384 10.50 -27.14 35.19
N THR H 385 10.09 -27.83 36.24
CA THR H 385 9.16 -27.29 37.21
C THR H 385 9.88 -26.31 38.13
N HIS H 386 9.13 -25.71 39.05
CA HIS H 386 9.70 -24.74 39.97
C HIS H 386 10.80 -25.39 40.81
N PRO H 387 11.77 -24.60 41.27
CA PRO H 387 12.86 -25.17 42.07
C PRO H 387 12.33 -25.77 43.36
N SER H 388 13.01 -26.81 43.84
CA SER H 388 12.61 -27.47 45.07
C SER H 388 13.04 -26.66 46.27
N ASP H 389 12.53 -27.05 47.44
CA ASP H 389 12.97 -26.42 48.68
C ASP H 389 14.34 -26.97 49.08
N PRO H 390 15.17 -26.14 49.71
CA PRO H 390 16.52 -26.58 50.05
C PRO H 390 16.51 -27.67 51.11
N LEU H 391 17.41 -28.64 50.93
CA LEU H 391 17.62 -29.72 51.90
C LEU H 391 19.10 -29.75 52.23
N GLU H 392 19.46 -29.19 53.38
CA GLU H 392 20.85 -29.15 53.80
C GLU H 392 21.33 -30.56 54.15
N LEU H 393 22.45 -30.96 53.54
CA LEU H 393 23.00 -32.31 53.71
C LEU H 393 24.43 -32.16 54.22
N HIS H 394 24.62 -32.43 55.51
CA HIS H 394 25.92 -32.35 56.14
C HIS H 394 26.10 -33.52 57.10
N HIS H 395 27.34 -33.95 57.25
CA HIS H 395 27.66 -35.07 58.14
C HIS H 395 28.34 -34.57 59.42
#